data_1QU4
#
_entry.id   1QU4
#
_cell.length_a   66.8
_cell.length_b   151.7
_cell.length_c   85.35
_cell.angle_alpha   90
_cell.angle_beta   102.3
_cell.angle_gamma   90
#
_symmetry.space_group_name_H-M   'P 1 21 1'
#
loop_
_entity.id
_entity.type
_entity.pdbx_description
1 polymer 'ORNITHINE DECARBOXYLASE'
2 non-polymer "PYRIDOXAL-5'-PHOSPHATE"
#
_entity_poly.entity_id   1
_entity_poly.type   'polypeptide(L)'
_entity_poly.pdbx_seq_one_letter_code
;GAMDIVVNDDLSCRFLEGFNTRDALCKKISMNTCDEGDPFFVADLGDIVRKHETWKKCLPRVTPFYAVKCNDDWRVLGTL
AALGTGFDCASNTEIQRVRGIGVPPEKIIYANPCKQISHIRYARDSGVDVMTFDCVDELEKVAKTHPKAKMVLRISTDDS
LARCRLSVKFGAKVEDCRFILEQAKKLNIDVTGVSFHVGSGSTDASTFAQAISDSRFVFDMGTELGFNMHILDIGGGFPG
TRDAPLKFEEIAGVINNALEKHFPPDLKLTIVAEPGRYYVASAFTLAVNVIAKKVTPGVQTDVGAHAESNAQSFMYYVND
GVYGSFNCILYDHAVVRPLPQREPIPNEKLYPSSVWGPTCDGLDQIVERYYLPEMQVGEWLLFEDMGAYTVVGTSSFNGF
QSPTIYYVVSGLPDHVVRELKSQKS
;
_entity_poly.pdbx_strand_id   A,B,C,D
#
# COMPACT_ATOMS: atom_id res chain seq x y z
N ASP A 35 32.49 31.48 -14.38
CA ASP A 35 31.64 31.93 -15.48
C ASP A 35 30.34 31.13 -15.55
N GLU A 36 29.84 30.92 -16.75
CA GLU A 36 28.55 30.29 -16.96
C GLU A 36 27.50 30.93 -16.07
N GLY A 37 27.14 32.20 -16.32
CA GLY A 37 25.98 32.85 -15.75
C GLY A 37 24.66 32.11 -16.04
N ASP A 38 24.44 31.00 -15.31
CA ASP A 38 23.26 30.21 -15.53
C ASP A 38 22.06 30.94 -14.97
N PRO A 39 20.89 30.58 -15.48
CA PRO A 39 19.66 31.25 -15.05
C PRO A 39 19.33 30.62 -13.72
N PHE A 40 18.60 31.32 -12.86
CA PHE A 40 18.20 30.60 -11.61
C PHE A 40 16.94 31.32 -11.05
N PHE A 41 16.18 30.57 -10.29
CA PHE A 41 15.02 31.12 -9.62
C PHE A 41 15.42 31.38 -8.17
N VAL A 42 15.01 32.55 -7.68
CA VAL A 42 14.86 32.61 -6.21
C VAL A 42 13.41 32.32 -5.84
N ALA A 43 13.17 31.34 -4.99
CA ALA A 43 11.84 31.04 -4.45
C ALA A 43 11.67 31.49 -3.00
N ASP A 44 10.66 32.32 -2.74
CA ASP A 44 10.43 32.75 -1.36
C ASP A 44 9.31 32.02 -0.64
N LEU A 45 9.75 30.98 0.10
CA LEU A 45 8.78 30.16 0.81
C LEU A 45 7.92 30.98 1.76
N GLY A 46 8.33 32.12 2.26
CA GLY A 46 7.48 32.90 3.18
C GLY A 46 6.29 33.46 2.42
N ASP A 47 6.46 33.78 1.14
CA ASP A 47 5.33 34.21 0.32
C ASP A 47 4.22 33.14 0.30
N ILE A 48 4.66 31.86 0.29
CA ILE A 48 3.68 30.80 0.41
C ILE A 48 2.98 30.96 1.77
N VAL A 49 3.73 31.18 2.86
CA VAL A 49 3.03 31.25 4.17
C VAL A 49 2.06 32.41 4.21
N ARG A 50 2.45 33.64 3.90
CA ARG A 50 1.55 34.76 3.75
C ARG A 50 0.29 34.38 2.97
N LYS A 51 0.43 33.71 1.81
CA LYS A 51 -0.74 33.38 0.98
C LYS A 51 -1.73 32.52 1.76
N HIS A 52 -1.22 31.51 2.43
CA HIS A 52 -2.01 30.70 3.32
C HIS A 52 -2.72 31.47 4.45
N GLU A 53 -1.95 32.32 5.12
CA GLU A 53 -2.62 33.24 6.06
C GLU A 53 -3.78 33.96 5.39
N THR A 54 -3.67 34.56 4.21
CA THR A 54 -4.82 35.25 3.65
C THR A 54 -5.99 34.31 3.32
N TRP A 55 -5.63 33.13 2.77
CA TRP A 55 -6.67 32.18 2.45
C TRP A 55 -7.57 31.92 3.66
N LYS A 56 -6.95 31.37 4.70
CA LYS A 56 -7.60 31.27 5.98
C LYS A 56 -8.39 32.49 6.39
N LYS A 57 -7.94 33.73 6.28
CA LYS A 57 -8.76 34.87 6.68
C LYS A 57 -9.91 35.11 5.73
N CYS A 58 -9.78 34.94 4.42
CA CYS A 58 -10.86 35.30 3.50
C CYS A 58 -11.72 34.07 3.16
N LEU A 59 -11.24 32.86 3.41
CA LEU A 59 -12.08 31.71 3.02
C LEU A 59 -12.00 30.64 4.10
N PRO A 60 -12.51 31.02 5.27
CA PRO A 60 -12.32 30.16 6.46
C PRO A 60 -13.18 28.94 6.36
N ARG A 61 -14.27 28.90 5.58
CA ARG A 61 -15.04 27.63 5.55
C ARG A 61 -14.37 26.64 4.61
N VAL A 62 -13.30 27.00 3.89
CA VAL A 62 -12.82 26.25 2.77
C VAL A 62 -11.41 25.67 2.93
N THR A 63 -11.27 24.34 2.88
CA THR A 63 -10.00 23.66 3.03
C THR A 63 -9.29 23.44 1.72
N PRO A 64 -8.13 24.03 1.48
CA PRO A 64 -7.53 24.09 0.17
C PRO A 64 -6.82 22.77 -0.10
N PHE A 65 -7.08 22.19 -1.26
CA PHE A 65 -6.21 21.09 -1.68
C PHE A 65 -5.26 21.66 -2.73
N TYR A 66 -4.00 21.89 -2.43
CA TYR A 66 -3.16 22.56 -3.43
C TYR A 66 -3.11 21.77 -4.72
N ALA A 67 -3.25 22.42 -5.87
CA ALA A 67 -3.14 21.69 -7.15
C ALA A 67 -1.65 21.46 -7.44
N VAL A 68 -1.08 20.29 -7.11
CA VAL A 68 0.33 20.03 -7.38
C VAL A 68 0.75 20.15 -8.83
N LYS A 69 -0.01 19.90 -9.89
CA LYS A 69 0.48 20.20 -11.22
C LYS A 69 0.93 21.67 -11.36
N CYS A 70 0.50 22.62 -10.53
CA CYS A 70 0.87 23.99 -10.66
C CYS A 70 2.40 24.18 -10.57
N ASN A 71 2.97 23.41 -9.66
CA ASN A 71 4.33 23.65 -9.18
C ASN A 71 4.59 22.62 -8.11
N ASP A 72 5.35 21.60 -8.44
CA ASP A 72 5.51 20.47 -7.53
C ASP A 72 6.91 20.41 -6.97
N ASP A 73 7.59 21.55 -6.91
CA ASP A 73 8.86 21.66 -6.21
C ASP A 73 8.75 21.10 -4.80
N TRP A 74 9.70 20.26 -4.42
CA TRP A 74 9.68 19.62 -3.10
C TRP A 74 9.59 20.58 -1.93
N ARG A 75 10.29 21.69 -1.91
CA ARG A 75 10.13 22.67 -0.86
C ARG A 75 8.73 23.27 -0.94
N VAL A 76 8.15 23.46 -2.17
CA VAL A 76 6.83 24.12 -2.06
C VAL A 76 5.87 23.07 -1.52
N LEU A 77 6.05 21.78 -1.91
CA LEU A 77 5.12 20.79 -1.35
C LEU A 77 5.25 20.73 0.16
N GLY A 78 6.48 20.77 0.70
CA GLY A 78 6.73 20.48 2.13
C GLY A 78 6.21 21.66 2.97
N THR A 79 6.55 22.87 2.46
CA THR A 79 5.93 24.04 3.11
C THR A 79 4.41 23.97 3.15
N LEU A 80 3.77 23.51 2.03
CA LEU A 80 2.29 23.55 2.07
C LEU A 80 1.85 22.45 3.02
N ALA A 81 2.58 21.35 2.99
CA ALA A 81 2.16 20.19 3.79
C ALA A 81 2.23 20.54 5.27
N ALA A 82 3.29 21.14 5.75
CA ALA A 82 3.42 21.77 7.05
C ALA A 82 2.38 22.83 7.33
N LEU A 83 1.97 23.75 6.45
CA LEU A 83 0.88 24.63 6.88
C LEU A 83 -0.44 23.88 6.96
N GLY A 84 -0.56 22.64 6.51
CA GLY A 84 -1.71 21.79 6.76
C GLY A 84 -2.72 21.85 5.64
N THR A 85 -2.27 22.12 4.43
CA THR A 85 -3.03 22.12 3.18
C THR A 85 -3.41 20.73 2.81
N GLY A 86 -4.42 20.48 2.00
CA GLY A 86 -4.65 19.13 1.40
C GLY A 86 -3.89 19.12 0.09
N PHE A 87 -3.94 18.08 -0.73
CA PHE A 87 -3.24 18.11 -2.02
C PHE A 87 -4.20 17.64 -3.09
N ASP A 88 -4.24 18.34 -4.22
CA ASP A 88 -5.00 17.90 -5.38
C ASP A 88 -4.01 17.26 -6.36
N CYS A 89 -4.08 15.97 -6.62
CA CYS A 89 -3.16 15.24 -7.44
C CYS A 89 -3.83 14.68 -8.69
N ALA A 90 -3.11 14.53 -9.78
CA ALA A 90 -3.74 14.23 -11.05
C ALA A 90 -3.19 12.96 -11.67
N SER A 91 -2.20 12.35 -11.03
CA SER A 91 -1.63 11.15 -11.64
C SER A 91 -0.97 10.27 -10.60
N ASN A 92 -0.52 9.09 -10.96
CA ASN A 92 0.18 8.23 -9.98
C ASN A 92 1.46 8.90 -9.52
N THR A 93 2.22 9.50 -10.43
CA THR A 93 3.39 10.32 -10.04
C THR A 93 3.04 11.41 -9.05
N GLU A 94 2.00 12.23 -9.28
CA GLU A 94 1.73 13.22 -8.21
C GLU A 94 1.26 12.52 -6.94
N ILE A 95 0.41 11.50 -6.99
CA ILE A 95 0.16 10.71 -5.77
C ILE A 95 1.43 10.24 -5.12
N GLN A 96 2.44 9.72 -5.85
CA GLN A 96 3.65 9.26 -5.13
C GLN A 96 4.34 10.47 -4.42
N ARG A 97 4.51 11.55 -5.18
CA ARG A 97 5.35 12.64 -4.65
C ARG A 97 4.83 13.11 -3.30
N VAL A 98 3.54 13.47 -3.22
CA VAL A 98 3.00 13.90 -1.95
C VAL A 98 2.99 12.75 -0.96
N ARG A 99 2.76 11.50 -1.32
CA ARG A 99 2.96 10.47 -0.26
C ARG A 99 4.42 10.43 0.15
N GLY A 100 5.38 10.39 -0.78
CA GLY A 100 6.78 10.62 -0.48
C GLY A 100 7.02 11.61 0.62
N ILE A 101 6.27 12.68 0.90
CA ILE A 101 6.71 13.60 1.97
C ILE A 101 5.88 13.36 3.22
N GLY A 102 5.22 12.21 3.26
CA GLY A 102 4.50 11.77 4.44
C GLY A 102 3.21 12.50 4.61
N VAL A 103 2.64 13.03 3.51
CA VAL A 103 1.20 13.38 3.58
C VAL A 103 0.29 12.16 3.50
N PRO A 104 -0.42 11.83 4.56
CA PRO A 104 -1.37 10.72 4.52
C PRO A 104 -2.39 10.82 3.41
N PRO A 105 -2.97 9.70 3.01
CA PRO A 105 -3.86 9.63 1.86
C PRO A 105 -5.06 10.56 1.98
N GLU A 106 -5.69 10.62 3.14
CA GLU A 106 -6.90 11.37 3.36
C GLU A 106 -6.65 12.83 3.03
N LYS A 107 -5.43 13.38 3.01
CA LYS A 107 -5.32 14.79 2.63
C LYS A 107 -5.19 14.90 1.12
N ILE A 108 -5.47 13.87 0.36
CA ILE A 108 -5.31 13.86 -1.09
C ILE A 108 -6.68 13.74 -1.77
N ILE A 109 -7.05 14.67 -2.63
CA ILE A 109 -8.12 14.39 -3.59
C ILE A 109 -7.51 14.06 -4.95
N TYR A 110 -7.91 12.94 -5.57
CA TYR A 110 -7.35 12.65 -6.91
C TYR A 110 -8.24 13.27 -7.97
N ALA A 111 -8.16 14.55 -8.22
CA ALA A 111 -9.21 15.30 -8.90
C ALA A 111 -8.96 15.33 -10.40
N ASN A 112 -8.84 14.17 -11.04
CA ASN A 112 -8.76 14.09 -12.51
C ASN A 112 -9.95 13.28 -12.97
N PRO A 113 -10.84 13.86 -13.73
CA PRO A 113 -12.06 13.14 -14.10
C PRO A 113 -11.65 11.98 -14.98
N CYS A 114 -10.60 12.02 -15.83
CA CYS A 114 -10.49 10.90 -16.78
C CYS A 114 -9.21 10.12 -16.56
N LYS A 115 -9.19 9.13 -15.69
CA LYS A 115 -8.00 8.44 -15.24
C LYS A 115 -7.71 7.15 -15.97
N GLN A 116 -6.49 6.87 -16.38
CA GLN A 116 -6.05 5.56 -16.85
C GLN A 116 -6.34 4.47 -15.81
N ILE A 117 -6.82 3.27 -16.26
CA ILE A 117 -7.35 2.37 -15.26
C ILE A 117 -6.22 1.97 -14.33
N SER A 118 -4.97 1.79 -14.76
CA SER A 118 -3.96 1.39 -13.80
C SER A 118 -3.63 2.50 -12.82
N HIS A 119 -3.76 3.77 -13.20
CA HIS A 119 -3.59 4.87 -12.27
C HIS A 119 -4.68 4.80 -11.20
N ILE A 120 -5.91 4.43 -11.57
CA ILE A 120 -6.92 4.22 -10.52
C ILE A 120 -6.39 3.17 -9.54
N ARG A 121 -5.85 2.09 -10.12
CA ARG A 121 -5.44 0.95 -9.31
C ARG A 121 -4.46 1.40 -8.23
N TYR A 122 -3.45 2.16 -8.68
CA TYR A 122 -2.48 2.79 -7.83
C TYR A 122 -3.09 3.62 -6.69
N ALA A 123 -4.00 4.52 -7.07
CA ALA A 123 -4.61 5.35 -6.04
C ALA A 123 -5.31 4.41 -5.07
N ARG A 124 -6.03 3.39 -5.55
CA ARG A 124 -6.63 2.45 -4.58
C ARG A 124 -5.56 1.83 -3.69
N ASP A 125 -4.46 1.33 -4.25
CA ASP A 125 -3.40 0.81 -3.41
C ASP A 125 -2.73 1.88 -2.57
N SER A 126 -2.85 3.19 -2.72
CA SER A 126 -2.15 4.09 -1.83
C SER A 126 -3.00 4.74 -0.74
N GLY A 127 -4.26 4.29 -0.59
CA GLY A 127 -5.20 4.84 0.36
C GLY A 127 -5.99 5.99 -0.23
N VAL A 128 -5.68 6.47 -1.45
CA VAL A 128 -6.46 7.57 -2.01
C VAL A 128 -7.81 7.12 -2.54
N ASP A 129 -8.88 7.50 -1.89
CA ASP A 129 -10.22 7.08 -2.22
C ASP A 129 -11.14 8.17 -2.74
N VAL A 130 -10.89 9.46 -2.68
CA VAL A 130 -11.77 10.46 -3.24
C VAL A 130 -11.31 10.80 -4.63
N MET A 131 -11.98 10.45 -5.69
CA MET A 131 -11.66 10.86 -7.07
C MET A 131 -12.79 11.69 -7.62
N THR A 132 -12.61 12.34 -8.76
CA THR A 132 -13.79 12.94 -9.38
C THR A 132 -14.08 12.25 -10.71
N PHE A 133 -15.08 12.76 -11.42
CA PHE A 133 -15.61 12.09 -12.60
C PHE A 133 -16.66 13.06 -13.18
N ASP A 134 -17.05 12.88 -14.44
CA ASP A 134 -17.94 13.84 -15.07
C ASP A 134 -18.82 13.08 -16.04
N CYS A 135 -18.87 11.77 -16.00
CA CYS A 135 -19.51 10.97 -17.03
C CYS A 135 -19.59 9.51 -16.60
N VAL A 136 -20.34 8.67 -17.34
CA VAL A 136 -20.76 7.41 -16.72
C VAL A 136 -19.75 6.33 -17.05
N ASP A 137 -19.16 6.52 -18.20
CA ASP A 137 -18.06 5.70 -18.68
C ASP A 137 -17.00 5.54 -17.63
N GLU A 138 -16.66 6.55 -16.85
CA GLU A 138 -15.58 6.53 -15.89
C GLU A 138 -16.01 5.68 -14.69
N LEU A 139 -17.29 5.81 -14.37
CA LEU A 139 -17.92 5.16 -13.25
C LEU A 139 -17.89 3.68 -13.51
N GLU A 140 -18.06 3.22 -14.73
CA GLU A 140 -17.88 1.83 -15.13
C GLU A 140 -16.48 1.31 -14.83
N LYS A 141 -15.47 2.12 -15.19
CA LYS A 141 -14.09 1.85 -14.80
C LYS A 141 -14.02 1.74 -13.27
N VAL A 142 -14.68 2.69 -12.58
CA VAL A 142 -14.43 2.77 -11.15
C VAL A 142 -15.07 1.60 -10.41
N ALA A 143 -16.28 1.26 -10.82
CA ALA A 143 -16.94 0.03 -10.40
C ALA A 143 -15.96 -1.12 -10.55
N LYS A 144 -15.30 -1.28 -11.69
CA LYS A 144 -14.41 -2.42 -11.92
C LYS A 144 -13.06 -2.30 -11.21
N THR A 145 -12.62 -1.17 -10.71
CA THR A 145 -11.25 -1.03 -10.24
C THR A 145 -11.08 -0.53 -8.81
N HIS A 146 -12.05 0.25 -8.34
CA HIS A 146 -11.90 0.92 -7.07
C HIS A 146 -13.29 1.12 -6.50
N PRO A 147 -13.98 0.00 -6.22
CA PRO A 147 -15.43 0.03 -6.09
C PRO A 147 -15.92 0.73 -4.86
N LYS A 148 -15.11 1.04 -3.84
CA LYS A 148 -15.66 1.68 -2.64
C LYS A 148 -15.22 3.15 -2.60
N ALA A 149 -14.75 3.66 -3.73
CA ALA A 149 -14.11 4.98 -3.84
C ALA A 149 -15.06 6.11 -3.55
N LYS A 150 -14.68 7.19 -2.88
CA LYS A 150 -15.63 8.31 -2.75
C LYS A 150 -15.64 9.19 -4.00
N MET A 151 -16.73 9.06 -4.79
CA MET A 151 -16.68 9.77 -6.09
C MET A 151 -17.26 11.16 -6.05
N VAL A 152 -16.58 12.23 -6.46
CA VAL A 152 -17.09 13.60 -6.49
C VAL A 152 -17.52 13.99 -7.90
N LEU A 153 -18.69 14.46 -8.22
CA LEU A 153 -19.18 14.69 -9.57
C LEU A 153 -18.88 16.11 -10.02
N ARG A 154 -18.14 16.31 -11.09
CA ARG A 154 -17.68 17.64 -11.46
C ARG A 154 -18.60 18.16 -12.55
N ILE A 155 -19.07 19.40 -12.45
CA ILE A 155 -20.06 19.88 -13.41
C ILE A 155 -19.47 20.99 -14.29
N SER A 156 -19.86 21.10 -15.55
CA SER A 156 -19.30 22.15 -16.38
C SER A 156 -19.71 23.49 -15.81
N THR A 157 -19.08 24.58 -16.24
CA THR A 157 -19.08 25.81 -15.46
C THR A 157 -19.24 27.05 -16.31
N LEU A 166 -14.71 27.15 -18.57
CA LEU A 166 -13.82 26.08 -18.15
C LEU A 166 -13.52 25.11 -19.30
N SER A 167 -14.50 24.24 -19.63
CA SER A 167 -14.28 23.30 -20.70
C SER A 167 -15.44 22.57 -21.35
N VAL A 168 -15.23 22.44 -22.67
CA VAL A 168 -15.57 21.29 -23.47
C VAL A 168 -14.80 20.05 -22.98
N LYS A 169 -13.57 20.18 -22.53
CA LYS A 169 -12.85 19.00 -22.08
C LYS A 169 -13.42 18.34 -20.84
N PHE A 170 -13.74 19.09 -19.78
CA PHE A 170 -14.22 18.46 -18.54
C PHE A 170 -15.49 19.05 -17.97
N GLY A 171 -16.23 18.28 -17.16
CA GLY A 171 -17.41 18.78 -16.47
C GLY A 171 -18.71 18.29 -17.09
N ALA A 172 -19.58 17.68 -16.29
CA ALA A 172 -20.89 17.22 -16.69
C ALA A 172 -21.82 18.41 -16.86
N LYS A 173 -22.54 18.58 -17.95
CA LYS A 173 -23.61 19.58 -18.03
C LYS A 173 -24.69 19.37 -17.00
N VAL A 174 -25.40 20.37 -16.49
CA VAL A 174 -26.30 20.05 -15.36
C VAL A 174 -27.55 19.28 -15.75
N GLU A 175 -27.99 19.43 -16.98
CA GLU A 175 -28.93 18.63 -17.74
C GLU A 175 -28.62 17.13 -17.65
N ASP A 176 -27.33 16.74 -17.56
CA ASP A 176 -27.02 15.32 -17.62
C ASP A 176 -26.82 14.66 -16.28
N CYS A 177 -26.80 15.41 -15.21
CA CYS A 177 -26.49 14.87 -13.91
C CYS A 177 -27.50 13.86 -13.43
N ARG A 178 -28.80 14.09 -13.57
CA ARG A 178 -29.77 13.09 -13.12
C ARG A 178 -29.46 11.76 -13.76
N PHE A 179 -29.26 11.67 -15.08
CA PHE A 179 -29.06 10.40 -15.74
C PHE A 179 -27.76 9.79 -15.27
N ILE A 180 -26.74 10.65 -15.20
CA ILE A 180 -25.44 10.29 -14.65
C ILE A 180 -25.55 9.67 -13.28
N LEU A 181 -26.35 10.29 -12.42
CA LEU A 181 -26.54 9.82 -11.04
C LEU A 181 -27.37 8.55 -10.97
N GLU A 182 -28.36 8.40 -11.83
CA GLU A 182 -29.06 7.11 -11.91
C GLU A 182 -28.14 5.98 -12.36
N GLN A 183 -27.41 6.17 -13.46
CA GLN A 183 -26.32 5.26 -13.78
C GLN A 183 -25.34 5.05 -12.64
N ALA A 184 -24.99 6.05 -11.84
CA ALA A 184 -24.05 5.76 -10.75
C ALA A 184 -24.64 4.74 -9.78
N LYS A 185 -25.96 4.86 -9.56
CA LYS A 185 -26.68 4.07 -8.60
C LYS A 185 -26.67 2.64 -9.10
N LYS A 186 -26.93 2.43 -10.39
CA LYS A 186 -26.88 1.09 -10.94
C LYS A 186 -25.49 0.52 -10.68
N LEU A 187 -24.44 1.31 -10.93
CA LEU A 187 -23.10 0.82 -10.64
C LEU A 187 -22.74 0.79 -9.17
N ASN A 188 -23.59 1.19 -8.25
CA ASN A 188 -23.35 1.17 -6.81
C ASN A 188 -22.22 2.11 -6.37
N ILE A 189 -22.17 3.24 -7.06
CA ILE A 189 -21.10 4.20 -6.80
C ILE A 189 -21.37 4.99 -5.53
N ASP A 190 -20.32 5.20 -4.71
CA ASP A 190 -20.53 6.09 -3.60
C ASP A 190 -20.21 7.52 -4.01
N VAL A 191 -21.13 8.20 -4.67
CA VAL A 191 -21.04 9.59 -5.01
C VAL A 191 -21.15 10.51 -3.81
N THR A 192 -20.13 11.27 -3.40
CA THR A 192 -20.22 11.98 -2.13
C THR A 192 -20.15 13.48 -2.22
N GLY A 193 -20.30 14.07 -3.42
CA GLY A 193 -20.23 15.50 -3.57
C GLY A 193 -20.11 16.00 -4.99
N VAL A 194 -19.91 17.31 -5.14
CA VAL A 194 -19.97 18.05 -6.38
C VAL A 194 -18.74 18.97 -6.41
N SER A 195 -18.24 19.22 -7.62
CA SER A 195 -17.11 20.12 -7.79
C SER A 195 -17.26 20.78 -9.14
N PHE A 196 -16.56 21.87 -9.31
CA PHE A 196 -16.54 22.60 -10.55
C PHE A 196 -15.20 23.31 -10.55
N HIS A 197 -14.97 24.04 -11.63
CA HIS A 197 -13.66 24.64 -11.83
C HIS A 197 -13.88 25.75 -12.83
N VAL A 198 -14.15 26.93 -12.33
CA VAL A 198 -14.32 28.18 -13.05
C VAL A 198 -13.20 28.47 -14.02
N GLY A 199 -11.96 28.02 -13.78
CA GLY A 199 -10.95 28.27 -14.79
C GLY A 199 -10.15 29.52 -14.39
N SER A 200 -8.95 29.61 -14.93
CA SER A 200 -7.89 30.36 -14.30
C SER A 200 -7.81 31.83 -14.61
N GLY A 201 -8.81 32.54 -15.08
CA GLY A 201 -8.74 33.96 -15.31
C GLY A 201 -10.04 34.70 -15.45
N SER A 202 -11.05 34.34 -14.66
CA SER A 202 -12.37 34.97 -14.77
C SER A 202 -12.25 36.48 -14.70
N THR A 203 -13.12 37.23 -15.37
CA THR A 203 -13.12 38.68 -15.20
C THR A 203 -14.27 39.09 -14.29
N ASP A 204 -15.28 38.24 -14.16
CA ASP A 204 -16.33 38.48 -13.18
C ASP A 204 -16.41 37.35 -12.17
N ALA A 205 -16.53 37.72 -10.89
CA ALA A 205 -16.57 36.73 -9.84
C ALA A 205 -17.89 35.97 -9.81
N SER A 206 -18.92 36.44 -10.49
CA SER A 206 -20.23 35.86 -10.50
C SER A 206 -20.21 34.38 -10.87
N THR A 207 -19.32 33.99 -11.77
CA THR A 207 -19.11 32.61 -12.15
C THR A 207 -19.06 31.62 -11.01
N PHE A 208 -18.23 31.89 -10.01
CA PHE A 208 -18.26 31.12 -8.78
C PHE A 208 -19.66 31.07 -8.22
N ALA A 209 -20.33 32.23 -8.10
CA ALA A 209 -21.69 32.23 -7.54
C ALA A 209 -22.64 31.36 -8.37
N GLN A 210 -22.50 31.46 -9.69
CA GLN A 210 -23.28 30.68 -10.64
C GLN A 210 -23.01 29.20 -10.43
N ALA A 211 -21.71 28.92 -10.21
CA ALA A 211 -21.26 27.53 -10.14
C ALA A 211 -21.84 26.91 -8.88
N ILE A 212 -21.83 27.71 -7.83
CA ILE A 212 -22.19 27.22 -6.49
C ILE A 212 -23.68 26.92 -6.50
N SER A 213 -24.45 27.77 -7.14
CA SER A 213 -25.89 27.57 -7.23
C SER A 213 -26.09 26.22 -7.88
N ASP A 214 -25.51 26.09 -9.09
CA ASP A 214 -25.59 24.87 -9.88
C ASP A 214 -25.17 23.68 -9.03
N SER A 215 -24.13 23.80 -8.22
CA SER A 215 -23.73 22.72 -7.34
C SER A 215 -24.82 22.35 -6.36
N ARG A 216 -25.53 23.35 -5.81
CA ARG A 216 -26.70 23.02 -5.01
C ARG A 216 -27.73 22.18 -5.77
N PHE A 217 -28.01 22.46 -7.03
CA PHE A 217 -28.97 21.63 -7.75
C PHE A 217 -28.61 20.13 -7.88
N VAL A 218 -27.41 19.81 -8.40
CA VAL A 218 -26.88 18.48 -8.44
C VAL A 218 -26.66 17.92 -7.05
N PHE A 219 -26.23 18.71 -6.06
CA PHE A 219 -26.22 18.21 -4.69
C PHE A 219 -27.57 17.59 -4.36
N ASP A 220 -28.63 18.34 -4.61
CA ASP A 220 -29.96 17.98 -4.23
C ASP A 220 -30.45 16.79 -4.98
N MET A 221 -30.15 16.62 -6.24
CA MET A 221 -30.44 15.34 -6.91
C MET A 221 -29.62 14.24 -6.25
N GLY A 222 -28.35 14.49 -5.97
CA GLY A 222 -27.59 13.51 -5.20
C GLY A 222 -28.39 13.00 -4.01
N THR A 223 -28.78 13.87 -3.08
CA THR A 223 -29.55 13.44 -1.92
C THR A 223 -30.85 12.73 -2.29
N GLU A 224 -31.62 13.36 -3.17
CA GLU A 224 -32.89 12.77 -3.60
C GLU A 224 -32.72 11.31 -3.95
N LEU A 225 -31.73 10.92 -4.77
CA LEU A 225 -31.50 9.58 -5.19
C LEU A 225 -30.80 8.70 -4.18
N GLY A 226 -30.47 9.16 -2.97
CA GLY A 226 -30.12 8.21 -1.91
C GLY A 226 -28.64 8.23 -1.64
N PHE A 227 -27.93 9.12 -2.36
CA PHE A 227 -26.49 9.28 -2.22
C PHE A 227 -26.13 10.14 -1.01
N ASN A 228 -25.08 9.82 -0.31
CA ASN A 228 -24.55 10.60 0.78
C ASN A 228 -23.66 11.72 0.29
N MET A 229 -24.24 12.81 -0.16
CA MET A 229 -23.59 14.01 -0.60
C MET A 229 -23.18 14.89 0.59
N HIS A 230 -21.89 15.00 0.87
CA HIS A 230 -21.46 15.99 1.87
C HIS A 230 -20.19 16.73 1.47
N ILE A 231 -19.70 16.71 0.25
CA ILE A 231 -18.51 17.47 -0.12
C ILE A 231 -18.81 18.44 -1.29
N LEU A 232 -18.39 19.70 -1.09
CA LEU A 232 -18.55 20.65 -2.19
C LEU A 232 -17.14 21.11 -2.49
N ASP A 233 -16.67 20.82 -3.69
CA ASP A 233 -15.31 21.30 -4.03
C ASP A 233 -15.39 22.46 -5.01
N ILE A 234 -15.07 23.67 -4.61
CA ILE A 234 -15.24 24.82 -5.53
C ILE A 234 -14.04 25.04 -6.44
N GLY A 235 -13.16 24.11 -6.73
CA GLY A 235 -12.10 24.26 -7.66
C GLY A 235 -11.01 25.27 -7.45
N GLY A 236 -10.37 25.68 -8.55
CA GLY A 236 -9.17 26.51 -8.53
C GLY A 236 -9.47 27.77 -9.31
N GLY A 237 -8.51 28.47 -9.89
CA GLY A 237 -8.77 29.74 -10.59
C GLY A 237 -8.55 31.05 -9.86
N PHE A 238 -8.16 31.10 -8.58
CA PHE A 238 -7.96 32.37 -7.92
C PHE A 238 -6.65 33.03 -8.38
N PRO A 239 -6.54 34.35 -8.21
CA PRO A 239 -5.33 35.05 -8.62
C PRO A 239 -4.20 34.80 -7.68
N GLY A 240 -2.96 34.72 -8.16
CA GLY A 240 -1.80 34.38 -7.30
C GLY A 240 -0.82 35.57 -7.28
N THR A 241 -1.23 36.65 -7.94
CA THR A 241 -0.47 37.90 -7.82
C THR A 241 -1.45 38.89 -7.22
N ARG A 242 -1.14 39.45 -6.06
CA ARG A 242 -2.00 40.25 -5.24
C ARG A 242 -2.37 41.65 -5.79
N ASP A 243 -2.17 41.89 -7.05
CA ASP A 243 -2.44 43.05 -7.84
C ASP A 243 -2.97 42.61 -9.20
N ALA A 244 -3.74 41.52 -9.24
CA ALA A 244 -4.45 41.23 -10.49
C ALA A 244 -5.63 42.17 -10.57
N PRO A 245 -6.26 42.22 -11.74
CA PRO A 245 -7.40 43.10 -11.97
C PRO A 245 -8.59 42.75 -11.08
N LEU A 246 -8.96 41.48 -11.03
CA LEU A 246 -9.98 40.94 -10.16
C LEU A 246 -9.31 40.34 -8.93
N LYS A 247 -9.32 41.03 -7.80
CA LYS A 247 -8.55 40.61 -6.64
C LYS A 247 -9.12 39.41 -5.89
N PHE A 248 -8.27 38.56 -5.32
CA PHE A 248 -8.69 37.46 -4.46
C PHE A 248 -9.87 37.80 -3.55
N GLU A 249 -9.79 38.96 -2.89
CA GLU A 249 -10.80 39.35 -1.91
C GLU A 249 -12.19 39.55 -2.49
N GLU A 250 -12.35 40.13 -3.69
CA GLU A 250 -13.71 40.15 -4.23
C GLU A 250 -14.21 38.70 -4.38
N ILE A 251 -13.39 37.86 -5.04
CA ILE A 251 -13.76 36.48 -5.24
C ILE A 251 -14.12 35.80 -3.93
N ALA A 252 -13.32 35.99 -2.87
CA ALA A 252 -13.68 35.41 -1.57
C ALA A 252 -15.01 35.96 -1.11
N GLY A 253 -15.34 37.22 -1.37
CA GLY A 253 -16.63 37.75 -0.96
C GLY A 253 -17.77 37.15 -1.73
N VAL A 254 -17.69 37.07 -3.05
CA VAL A 254 -18.75 36.42 -3.83
C VAL A 254 -18.90 34.97 -3.41
N ILE A 255 -17.79 34.23 -3.29
CA ILE A 255 -17.89 32.86 -2.86
C ILE A 255 -18.63 32.80 -1.55
N ASN A 256 -18.26 33.61 -0.57
CA ASN A 256 -18.87 33.43 0.77
C ASN A 256 -20.38 33.75 0.76
N ASN A 257 -20.74 34.80 -0.01
CA ASN A 257 -22.17 35.06 -0.17
C ASN A 257 -22.83 33.82 -0.73
N ALA A 258 -22.32 33.26 -1.82
CA ALA A 258 -22.91 32.08 -2.48
C ALA A 258 -23.03 30.90 -1.52
N LEU A 259 -21.90 30.67 -0.84
CA LEU A 259 -21.87 29.65 0.21
C LEU A 259 -22.96 29.81 1.25
N GLU A 260 -23.09 30.95 1.92
CA GLU A 260 -24.13 31.14 2.93
C GLU A 260 -25.55 30.99 2.39
N LYS A 261 -25.81 31.38 1.14
CA LYS A 261 -27.09 31.21 0.50
C LYS A 261 -27.45 29.80 0.07
N HIS A 262 -26.54 29.00 -0.44
CA HIS A 262 -26.86 27.68 -0.96
C HIS A 262 -26.33 26.50 -0.16
N PHE A 263 -25.34 26.77 0.70
CA PHE A 263 -24.70 25.75 1.50
C PHE A 263 -24.41 26.31 2.89
N PRO A 264 -25.47 26.56 3.64
CA PRO A 264 -25.38 26.84 5.07
C PRO A 264 -24.50 25.85 5.83
N PRO A 265 -23.62 26.41 6.68
CA PRO A 265 -22.82 25.58 7.56
C PRO A 265 -23.57 24.40 8.10
N ASP A 266 -22.93 23.26 8.11
CA ASP A 266 -23.46 22.01 8.66
C ASP A 266 -22.31 21.12 9.07
N LEU A 267 -22.27 20.46 10.20
CA LEU A 267 -21.18 19.55 10.56
C LEU A 267 -21.07 18.42 9.54
N LYS A 268 -22.14 18.04 8.84
CA LYS A 268 -22.01 17.02 7.82
C LYS A 268 -21.39 17.57 6.54
N LEU A 269 -21.33 18.86 6.28
CA LEU A 269 -20.84 19.32 4.99
C LEU A 269 -19.41 19.83 5.05
N THR A 270 -18.48 19.43 4.19
CA THR A 270 -17.20 20.06 4.01
C THR A 270 -17.02 20.80 2.69
N ILE A 271 -16.64 22.08 2.78
CA ILE A 271 -16.32 22.77 1.53
C ILE A 271 -14.85 22.64 1.24
N VAL A 272 -14.46 22.49 -0.02
CA VAL A 272 -13.02 22.20 -0.29
C VAL A 272 -12.63 23.03 -1.48
N ALA A 273 -11.33 23.28 -1.77
CA ALA A 273 -11.02 23.89 -3.07
C ALA A 273 -9.70 23.31 -3.55
N GLU A 274 -9.26 23.77 -4.73
CA GLU A 274 -8.13 23.18 -5.46
C GLU A 274 -7.22 24.29 -5.99
N PRO A 275 -6.95 25.26 -5.13
CA PRO A 275 -6.22 26.45 -5.60
C PRO A 275 -4.83 26.06 -6.06
N GLY A 276 -4.43 26.57 -7.22
CA GLY A 276 -3.15 26.16 -7.84
C GLY A 276 -2.22 27.37 -7.80
N ARG A 277 -2.43 28.30 -8.75
CA ARG A 277 -1.59 29.49 -8.81
C ARG A 277 -1.69 30.40 -7.58
N TYR A 278 -2.81 30.43 -6.89
CA TYR A 278 -3.02 31.14 -5.66
C TYR A 278 -1.79 31.07 -4.75
N TYR A 279 -1.42 29.84 -4.47
CA TYR A 279 -0.33 29.64 -3.52
C TYR A 279 1.04 29.98 -4.07
N VAL A 280 1.35 29.90 -5.36
CA VAL A 280 2.73 30.01 -5.78
C VAL A 280 3.11 31.05 -6.85
N ALA A 281 2.19 31.50 -7.69
CA ALA A 281 2.47 32.48 -8.70
C ALA A 281 3.59 33.44 -8.29
N SER A 282 3.35 34.30 -7.31
CA SER A 282 4.32 35.33 -6.98
C SER A 282 5.41 34.86 -6.05
N ALA A 283 5.70 33.62 -5.79
CA ALA A 283 6.72 33.24 -4.84
C ALA A 283 8.08 33.11 -5.50
N PHE A 284 8.13 33.02 -6.81
CA PHE A 284 9.31 32.56 -7.52
C PHE A 284 9.74 33.74 -8.38
N THR A 285 11.02 34.06 -8.40
CA THR A 285 11.50 35.08 -9.33
C THR A 285 12.59 34.54 -10.21
N LEU A 286 12.52 34.87 -11.50
CA LEU A 286 13.48 34.23 -12.40
C LEU A 286 14.52 35.28 -12.71
N ALA A 287 15.80 34.92 -12.60
CA ALA A 287 16.84 35.83 -13.11
C ALA A 287 17.51 35.13 -14.26
N VAL A 288 17.67 35.80 -15.36
CA VAL A 288 18.15 35.22 -16.63
C VAL A 288 19.28 36.06 -17.15
N ASN A 289 20.43 35.53 -17.59
CA ASN A 289 21.56 36.27 -18.05
C ASN A 289 21.47 36.75 -19.49
N VAL A 290 21.73 38.00 -19.85
CA VAL A 290 21.60 38.28 -21.29
C VAL A 290 22.84 37.68 -21.93
N ILE A 291 22.63 36.61 -22.71
CA ILE A 291 23.80 35.99 -23.30
C ILE A 291 24.19 36.54 -24.66
N ALA A 292 23.38 37.42 -25.25
CA ALA A 292 23.59 37.86 -26.62
C ALA A 292 22.80 39.11 -26.99
N LYS A 293 23.42 39.97 -27.81
CA LYS A 293 22.86 41.30 -28.00
C LYS A 293 22.84 41.68 -29.46
N LYS A 294 21.77 42.27 -29.93
CA LYS A 294 21.76 42.83 -31.29
C LYS A 294 21.26 44.27 -31.28
N VAL A 295 21.90 45.10 -32.09
CA VAL A 295 21.49 46.49 -32.19
C VAL A 295 20.92 46.74 -33.59
N THR A 296 19.71 47.28 -33.73
CA THR A 296 19.37 47.85 -35.04
C THR A 296 19.39 49.38 -35.00
N PRO A 297 20.17 49.95 -35.91
CA PRO A 297 20.34 51.39 -36.05
C PRO A 297 19.07 52.17 -35.85
N ALA A 311 15.35 55.88 -33.48
CA ALA A 311 15.05 54.62 -34.17
C ALA A 311 15.57 53.42 -33.37
N GLN A 312 16.87 53.38 -33.18
CA GLN A 312 17.57 52.54 -32.24
C GLN A 312 16.69 51.56 -31.47
N SER A 313 16.89 50.26 -31.77
CA SER A 313 16.26 49.15 -31.08
C SER A 313 17.26 48.05 -30.77
N PHE A 314 16.94 47.28 -29.75
CA PHE A 314 17.85 46.24 -29.28
C PHE A 314 17.23 44.84 -29.31
N MET A 315 18.08 43.82 -29.58
CA MET A 315 17.60 42.45 -29.38
C MET A 315 18.43 41.78 -28.30
N TYR A 316 17.77 41.30 -27.27
CA TYR A 316 18.45 40.63 -26.16
C TYR A 316 18.10 39.15 -26.22
N TYR A 317 19.10 38.30 -26.11
CA TYR A 317 18.94 36.87 -26.12
C TYR A 317 19.28 36.49 -24.69
N VAL A 318 18.42 35.71 -24.04
CA VAL A 318 18.73 35.31 -22.70
C VAL A 318 18.70 33.79 -22.61
N ASN A 319 19.02 33.24 -21.42
CA ASN A 319 19.40 31.83 -21.45
C ASN A 319 18.35 30.96 -20.81
N ASP A 320 17.09 31.33 -20.88
CA ASP A 320 15.91 30.49 -20.63
C ASP A 320 14.84 31.02 -21.57
N GLY A 321 13.76 30.32 -21.89
CA GLY A 321 12.83 30.87 -22.89
C GLY A 321 11.68 29.92 -23.07
N VAL A 322 10.92 29.95 -24.17
CA VAL A 322 9.63 29.26 -24.17
C VAL A 322 9.69 27.74 -24.20
N TYR A 323 10.85 27.05 -24.38
CA TYR A 323 10.90 25.63 -24.14
C TYR A 323 11.26 25.39 -22.66
N GLY A 324 11.43 26.51 -21.95
CA GLY A 324 11.99 26.34 -20.59
C GLY A 324 10.93 26.92 -19.63
N SER A 325 11.34 27.81 -18.73
CA SER A 325 10.40 28.39 -17.80
C SER A 325 9.38 29.24 -18.53
N PHE A 326 9.57 29.80 -19.74
CA PHE A 326 8.52 30.61 -20.33
C PHE A 326 7.56 29.78 -21.17
N ASN A 327 7.42 28.47 -20.87
CA ASN A 327 6.44 27.69 -21.65
C ASN A 327 5.05 28.26 -21.40
N CYS A 328 4.87 28.73 -20.15
CA CYS A 328 3.79 29.60 -19.77
C CYS A 328 3.40 30.62 -20.80
N ILE A 329 4.26 31.27 -21.59
CA ILE A 329 3.70 32.04 -22.70
C ILE A 329 2.84 31.15 -23.61
N LEU A 330 3.37 30.01 -24.14
CA LEU A 330 2.54 29.16 -24.96
C LEU A 330 1.39 28.49 -24.21
N TYR A 331 1.59 27.76 -23.09
CA TYR A 331 0.48 26.96 -22.56
C TYR A 331 -0.33 27.71 -21.51
N ASP A 332 0.18 28.75 -20.83
CA ASP A 332 -0.61 29.41 -19.79
C ASP A 332 -1.11 30.79 -20.16
N HIS A 333 -1.05 31.27 -21.38
CA HIS A 333 -1.38 32.65 -21.69
C HIS A 333 -0.62 33.66 -20.86
N ALA A 334 0.57 33.40 -20.38
CA ALA A 334 1.34 34.32 -19.57
C ALA A 334 1.77 35.54 -20.37
N VAL A 335 1.70 36.76 -19.78
CA VAL A 335 2.54 37.86 -20.28
C VAL A 335 3.53 38.21 -19.18
N VAL A 336 4.75 38.51 -19.61
CA VAL A 336 5.86 38.68 -18.66
C VAL A 336 6.46 40.06 -18.77
N ARG A 337 6.99 40.61 -17.70
CA ARG A 337 7.63 41.92 -17.76
C ARG A 337 9.09 41.79 -17.34
N PRO A 338 10.01 42.05 -18.26
CA PRO A 338 11.43 41.97 -18.00
C PRO A 338 11.91 43.14 -17.18
N LEU A 339 12.42 42.89 -15.98
CA LEU A 339 13.02 43.97 -15.20
C LEU A 339 14.53 43.85 -15.13
N PRO A 340 15.24 44.94 -15.43
CA PRO A 340 16.70 44.94 -15.35
C PRO A 340 17.13 44.90 -13.89
N GLN A 341 18.12 44.11 -13.48
CA GLN A 341 18.39 44.07 -12.04
C GLN A 341 19.32 45.18 -11.60
N ARG A 342 20.12 45.78 -12.48
CA ARG A 342 20.76 47.05 -12.19
C ARG A 342 19.70 48.07 -11.78
N GLU A 343 19.93 48.80 -10.71
CA GLU A 343 19.00 49.86 -10.31
C GLU A 343 18.96 50.96 -11.36
N PRO A 344 17.75 51.46 -11.60
CA PRO A 344 17.49 52.55 -12.52
C PRO A 344 18.39 53.75 -12.24
N ILE A 345 19.03 54.23 -13.30
CA ILE A 345 19.90 55.39 -13.21
C ILE A 345 19.17 56.61 -13.72
N PRO A 346 19.24 57.71 -12.96
CA PRO A 346 18.46 58.90 -13.23
C PRO A 346 18.64 59.39 -14.64
N ASN A 347 17.56 59.69 -15.35
CA ASN A 347 17.58 60.20 -16.70
C ASN A 347 17.66 59.14 -17.80
N GLU A 348 17.91 57.89 -17.48
CA GLU A 348 18.30 56.82 -18.38
C GLU A 348 17.59 56.83 -19.72
N LYS A 349 18.35 56.50 -20.76
CA LYS A 349 17.73 56.33 -22.08
C LYS A 349 17.12 54.91 -22.18
N LEU A 350 15.89 54.81 -22.62
CA LEU A 350 15.15 53.59 -22.82
C LEU A 350 14.75 53.33 -24.26
N TYR A 351 14.89 52.12 -24.79
CA TYR A 351 14.60 51.87 -26.20
C TYR A 351 13.72 50.64 -26.37
N PRO A 352 12.85 50.60 -27.38
CA PRO A 352 12.11 49.38 -27.70
C PRO A 352 12.99 48.14 -27.76
N SER A 353 12.67 47.08 -27.02
CA SER A 353 13.52 45.88 -27.12
C SER A 353 12.72 44.59 -27.19
N SER A 354 13.22 43.62 -27.92
CA SER A 354 12.69 42.24 -27.78
C SER A 354 13.66 41.44 -26.90
N VAL A 355 13.14 40.51 -26.09
CA VAL A 355 14.09 39.53 -25.51
C VAL A 355 13.71 38.12 -25.94
N TRP A 356 14.73 37.31 -26.26
CA TRP A 356 14.58 36.08 -26.99
C TRP A 356 15.20 34.92 -26.22
N GLY A 357 14.67 33.69 -26.31
CA GLY A 357 15.14 32.60 -25.41
C GLY A 357 16.29 31.94 -26.15
N PRO A 358 17.00 30.99 -25.57
CA PRO A 358 18.32 30.60 -26.07
C PRO A 358 18.25 29.76 -27.33
N THR A 359 17.13 29.08 -27.45
CA THR A 359 16.85 28.07 -28.50
C THR A 359 16.98 28.55 -29.92
N CYS A 360 17.15 27.61 -30.82
CA CYS A 360 17.37 27.88 -32.24
C CYS A 360 16.14 28.11 -33.06
N ASP A 361 15.01 28.30 -32.44
CA ASP A 361 13.71 28.47 -33.04
C ASP A 361 13.32 29.91 -33.06
N GLY A 362 12.85 30.44 -34.17
CA GLY A 362 12.30 31.77 -34.33
C GLY A 362 11.06 32.02 -33.47
N LEU A 363 10.35 30.96 -33.05
CA LEU A 363 9.13 31.20 -32.27
C LEU A 363 9.46 31.33 -30.79
N ASP A 364 10.71 31.01 -30.43
CA ASP A 364 11.16 31.11 -29.04
C ASP A 364 11.47 32.55 -28.66
N GLN A 365 10.43 33.34 -28.46
CA GLN A 365 10.51 34.75 -28.23
C GLN A 365 9.77 35.07 -26.94
N ILE A 366 10.32 35.90 -26.07
CA ILE A 366 9.72 36.15 -24.77
C ILE A 366 8.95 37.45 -24.82
N VAL A 367 9.49 38.47 -25.52
CA VAL A 367 8.90 39.83 -25.38
C VAL A 367 9.01 40.55 -26.71
N GLU A 368 7.97 41.22 -27.22
CA GLU A 368 8.10 41.69 -28.60
C GLU A 368 8.63 43.13 -28.54
N ARG A 369 8.07 43.94 -27.66
CA ARG A 369 8.52 45.35 -27.62
C ARG A 369 8.38 45.85 -26.19
N TYR A 370 9.49 45.89 -25.49
CA TYR A 370 9.43 46.39 -24.12
C TYR A 370 10.53 47.45 -23.96
N TYR A 371 10.21 48.49 -23.21
CA TYR A 371 11.16 49.60 -23.06
C TYR A 371 12.26 49.15 -22.15
N LEU A 372 13.52 49.14 -22.61
CA LEU A 372 14.60 48.83 -21.65
C LEU A 372 15.75 49.81 -21.84
N PRO A 373 16.44 50.11 -20.74
CA PRO A 373 17.77 50.70 -20.81
C PRO A 373 18.60 49.83 -21.77
N GLU A 374 19.67 50.40 -22.30
CA GLU A 374 20.58 49.61 -23.09
C GLU A 374 21.28 48.59 -22.20
N MET A 375 21.20 47.32 -22.60
CA MET A 375 21.74 46.24 -21.79
C MET A 375 23.05 45.71 -22.38
N GLN A 376 23.78 44.96 -21.55
CA GLN A 376 25.06 44.44 -21.93
C GLN A 376 25.05 42.94 -21.72
N VAL A 377 25.63 42.22 -22.66
CA VAL A 377 25.96 40.82 -22.41
C VAL A 377 26.52 40.68 -21.01
N GLY A 378 25.94 39.72 -20.26
CA GLY A 378 26.53 39.41 -18.97
C GLY A 378 25.66 40.07 -17.91
N GLU A 379 24.74 40.95 -18.30
CA GLU A 379 23.77 41.44 -17.32
C GLU A 379 22.57 40.51 -17.12
N TRP A 380 21.61 40.90 -16.26
CA TRP A 380 20.64 40.00 -15.69
C TRP A 380 19.27 40.62 -15.88
N LEU A 381 18.32 39.83 -16.36
CA LEU A 381 16.94 40.32 -16.40
C LEU A 381 16.20 39.49 -15.34
N LEU A 382 15.33 40.19 -14.61
CA LEU A 382 14.48 39.51 -13.64
C LEU A 382 13.06 39.48 -14.20
N PHE A 383 12.38 38.37 -14.00
CA PHE A 383 10.96 38.23 -14.33
C PHE A 383 10.24 37.90 -13.03
N GLU A 384 9.36 38.82 -12.59
CA GLU A 384 8.65 38.41 -11.37
C GLU A 384 7.42 37.57 -11.65
N ASP A 385 6.82 37.08 -10.58
CA ASP A 385 5.61 36.30 -10.57
C ASP A 385 5.80 35.05 -11.40
N MET A 386 6.83 34.22 -11.18
CA MET A 386 7.02 33.12 -12.14
C MET A 386 6.92 31.78 -11.43
N GLY A 387 6.03 31.81 -10.43
CA GLY A 387 5.68 30.61 -9.67
C GLY A 387 4.88 29.56 -10.41
N ALA A 388 3.97 29.95 -11.29
CA ALA A 388 2.89 29.06 -11.67
C ALA A 388 3.03 28.52 -13.07
N TYR A 389 2.86 27.21 -13.25
CA TYR A 389 2.89 26.68 -14.63
C TYR A 389 4.17 27.18 -15.30
N THR A 390 5.31 27.12 -14.61
CA THR A 390 6.57 27.55 -15.21
C THR A 390 7.54 26.39 -15.06
N VAL A 391 8.13 26.12 -13.89
CA VAL A 391 8.97 24.89 -13.87
C VAL A 391 8.31 23.61 -14.38
N VAL A 392 7.07 23.33 -13.95
CA VAL A 392 6.29 22.19 -14.36
C VAL A 392 6.14 22.05 -15.88
N GLY A 393 6.20 23.08 -16.71
CA GLY A 393 6.08 22.77 -18.17
C GLY A 393 7.40 22.60 -18.89
N THR A 394 8.57 22.77 -18.29
CA THR A 394 9.80 22.96 -19.06
C THR A 394 10.23 21.71 -19.84
N SER A 395 10.97 21.93 -20.92
CA SER A 395 11.57 20.84 -21.67
C SER A 395 13.05 21.15 -21.93
N SER A 396 13.84 20.16 -22.35
CA SER A 396 15.26 20.46 -22.50
C SER A 396 15.58 20.39 -23.98
N PHE A 397 14.53 20.76 -24.74
CA PHE A 397 14.70 21.04 -26.17
C PHE A 397 15.97 21.84 -26.45
N ASN A 398 16.72 21.31 -27.40
CA ASN A 398 17.93 21.97 -27.87
C ASN A 398 19.11 21.78 -26.95
N GLY A 399 19.09 21.02 -25.87
CA GLY A 399 20.30 20.85 -25.05
C GLY A 399 20.24 21.69 -23.78
N PHE A 400 19.50 22.82 -23.79
CA PHE A 400 19.41 23.69 -22.63
C PHE A 400 18.78 22.96 -21.43
N GLN A 401 19.16 23.39 -20.24
CA GLN A 401 18.84 22.77 -18.97
C GLN A 401 18.11 23.82 -18.14
N SER A 402 17.29 23.47 -17.17
CA SER A 402 16.37 24.54 -16.72
C SER A 402 17.01 25.17 -15.51
N PRO A 403 16.49 26.30 -15.09
CA PRO A 403 17.04 27.00 -13.95
C PRO A 403 17.11 26.18 -12.69
N THR A 404 18.24 26.01 -12.02
CA THR A 404 18.26 25.68 -10.60
C THR A 404 17.35 26.62 -9.85
N ILE A 405 16.69 26.16 -8.79
CA ILE A 405 15.95 27.02 -7.85
C ILE A 405 16.69 27.27 -6.54
N TYR A 406 16.83 28.52 -6.13
CA TYR A 406 17.30 28.83 -4.77
C TYR A 406 16.16 29.22 -3.81
N TYR A 407 16.27 28.86 -2.52
CA TYR A 407 15.18 29.08 -1.61
C TYR A 407 15.49 30.11 -0.53
N VAL A 408 14.53 31.02 -0.32
CA VAL A 408 14.62 31.93 0.81
C VAL A 408 13.42 31.76 1.73
N VAL A 409 13.60 32.04 3.03
CA VAL A 409 12.48 32.25 3.95
C VAL A 409 12.32 33.69 4.42
N SER A 410 11.56 34.52 3.70
CA SER A 410 10.99 35.73 4.31
C SER A 410 10.43 35.42 5.70
N GLY A 411 11.21 35.66 6.74
CA GLY A 411 10.93 35.19 8.08
C GLY A 411 9.64 35.71 8.71
N ASP B 35 -1.18 -4.86 -16.78
CA ASP B 35 -2.01 -3.70 -17.10
C ASP B 35 -1.13 -2.49 -17.40
N GLU B 36 -1.62 -1.30 -17.10
CA GLU B 36 -0.93 -0.05 -17.42
C GLU B 36 -0.50 -0.09 -18.87
N GLY B 37 -1.43 -0.09 -19.83
CA GLY B 37 -1.19 0.14 -21.24
C GLY B 37 -0.57 1.52 -21.45
N ASP B 38 0.73 1.62 -21.20
CA ASP B 38 1.53 2.82 -21.34
C ASP B 38 1.78 3.08 -22.82
N PRO B 39 1.96 4.35 -23.13
CA PRO B 39 2.12 4.73 -24.53
C PRO B 39 3.52 4.32 -24.94
N PHE B 40 3.83 4.07 -26.20
CA PHE B 40 5.21 3.76 -26.54
C PHE B 40 5.40 4.06 -28.02
N PHE B 41 6.67 4.32 -28.35
CA PHE B 41 7.03 4.56 -29.73
C PHE B 41 7.65 3.24 -30.24
N VAL B 42 7.27 2.89 -31.47
CA VAL B 42 8.20 2.07 -32.27
C VAL B 42 9.05 2.96 -33.17
N ALA B 43 10.37 2.93 -33.02
CA ALA B 43 11.27 3.59 -33.96
C ALA B 43 11.94 2.64 -34.97
N ASP B 44 11.82 3.02 -36.26
CA ASP B 44 12.42 2.14 -37.29
C ASP B 44 13.72 2.72 -37.79
N LEU B 45 14.82 2.26 -37.14
CA LEU B 45 16.14 2.70 -37.60
C LEU B 45 16.39 2.47 -39.09
N GLY B 46 15.77 1.51 -39.75
CA GLY B 46 16.01 1.30 -41.17
C GLY B 46 15.51 2.47 -41.99
N ASP B 47 14.40 3.08 -41.52
CA ASP B 47 13.86 4.26 -42.18
C ASP B 47 14.94 5.35 -42.25
N ILE B 48 15.71 5.51 -41.17
CA ILE B 48 16.85 6.39 -41.16
C ILE B 48 17.84 6.00 -42.25
N VAL B 49 18.25 4.75 -42.37
CA VAL B 49 19.12 4.34 -43.48
C VAL B 49 18.58 4.65 -44.84
N ARG B 50 17.43 4.18 -45.26
CA ARG B 50 16.76 4.59 -46.49
C ARG B 50 16.83 6.09 -46.67
N LYS B 51 16.55 6.89 -45.63
CA LYS B 51 16.60 8.35 -45.81
C LYS B 51 17.97 8.85 -46.30
N HIS B 52 19.02 8.38 -45.67
CA HIS B 52 20.38 8.66 -46.01
C HIS B 52 20.68 8.25 -47.44
N GLU B 53 20.25 7.02 -47.74
CA GLU B 53 20.45 6.55 -49.12
C GLU B 53 19.87 7.58 -50.03
N THR B 54 18.65 8.05 -49.90
CA THR B 54 18.13 9.05 -50.85
C THR B 54 18.86 10.41 -50.84
N TRP B 55 19.26 10.86 -49.65
CA TRP B 55 20.05 12.04 -49.54
C TRP B 55 21.24 11.96 -50.50
N LYS B 56 22.14 11.01 -50.22
CA LYS B 56 23.23 10.73 -51.10
C LYS B 56 22.85 10.69 -52.56
N LYS B 57 21.76 10.09 -53.01
CA LYS B 57 21.45 10.06 -54.43
C LYS B 57 20.95 11.42 -54.89
N CYS B 58 20.18 12.19 -54.10
CA CYS B 58 19.65 13.41 -54.68
C CYS B 58 20.52 14.63 -54.38
N LEU B 59 21.42 14.55 -53.38
CA LEU B 59 22.24 15.70 -53.05
C LEU B 59 23.65 15.21 -52.78
N PRO B 60 24.27 14.66 -53.81
CA PRO B 60 25.62 14.13 -53.68
C PRO B 60 26.65 15.19 -53.42
N ARG B 61 26.48 16.46 -53.74
CA ARG B 61 27.52 17.44 -53.41
C ARG B 61 27.48 17.80 -51.93
N VAL B 62 26.45 17.40 -51.16
CA VAL B 62 26.14 18.02 -49.90
C VAL B 62 26.30 17.15 -48.67
N THR B 63 27.18 17.46 -47.70
CA THR B 63 27.42 16.62 -46.55
C THR B 63 26.49 16.98 -45.41
N PRO B 64 25.61 16.12 -44.94
CA PRO B 64 24.58 16.49 -43.99
C PRO B 64 25.12 16.57 -42.58
N PHE B 65 24.79 17.67 -41.91
CA PHE B 65 25.16 17.67 -40.47
C PHE B 65 23.83 17.53 -39.75
N TYR B 66 23.53 16.34 -39.17
CA TYR B 66 22.16 16.17 -38.66
C TYR B 66 21.87 17.18 -37.58
N ALA B 67 20.75 17.87 -37.64
CA ALA B 67 20.40 18.77 -36.50
C ALA B 67 19.91 17.97 -35.32
N VAL B 68 20.78 17.66 -34.36
CA VAL B 68 20.45 16.89 -33.18
C VAL B 68 19.28 17.48 -32.41
N LYS B 69 18.98 18.76 -32.35
CA LYS B 69 17.80 19.20 -31.61
C LYS B 69 16.53 18.58 -32.14
N CYS B 70 16.54 18.08 -33.36
CA CYS B 70 15.33 17.49 -33.91
C CYS B 70 14.88 16.32 -33.05
N ASN B 71 15.85 15.50 -32.67
CA ASN B 71 15.55 14.18 -32.08
C ASN B 71 16.93 13.65 -31.71
N ASP B 72 17.25 13.55 -30.44
CA ASP B 72 18.60 13.19 -30.03
C ASP B 72 18.64 11.84 -29.33
N ASP B 73 17.63 11.03 -29.66
CA ASP B 73 17.62 9.63 -29.17
C ASP B 73 18.99 9.02 -29.47
N TRP B 74 19.63 8.38 -28.49
CA TRP B 74 20.89 7.69 -28.67
C TRP B 74 20.95 6.70 -29.80
N ARG B 75 19.98 5.86 -30.06
CA ARG B 75 20.01 5.01 -31.26
C ARG B 75 19.91 5.88 -32.51
N VAL B 76 19.13 6.99 -32.50
CA VAL B 76 19.12 7.70 -33.79
C VAL B 76 20.49 8.35 -33.98
N LEU B 77 21.14 8.81 -32.92
CA LEU B 77 22.44 9.43 -33.07
C LEU B 77 23.45 8.41 -33.59
N GLY B 78 23.48 7.20 -33.02
CA GLY B 78 24.46 6.20 -33.36
C GLY B 78 24.26 5.72 -34.80
N THR B 79 22.98 5.44 -35.13
CA THR B 79 22.74 5.09 -36.54
C THR B 79 23.27 6.16 -37.48
N LEU B 80 23.00 7.46 -37.19
CA LEU B 80 23.44 8.49 -38.14
C LEU B 80 24.97 8.59 -38.12
N ALA B 81 25.53 8.37 -36.92
CA ALA B 81 26.99 8.45 -36.81
C ALA B 81 27.63 7.41 -37.69
N ALA B 82 27.18 6.17 -37.58
CA ALA B 82 27.53 5.04 -38.38
C ALA B 82 27.30 5.31 -39.85
N LEU B 83 26.20 5.95 -40.29
CA LEU B 83 26.17 6.17 -41.74
C LEU B 83 27.16 7.23 -42.20
N GLY B 84 27.85 7.91 -41.30
CA GLY B 84 28.88 8.87 -41.61
C GLY B 84 28.37 10.28 -41.81
N THR B 85 27.25 10.63 -41.21
CA THR B 85 26.67 11.95 -41.09
C THR B 85 27.53 12.88 -40.25
N GLY B 86 27.47 14.20 -40.46
CA GLY B 86 28.06 15.18 -39.56
C GLY B 86 27.02 15.45 -38.46
N PHE B 87 27.33 16.23 -37.42
CA PHE B 87 26.27 16.60 -36.48
C PHE B 87 26.21 18.12 -36.35
N ASP B 88 25.00 18.69 -36.32
CA ASP B 88 24.81 20.11 -36.08
C ASP B 88 24.35 20.22 -34.64
N CYS B 89 25.15 20.72 -33.74
CA CYS B 89 24.80 20.85 -32.35
C CYS B 89 24.61 22.29 -31.88
N ALA B 90 23.72 22.47 -30.90
CA ALA B 90 23.33 23.83 -30.56
C ALA B 90 23.67 24.27 -29.14
N SER B 91 24.23 23.35 -28.34
CA SER B 91 24.60 23.68 -26.99
C SER B 91 25.65 22.80 -26.41
N ASN B 92 26.12 23.07 -25.20
CA ASN B 92 27.20 22.18 -24.63
C ASN B 92 26.62 20.78 -24.49
N THR B 93 25.40 20.68 -23.97
CA THR B 93 24.76 19.36 -23.90
C THR B 93 24.75 18.60 -25.22
N GLU B 94 24.40 19.25 -26.35
CA GLU B 94 24.38 18.48 -27.59
C GLU B 94 25.82 18.17 -27.96
N ILE B 95 26.73 19.11 -27.94
CA ILE B 95 28.15 18.74 -28.03
C ILE B 95 28.51 17.54 -27.15
N GLN B 96 28.19 17.50 -25.83
CA GLN B 96 28.62 16.33 -25.09
C GLN B 96 27.97 15.06 -25.69
N ARG B 97 26.65 15.05 -25.86
CA ARG B 97 26.01 13.84 -26.29
C ARG B 97 26.65 13.22 -27.52
N VAL B 98 26.79 13.93 -28.65
CA VAL B 98 27.50 13.39 -29.79
C VAL B 98 28.96 13.14 -29.48
N ARG B 99 29.66 13.92 -28.68
CA ARG B 99 31.03 13.41 -28.37
C ARG B 99 30.90 12.11 -27.61
N GLY B 100 30.02 12.00 -26.63
CA GLY B 100 29.67 10.76 -25.99
C GLY B 100 29.67 9.55 -26.91
N ILE B 101 29.29 9.58 -28.18
CA ILE B 101 29.24 8.31 -28.94
C ILE B 101 30.47 8.21 -29.84
N GLY B 102 31.49 8.97 -29.52
CA GLY B 102 32.76 8.95 -30.22
C GLY B 102 32.72 9.46 -31.64
N VAL B 103 31.80 10.40 -31.91
CA VAL B 103 31.99 11.24 -33.11
C VAL B 103 33.04 12.29 -32.79
N PRO B 104 34.19 12.22 -33.47
CA PRO B 104 35.18 13.28 -33.31
C PRO B 104 34.65 14.67 -33.55
N PRO B 105 35.35 15.70 -33.06
CA PRO B 105 34.98 17.09 -33.18
C PRO B 105 34.79 17.56 -34.59
N GLU B 106 35.63 17.18 -35.53
CA GLU B 106 35.54 17.73 -36.88
C GLU B 106 34.18 17.43 -37.51
N LYS B 107 33.41 16.45 -37.02
CA LYS B 107 32.17 16.10 -37.68
C LYS B 107 31.06 16.90 -37.05
N ILE B 108 31.39 17.93 -36.27
CA ILE B 108 30.35 18.72 -35.61
C ILE B 108 30.42 20.16 -36.08
N ILE B 109 29.38 20.75 -36.57
CA ILE B 109 29.22 22.20 -36.66
C ILE B 109 28.38 22.70 -35.49
N TYR B 110 28.83 23.70 -34.75
CA TYR B 110 28.11 24.24 -33.59
C TYR B 110 27.25 25.37 -34.15
N ALA B 111 26.16 25.06 -34.87
CA ALA B 111 25.50 26.08 -35.68
C ALA B 111 24.47 26.87 -34.90
N ASN B 112 24.89 27.54 -33.83
CA ASN B 112 23.93 28.42 -33.09
C ASN B 112 24.53 29.80 -33.12
N PRO B 113 23.90 30.72 -33.80
CA PRO B 113 24.48 32.05 -33.92
C PRO B 113 24.58 32.72 -32.58
N CYS B 114 23.75 32.54 -31.58
CA CYS B 114 23.92 33.34 -30.35
C CYS B 114 24.24 32.47 -29.15
N LYS B 115 25.50 32.18 -28.89
CA LYS B 115 25.97 31.30 -27.85
C LYS B 115 26.33 31.94 -26.53
N GLN B 116 25.92 31.36 -25.39
CA GLN B 116 26.41 31.81 -24.07
C GLN B 116 27.95 31.71 -24.02
N ILE B 117 28.64 32.65 -23.36
CA ILE B 117 30.08 32.66 -23.55
C ILE B 117 30.64 31.40 -22.95
N SER B 118 30.17 30.85 -21.87
CA SER B 118 30.75 29.61 -21.36
C SER B 118 30.50 28.44 -22.30
N HIS B 119 29.40 28.44 -23.04
CA HIS B 119 29.19 27.35 -24.00
C HIS B 119 30.24 27.44 -25.10
N ILE B 120 30.59 28.69 -25.51
CA ILE B 120 31.70 28.76 -26.47
C ILE B 120 32.95 28.12 -25.84
N ARG B 121 33.13 28.47 -24.53
CA ARG B 121 34.35 27.96 -23.92
C ARG B 121 34.42 26.44 -24.04
N TYR B 122 33.28 25.82 -23.74
CA TYR B 122 33.14 24.39 -23.84
C TYR B 122 33.49 23.89 -25.23
N ALA B 123 32.86 24.50 -26.24
CA ALA B 123 33.15 23.96 -27.58
C ALA B 123 34.65 24.08 -27.82
N ARG B 124 35.26 25.22 -27.47
CA ARG B 124 36.72 25.36 -27.65
C ARG B 124 37.41 24.23 -26.91
N ASP B 125 37.00 23.90 -25.69
CA ASP B 125 37.67 22.77 -25.04
C ASP B 125 37.24 21.45 -25.63
N SER B 126 36.30 21.24 -26.53
CA SER B 126 36.03 19.87 -26.96
C SER B 126 36.54 19.58 -28.38
N GLY B 127 37.28 20.55 -28.95
CA GLY B 127 37.70 20.33 -30.32
C GLY B 127 36.76 20.98 -31.32
N VAL B 128 35.60 21.52 -30.89
CA VAL B 128 34.66 22.02 -31.88
C VAL B 128 35.05 23.41 -32.30
N ASP B 129 35.42 23.63 -33.55
CA ASP B 129 35.91 24.91 -34.00
C ASP B 129 35.09 25.60 -35.06
N VAL B 130 34.09 25.03 -35.67
CA VAL B 130 33.30 25.74 -36.68
C VAL B 130 32.03 26.18 -35.97
N MET B 131 31.81 27.44 -35.76
CA MET B 131 30.55 27.94 -35.23
C MET B 131 29.90 28.84 -36.25
N THR B 132 28.65 29.24 -36.08
CA THR B 132 28.15 30.33 -36.94
C THR B 132 27.93 31.59 -36.13
N PHE B 133 27.51 32.64 -36.83
CA PHE B 133 27.22 33.93 -36.23
C PHE B 133 26.42 34.78 -37.21
N ASP B 134 25.82 35.88 -36.74
CA ASP B 134 25.02 36.66 -37.68
C ASP B 134 25.15 38.13 -37.40
N CYS B 135 26.14 38.51 -36.60
CA CYS B 135 26.26 39.91 -36.12
C CYS B 135 27.59 40.09 -35.41
N VAL B 136 27.95 41.31 -35.03
CA VAL B 136 29.35 41.62 -34.77
C VAL B 136 29.60 41.47 -33.28
N ASP B 137 28.56 41.76 -32.52
CA ASP B 137 28.57 41.48 -31.09
C ASP B 137 29.05 40.08 -30.79
N GLU B 138 28.66 39.04 -31.55
CA GLU B 138 29.05 37.66 -31.25
C GLU B 138 30.53 37.46 -31.52
N LEU B 139 31.02 38.19 -32.51
CA LEU B 139 32.38 38.12 -33.01
C LEU B 139 33.28 38.59 -31.88
N GLU B 140 32.85 39.64 -31.19
CA GLU B 140 33.59 40.19 -30.05
C GLU B 140 33.71 39.17 -28.94
N LYS B 141 32.61 38.44 -28.64
CA LYS B 141 32.66 37.26 -27.79
C LYS B 141 33.72 36.30 -28.32
N VAL B 142 33.65 36.09 -29.65
CA VAL B 142 34.43 34.97 -30.14
C VAL B 142 35.92 35.31 -30.08
N ALA B 143 36.25 36.53 -30.51
CA ALA B 143 37.60 37.06 -30.30
C ALA B 143 38.07 36.80 -28.86
N LYS B 144 37.28 37.12 -27.83
CA LYS B 144 37.72 36.98 -26.47
C LYS B 144 37.68 35.55 -25.98
N THR B 145 37.00 34.59 -26.62
CA THR B 145 36.85 33.25 -26.00
C THR B 145 37.33 32.05 -26.80
N HIS B 146 37.29 32.19 -28.13
CA HIS B 146 37.66 31.11 -29.03
C HIS B 146 38.27 31.67 -30.31
N PRO B 147 39.45 32.28 -30.14
CA PRO B 147 39.94 33.21 -31.14
C PRO B 147 40.38 32.54 -32.42
N LYS B 148 40.59 31.24 -32.52
CA LYS B 148 41.03 30.70 -33.82
C LYS B 148 39.87 29.91 -34.45
N ALA B 149 38.65 30.09 -33.95
CA ALA B 149 37.49 29.29 -34.38
C ALA B 149 37.16 29.47 -35.84
N LYS B 150 36.67 28.50 -36.56
CA LYS B 150 36.28 28.79 -37.93
C LYS B 150 34.83 29.30 -38.01
N MET B 151 34.63 30.60 -38.33
CA MET B 151 33.31 31.17 -38.17
C MET B 151 32.52 31.19 -39.47
N VAL B 152 31.28 30.64 -39.50
CA VAL B 152 30.47 30.63 -40.70
C VAL B 152 29.41 31.72 -40.58
N LEU B 153 29.16 32.60 -41.52
CA LEU B 153 28.31 33.77 -41.40
C LEU B 153 26.92 33.43 -41.89
N ARG B 154 25.89 33.62 -41.08
CA ARG B 154 24.57 33.06 -41.49
C ARG B 154 23.71 34.22 -42.01
N ILE B 155 23.01 34.11 -43.13
CA ILE B 155 22.41 35.30 -43.70
C ILE B 155 20.91 35.12 -43.62
N SER B 156 20.14 36.20 -43.41
CA SER B 156 18.68 36.01 -43.39
C SER B 156 18.16 35.57 -44.73
N THR B 157 16.94 35.07 -44.84
CA THR B 157 16.56 34.19 -45.96
C THR B 157 15.19 34.47 -46.55
N LEU B 166 12.43 32.72 -42.67
CA LEU B 166 13.18 32.08 -41.58
C LEU B 166 13.01 32.88 -40.28
N SER B 167 13.66 34.05 -40.22
CA SER B 167 13.60 34.83 -39.00
C SER B 167 14.04 36.29 -39.02
N VAL B 168 13.21 37.03 -38.25
CA VAL B 168 13.65 38.14 -37.43
C VAL B 168 14.63 37.67 -36.39
N LYS B 169 14.54 36.46 -35.85
CA LYS B 169 15.44 36.01 -34.77
C LYS B 169 16.85 35.81 -35.30
N PHE B 170 17.05 35.17 -36.44
CA PHE B 170 18.42 34.84 -36.86
C PHE B 170 18.77 35.29 -38.26
N GLY B 171 20.04 35.56 -38.51
CA GLY B 171 20.46 35.77 -39.91
C GLY B 171 20.80 37.22 -40.23
N ALA B 172 22.04 37.46 -40.66
CA ALA B 172 22.40 38.79 -41.14
C ALA B 172 21.63 39.13 -42.40
N LYS B 173 21.01 40.28 -42.55
CA LYS B 173 20.63 40.82 -43.85
C LYS B 173 21.82 41.03 -44.78
N VAL B 174 21.61 40.93 -46.12
CA VAL B 174 22.82 40.90 -46.97
C VAL B 174 23.38 42.30 -47.11
N GLU B 175 22.60 43.34 -47.02
CA GLU B 175 22.96 44.73 -46.77
C GLU B 175 24.04 44.90 -45.69
N ASP B 176 24.07 44.06 -44.63
CA ASP B 176 24.91 44.37 -43.49
C ASP B 176 26.18 43.51 -43.53
N CYS B 177 26.31 42.71 -44.58
CA CYS B 177 27.41 41.73 -44.47
C CYS B 177 28.74 42.44 -44.59
N ARG B 178 28.86 43.38 -45.52
CA ARG B 178 30.16 44.06 -45.70
C ARG B 178 30.62 44.68 -44.38
N PHE B 179 29.68 45.35 -43.70
CA PHE B 179 30.14 46.01 -42.44
C PHE B 179 30.55 44.94 -41.44
N ILE B 180 29.69 43.92 -41.34
CA ILE B 180 29.95 42.78 -40.51
C ILE B 180 31.33 42.20 -40.79
N LEU B 181 31.63 41.94 -42.05
CA LEU B 181 32.91 41.34 -42.44
C LEU B 181 34.09 42.29 -42.27
N GLU B 182 33.93 43.62 -42.46
CA GLU B 182 34.97 44.54 -42.00
C GLU B 182 35.21 44.50 -40.50
N GLN B 183 34.18 44.60 -39.69
CA GLN B 183 34.33 44.36 -38.25
C GLN B 183 34.98 43.02 -37.96
N ALA B 184 34.67 41.98 -38.77
CA ALA B 184 35.26 40.68 -38.47
C ALA B 184 36.78 40.73 -38.59
N LYS B 185 37.17 41.45 -39.64
CA LYS B 185 38.59 41.68 -39.93
C LYS B 185 39.31 42.41 -38.78
N LYS B 186 38.66 43.45 -38.22
CA LYS B 186 39.33 44.15 -37.13
C LYS B 186 39.49 43.16 -35.99
N LEU B 187 38.50 42.28 -35.78
CA LEU B 187 38.62 41.32 -34.68
C LEU B 187 39.47 40.16 -35.09
N ASN B 188 39.98 40.08 -36.32
CA ASN B 188 40.88 39.00 -36.76
C ASN B 188 40.22 37.63 -36.77
N ILE B 189 38.91 37.64 -37.04
CA ILE B 189 38.12 36.44 -37.10
C ILE B 189 38.48 35.60 -38.32
N ASP B 190 38.57 34.27 -38.12
CA ASP B 190 38.68 33.46 -39.35
C ASP B 190 37.31 33.09 -39.91
N VAL B 191 36.64 33.95 -40.66
CA VAL B 191 35.40 33.67 -41.30
C VAL B 191 35.55 32.70 -42.47
N THR B 192 34.96 31.50 -42.47
CA THR B 192 35.29 30.53 -43.51
C THR B 192 34.09 30.08 -44.36
N GLY B 193 32.95 30.77 -44.22
CA GLY B 193 31.86 30.46 -45.12
C GLY B 193 30.52 31.11 -44.80
N VAL B 194 29.46 30.67 -45.51
CA VAL B 194 28.16 31.31 -45.42
C VAL B 194 27.12 30.23 -45.20
N SER B 195 26.04 30.57 -44.53
CA SER B 195 25.01 29.56 -44.32
C SER B 195 23.69 30.32 -44.19
N PHE B 196 22.62 29.61 -44.49
CA PHE B 196 21.29 30.20 -44.35
C PHE B 196 20.42 29.02 -43.95
N HIS B 197 19.12 29.28 -43.81
CA HIS B 197 18.21 28.32 -43.25
C HIS B 197 16.85 28.84 -43.66
N VAL B 198 16.43 28.42 -44.84
CA VAL B 198 15.08 28.56 -45.36
C VAL B 198 13.94 28.28 -44.39
N GLY B 199 14.08 27.34 -43.44
CA GLY B 199 12.96 27.17 -42.54
C GLY B 199 12.13 25.97 -42.97
N SER B 200 11.33 25.48 -42.02
CA SER B 200 10.92 24.09 -42.08
C SER B 200 9.65 23.85 -42.87
N GLY B 201 9.13 24.70 -43.74
CA GLY B 201 7.94 24.39 -44.47
C GLY B 201 7.68 25.15 -45.76
N SER B 202 8.75 25.40 -46.53
CA SER B 202 8.60 26.21 -47.74
C SER B 202 7.52 25.63 -48.64
N THR B 203 6.83 26.49 -49.41
CA THR B 203 5.88 25.97 -50.39
C THR B 203 6.45 26.06 -51.80
N ASP B 204 7.46 26.93 -51.96
CA ASP B 204 8.21 26.97 -53.20
C ASP B 204 9.68 26.72 -52.95
N ALA B 205 10.31 25.92 -53.81
CA ALA B 205 11.71 25.57 -53.70
C ALA B 205 12.63 26.74 -54.02
N SER B 206 12.07 27.76 -54.67
CA SER B 206 12.85 28.90 -55.10
C SER B 206 13.66 29.57 -54.01
N THR B 207 13.14 29.65 -52.82
CA THR B 207 13.82 30.15 -51.65
C THR B 207 15.23 29.62 -51.48
N PHE B 208 15.43 28.31 -51.48
CA PHE B 208 16.76 27.74 -51.63
C PHE B 208 17.55 28.42 -52.72
N ALA B 209 17.05 28.48 -53.92
CA ALA B 209 17.77 29.05 -55.06
C ALA B 209 18.07 30.51 -54.77
N GLN B 210 17.09 31.22 -54.20
CA GLN B 210 17.34 32.63 -53.84
C GLN B 210 18.49 32.71 -52.83
N ALA B 211 18.42 31.84 -51.82
CA ALA B 211 19.33 31.87 -50.69
C ALA B 211 20.75 31.61 -51.19
N ILE B 212 20.83 30.72 -52.21
CA ILE B 212 22.14 30.26 -52.65
C ILE B 212 22.82 31.37 -53.42
N SER B 213 22.04 32.05 -54.25
CA SER B 213 22.52 33.23 -54.97
C SER B 213 23.00 34.21 -53.94
N ASP B 214 22.18 34.53 -52.95
CA ASP B 214 22.58 35.50 -51.93
C ASP B 214 23.88 35.05 -51.29
N SER B 215 24.00 33.74 -51.02
CA SER B 215 25.23 33.20 -50.48
C SER B 215 26.46 33.45 -51.33
N ARG B 216 26.34 33.31 -52.62
CA ARG B 216 27.42 33.73 -53.51
C ARG B 216 27.83 35.19 -53.31
N PHE B 217 26.89 36.12 -53.13
CA PHE B 217 27.29 37.53 -52.96
C PHE B 217 28.15 37.73 -51.72
N VAL B 218 27.71 37.27 -50.56
CA VAL B 218 28.47 37.39 -49.32
C VAL B 218 29.73 36.54 -49.36
N PHE B 219 29.71 35.34 -49.98
CA PHE B 219 30.92 34.58 -50.22
C PHE B 219 31.96 35.44 -50.94
N ASP B 220 31.51 36.04 -52.07
CA ASP B 220 32.39 36.96 -52.75
C ASP B 220 32.90 38.13 -51.93
N MET B 221 32.11 38.79 -51.10
CA MET B 221 32.69 39.84 -50.26
C MET B 221 33.73 39.17 -49.34
N GLY B 222 33.40 37.97 -48.88
CA GLY B 222 34.33 37.25 -48.03
C GLY B 222 35.72 37.26 -48.65
N THR B 223 35.78 36.70 -49.84
CA THR B 223 37.06 36.63 -50.56
C THR B 223 37.68 37.99 -50.83
N GLU B 224 36.91 38.93 -51.36
CA GLU B 224 37.37 40.27 -51.62
C GLU B 224 38.11 40.79 -50.40
N LEU B 225 37.61 40.70 -49.19
CA LEU B 225 38.21 41.27 -48.01
C LEU B 225 39.26 40.34 -47.40
N GLY B 226 39.58 39.23 -48.03
CA GLY B 226 40.80 38.54 -47.64
C GLY B 226 40.55 37.31 -46.78
N PHE B 227 39.26 37.01 -46.61
CA PHE B 227 38.90 35.87 -45.76
C PHE B 227 38.99 34.58 -46.56
N ASN B 228 39.38 33.47 -45.95
CA ASN B 228 39.38 32.20 -46.64
C ASN B 228 38.01 31.55 -46.55
N MET B 229 37.14 31.91 -47.47
CA MET B 229 35.78 31.35 -47.57
C MET B 229 35.79 30.04 -48.36
N HIS B 230 35.52 28.92 -47.69
CA HIS B 230 35.35 27.71 -48.52
C HIS B 230 34.24 26.82 -48.02
N ILE B 231 33.31 27.27 -47.19
CA ILE B 231 32.20 26.40 -46.81
C ILE B 231 30.86 27.08 -47.09
N LEU B 232 29.98 26.30 -47.75
CA LEU B 232 28.61 26.81 -47.98
C LEU B 232 27.71 25.86 -47.19
N ASP B 233 27.01 26.42 -46.20
CA ASP B 233 26.10 25.54 -45.45
C ASP B 233 24.66 25.87 -45.86
N ILE B 234 23.95 25.03 -46.60
CA ILE B 234 22.59 25.40 -47.02
C ILE B 234 21.54 25.03 -45.96
N GLY B 235 21.82 24.87 -44.69
CA GLY B 235 20.79 24.69 -43.72
C GLY B 235 19.84 23.52 -43.80
N GLY B 236 18.67 23.69 -43.16
CA GLY B 236 17.70 22.63 -42.86
C GLY B 236 16.36 22.93 -43.55
N GLY B 237 15.24 22.32 -43.18
CA GLY B 237 13.96 22.49 -43.78
C GLY B 237 13.44 21.48 -44.77
N PHE B 238 14.15 20.38 -45.05
CA PHE B 238 13.61 19.46 -46.09
C PHE B 238 12.50 18.66 -45.50
N PRO B 239 11.62 18.07 -46.32
CA PRO B 239 10.48 17.31 -45.80
C PRO B 239 10.95 15.97 -45.32
N GLY B 240 10.37 15.46 -44.24
CA GLY B 240 10.81 14.20 -43.63
C GLY B 240 9.76 13.09 -43.79
N THR B 241 8.67 13.47 -44.43
CA THR B 241 7.63 12.52 -44.82
C THR B 241 7.64 12.53 -46.33
N ARG B 242 7.85 11.38 -46.97
CA ARG B 242 8.05 11.22 -48.39
C ARG B 242 6.80 11.44 -49.26
N ASP B 243 5.75 12.02 -48.73
CA ASP B 243 4.50 12.38 -49.34
C ASP B 243 4.06 13.74 -48.79
N ALA B 244 5.04 14.63 -48.62
CA ALA B 244 4.66 16.03 -48.36
C ALA B 244 4.27 16.65 -49.69
N PRO B 245 3.68 17.84 -49.64
CA PRO B 245 3.24 18.53 -50.85
C PRO B 245 4.37 18.88 -51.79
N LEU B 246 5.39 19.53 -51.22
CA LEU B 246 6.64 19.86 -51.93
C LEU B 246 7.65 18.78 -51.64
N LYS B 247 7.86 17.83 -52.52
CA LYS B 247 8.72 16.67 -52.23
C LYS B 247 10.20 17.01 -52.14
N PHE B 248 10.95 16.35 -51.25
CA PHE B 248 12.41 16.36 -51.27
C PHE B 248 13.04 16.49 -52.65
N GLU B 249 12.68 15.65 -53.60
CA GLU B 249 13.26 15.62 -54.93
C GLU B 249 13.12 16.95 -55.67
N GLU B 250 11.99 17.65 -55.66
CA GLU B 250 12.01 18.97 -56.31
C GLU B 250 13.10 19.83 -55.68
N ILE B 251 12.98 19.98 -54.35
CA ILE B 251 14.01 20.70 -53.60
C ILE B 251 15.41 20.31 -54.01
N ALA B 252 15.78 19.04 -53.97
CA ALA B 252 17.13 18.65 -54.38
C ALA B 252 17.40 19.19 -55.80
N GLY B 253 16.42 19.24 -56.70
CA GLY B 253 16.71 19.67 -58.06
C GLY B 253 16.96 21.18 -58.14
N VAL B 254 16.15 21.95 -57.42
CA VAL B 254 16.41 23.41 -57.42
C VAL B 254 17.75 23.66 -56.73
N ILE B 255 18.01 22.99 -55.59
CA ILE B 255 19.32 23.21 -54.97
C ILE B 255 20.41 22.92 -56.01
N ASN B 256 20.37 21.75 -56.66
CA ASN B 256 21.47 21.37 -57.53
C ASN B 256 21.64 22.35 -58.68
N ASN B 257 20.54 22.81 -59.30
CA ASN B 257 20.69 23.84 -60.32
C ASN B 257 21.30 25.07 -59.70
N ALA B 258 20.88 25.56 -58.54
CA ALA B 258 21.46 26.77 -57.97
C ALA B 258 22.97 26.58 -57.75
N LEU B 259 23.25 25.43 -57.13
CA LEU B 259 24.63 25.07 -56.81
C LEU B 259 25.48 25.11 -58.07
N GLU B 260 25.05 24.47 -59.15
CA GLU B 260 25.87 24.46 -60.36
C GLU B 260 26.09 25.86 -60.90
N LYS B 261 25.16 26.77 -60.83
CA LYS B 261 25.24 28.12 -61.34
C LYS B 261 26.08 29.06 -60.51
N HIS B 262 26.09 28.97 -59.18
CA HIS B 262 26.75 29.93 -58.31
C HIS B 262 27.95 29.36 -57.58
N PHE B 263 28.02 28.02 -57.51
CA PHE B 263 29.03 27.32 -56.73
C PHE B 263 29.50 26.08 -57.46
N PRO B 264 30.07 26.28 -58.64
CA PRO B 264 30.73 25.21 -59.38
C PRO B 264 31.67 24.40 -58.50
N PRO B 265 31.64 23.09 -58.68
CA PRO B 265 32.56 22.21 -57.96
C PRO B 265 33.96 22.79 -57.95
N ASP B 266 34.61 22.68 -56.83
CA ASP B 266 35.98 23.03 -56.56
C ASP B 266 36.61 22.23 -55.44
N LEU B 267 37.82 21.72 -55.53
CA LEU B 267 38.43 21.00 -54.43
C LEU B 267 38.51 21.85 -53.16
N LYS B 268 38.64 23.17 -53.22
CA LYS B 268 38.61 24.01 -52.05
C LYS B 268 37.21 24.20 -51.50
N LEU B 269 36.10 23.90 -52.13
CA LEU B 269 34.79 24.26 -51.60
C LEU B 269 34.09 23.04 -51.03
N THR B 270 33.54 23.04 -49.83
CA THR B 270 32.60 22.05 -49.33
C THR B 270 31.19 22.59 -49.05
N ILE B 271 30.21 21.93 -49.65
CA ILE B 271 28.82 22.26 -49.41
C ILE B 271 28.28 21.41 -48.28
N VAL B 272 27.50 21.94 -47.38
CA VAL B 272 27.14 21.21 -46.15
C VAL B 272 25.67 21.49 -45.92
N ALA B 273 24.96 20.71 -45.08
CA ALA B 273 23.61 21.14 -44.74
C ALA B 273 23.34 20.70 -43.32
N GLU B 274 22.14 20.97 -42.86
CA GLU B 274 21.79 20.76 -41.45
C GLU B 274 20.37 20.19 -41.42
N PRO B 275 20.13 19.16 -42.25
CA PRO B 275 18.82 18.56 -42.23
C PRO B 275 18.51 17.99 -40.85
N GLY B 276 17.30 18.28 -40.35
CA GLY B 276 16.78 17.82 -39.07
C GLY B 276 15.67 16.80 -39.35
N ARG B 277 14.47 17.23 -39.67
CA ARG B 277 13.32 16.36 -39.84
C ARG B 277 13.42 15.37 -41.00
N TYR B 278 14.17 15.74 -42.02
CA TYR B 278 14.51 14.89 -43.14
C TYR B 278 14.79 13.47 -42.68
N TYR B 279 15.73 13.37 -41.77
CA TYR B 279 16.23 12.08 -41.35
C TYR B 279 15.26 11.35 -40.45
N VAL B 280 14.39 11.99 -39.68
CA VAL B 280 13.70 11.22 -38.61
C VAL B 280 12.19 11.34 -38.63
N ALA B 281 11.54 12.35 -39.20
CA ALA B 281 10.09 12.51 -39.10
C ALA B 281 9.39 11.16 -39.13
N SER B 282 9.48 10.45 -40.25
CA SER B 282 8.63 9.28 -40.44
C SER B 282 9.23 8.05 -39.81
N ALA B 283 10.25 8.02 -38.99
CA ALA B 283 10.87 6.83 -38.49
C ALA B 283 10.23 6.32 -37.21
N PHE B 284 9.39 7.16 -36.60
CA PHE B 284 8.92 6.90 -35.23
C PHE B 284 7.41 6.83 -35.33
N THR B 285 6.75 5.84 -34.74
CA THR B 285 5.32 5.82 -34.73
C THR B 285 4.89 5.75 -33.29
N LEU B 286 3.84 6.50 -32.98
CA LEU B 286 3.40 6.51 -31.59
C LEU B 286 2.15 5.67 -31.46
N ALA B 287 2.13 4.80 -30.48
CA ALA B 287 0.92 4.12 -30.04
C ALA B 287 0.53 4.62 -28.67
N VAL B 288 -0.72 4.98 -28.53
CA VAL B 288 -1.32 5.67 -27.36
C VAL B 288 -2.57 4.93 -26.98
N ASN B 289 -2.79 4.54 -25.74
CA ASN B 289 -3.97 3.82 -25.28
C ASN B 289 -5.19 4.68 -24.96
N VAL B 290 -6.38 4.29 -25.42
CA VAL B 290 -7.49 5.23 -25.10
C VAL B 290 -7.87 4.95 -23.63
N ILE B 291 -7.58 5.97 -22.79
CA ILE B 291 -7.74 5.70 -21.37
C ILE B 291 -9.13 6.10 -20.92
N ALA B 292 -9.91 6.77 -21.71
CA ALA B 292 -11.16 7.37 -21.30
C ALA B 292 -12.04 7.80 -22.44
N LYS B 293 -13.35 7.74 -22.28
CA LYS B 293 -14.32 7.74 -23.38
C LYS B 293 -15.55 8.54 -23.06
N LYS B 294 -15.98 9.44 -23.89
CA LYS B 294 -17.20 10.20 -23.68
C LYS B 294 -18.07 10.13 -24.94
N VAL B 295 -19.35 9.92 -24.65
CA VAL B 295 -20.32 9.87 -25.73
C VAL B 295 -21.23 11.09 -25.69
N THR B 296 -21.36 11.87 -26.77
CA THR B 296 -22.50 12.78 -26.82
C THR B 296 -23.58 12.28 -27.79
N PRO B 297 -24.79 12.16 -27.23
CA PRO B 297 -25.96 11.73 -27.97
C PRO B 297 -26.04 12.31 -29.37
N ALA B 311 -26.16 12.27 -35.11
CA ALA B 311 -25.57 13.30 -34.27
C ALA B 311 -24.35 12.79 -33.50
N GLN B 312 -24.54 11.72 -32.74
CA GLN B 312 -23.52 10.87 -32.17
C GLN B 312 -22.09 11.30 -32.45
N SER B 313 -21.38 11.65 -31.40
CA SER B 313 -20.02 12.07 -31.32
C SER B 313 -19.33 11.47 -30.10
N PHE B 314 -18.01 11.28 -30.24
CA PHE B 314 -17.21 10.65 -29.20
C PHE B 314 -16.03 11.50 -28.75
N MET B 315 -15.71 11.46 -27.45
CA MET B 315 -14.47 12.06 -26.96
C MET B 315 -13.55 10.99 -26.43
N TYR B 316 -12.38 10.87 -26.99
CA TYR B 316 -11.39 9.89 -26.58
C TYR B 316 -10.24 10.58 -25.85
N TYR B 317 -9.95 10.07 -24.67
CA TYR B 317 -8.86 10.57 -23.86
C TYR B 317 -7.72 9.55 -23.97
N VAL B 318 -6.55 10.02 -24.32
CA VAL B 318 -5.42 9.11 -24.47
C VAL B 318 -4.28 9.48 -23.56
N ASN B 319 -3.24 8.66 -23.51
CA ASN B 319 -2.29 8.82 -22.40
C ASN B 319 -0.96 9.38 -22.84
N ASP B 320 -0.93 10.22 -23.86
CA ASP B 320 0.12 11.19 -24.14
C ASP B 320 -0.53 12.41 -24.77
N GLY B 321 0.01 13.60 -24.83
CA GLY B 321 -0.78 14.72 -25.33
C GLY B 321 0.13 15.93 -25.51
N VAL B 322 -0.41 17.15 -25.60
CA VAL B 322 0.42 18.30 -25.91
C VAL B 322 1.48 18.70 -24.88
N TYR B 323 1.55 18.22 -23.65
CA TYR B 323 2.70 18.45 -22.81
C TYR B 323 3.72 17.35 -23.05
N GLY B 324 3.41 16.42 -23.94
CA GLY B 324 4.33 15.26 -24.03
C GLY B 324 4.72 15.19 -25.51
N SER B 325 4.54 14.03 -26.11
CA SER B 325 4.91 13.91 -27.52
C SER B 325 4.14 14.87 -28.39
N PHE B 326 2.95 15.38 -28.16
CA PHE B 326 2.27 16.25 -29.11
C PHE B 326 2.58 17.74 -28.87
N ASN B 327 3.68 18.02 -28.18
CA ASN B 327 4.08 19.41 -28.01
C ASN B 327 4.24 20.05 -29.39
N CYS B 328 4.74 19.25 -30.34
CA CYS B 328 4.70 19.50 -31.75
C CYS B 328 3.43 20.15 -32.21
N ILE B 329 2.23 19.87 -31.73
CA ILE B 329 1.10 20.73 -32.11
C ILE B 329 1.36 22.18 -31.67
N LEU B 330 1.69 22.49 -30.42
CA LEU B 330 2.03 23.85 -30.11
C LEU B 330 3.33 24.40 -30.73
N TYR B 331 4.51 23.80 -30.55
CA TYR B 331 5.73 24.44 -31.03
C TYR B 331 6.09 24.15 -32.48
N ASP B 332 5.64 23.06 -33.11
CA ASP B 332 6.05 22.73 -34.47
C ASP B 332 4.96 22.87 -35.52
N HIS B 333 3.83 23.53 -35.29
CA HIS B 333 2.74 23.53 -36.25
C HIS B 333 2.33 22.16 -36.77
N ALA B 334 2.48 21.05 -36.04
CA ALA B 334 2.16 19.71 -36.48
C ALA B 334 0.67 19.51 -36.60
N VAL B 335 0.22 18.81 -37.63
CA VAL B 335 -1.13 18.27 -37.58
C VAL B 335 -1.03 16.75 -37.58
N VAL B 336 -1.90 16.08 -36.84
CA VAL B 336 -1.72 14.66 -36.59
C VAL B 336 -2.93 13.89 -37.05
N ARG B 337 -2.73 12.65 -37.51
CA ARG B 337 -3.86 11.82 -37.91
C ARG B 337 -3.92 10.56 -37.05
N PRO B 338 -4.92 10.46 -36.19
CA PRO B 338 -5.17 9.27 -35.40
C PRO B 338 -5.61 8.05 -36.18
N LEU B 339 -4.83 7.00 -36.22
CA LEU B 339 -5.22 5.74 -36.83
C LEU B 339 -5.52 4.66 -35.77
N PRO B 340 -6.71 4.08 -35.84
CA PRO B 340 -7.04 2.95 -34.97
C PRO B 340 -6.17 1.76 -35.36
N GLN B 341 -5.59 1.04 -34.42
CA GLN B 341 -4.73 -0.07 -34.81
C GLN B 341 -5.51 -1.34 -35.10
N ARG B 342 -6.73 -1.50 -34.61
CA ARG B 342 -7.62 -2.56 -35.09
C ARG B 342 -7.79 -2.36 -36.59
N GLU B 343 -7.72 -3.44 -37.36
CA GLU B 343 -7.94 -3.34 -38.80
C GLU B 343 -9.38 -2.98 -39.11
N PRO B 344 -9.55 -2.08 -40.08
CA PRO B 344 -10.86 -1.63 -40.53
C PRO B 344 -11.79 -2.79 -40.84
N ILE B 345 -12.99 -2.73 -40.29
CA ILE B 345 -14.02 -3.74 -40.49
C ILE B 345 -15.03 -3.28 -41.52
N PRO B 346 -15.31 -4.14 -42.49
CA PRO B 346 -16.10 -3.78 -43.66
C PRO B 346 -17.41 -3.15 -43.25
N ASN B 347 -17.77 -2.03 -43.85
CA ASN B 347 -19.01 -1.32 -43.59
C ASN B 347 -19.00 -0.38 -42.39
N GLU B 348 -17.99 -0.38 -41.56
CA GLU B 348 -17.91 0.25 -40.25
C GLU B 348 -18.55 1.63 -40.14
N LYS B 349 -19.22 1.86 -39.02
CA LYS B 349 -19.77 3.19 -38.75
C LYS B 349 -18.68 4.10 -38.20
N LEU B 350 -18.63 5.31 -38.71
CA LEU B 350 -17.61 6.30 -38.39
C LEU B 350 -18.23 7.58 -37.83
N TYR B 351 -17.67 8.16 -36.77
CA TYR B 351 -18.34 9.31 -36.16
C TYR B 351 -17.33 10.42 -35.89
N PRO B 352 -17.71 11.69 -35.97
CA PRO B 352 -16.82 12.77 -35.57
C PRO B 352 -16.23 12.57 -34.18
N SER B 353 -14.91 12.66 -34.05
CA SER B 353 -14.33 12.44 -32.72
C SER B 353 -13.25 13.46 -32.38
N SER B 354 -13.18 13.81 -31.09
CA SER B 354 -11.99 14.51 -30.60
C SER B 354 -11.11 13.52 -29.84
N VAL B 355 -9.79 13.70 -29.90
CA VAL B 355 -8.95 12.92 -28.95
C VAL B 355 -8.11 13.90 -28.15
N TRP B 356 -8.06 13.67 -26.84
CA TRP B 356 -7.60 14.58 -25.82
C TRP B 356 -6.44 13.96 -25.06
N GLY B 357 -5.43 14.67 -24.61
CA GLY B 357 -4.28 14.06 -23.92
C GLY B 357 -4.59 13.98 -22.46
N PRO B 358 -3.74 13.40 -21.63
CA PRO B 358 -4.14 12.91 -20.32
C PRO B 358 -4.27 13.99 -19.26
N THR B 359 -3.61 15.10 -19.50
CA THR B 359 -3.46 16.23 -18.57
C THR B 359 -4.78 16.90 -18.26
N CYS B 360 -4.77 17.66 -17.17
CA CYS B 360 -5.97 18.26 -16.63
C CYS B 360 -6.35 19.58 -17.29
N ASP B 361 -5.70 19.95 -18.34
CA ASP B 361 -5.80 21.22 -19.02
C ASP B 361 -6.71 21.10 -20.20
N GLY B 362 -7.62 22.07 -20.36
CA GLY B 362 -8.57 22.14 -21.46
C GLY B 362 -7.86 22.38 -22.76
N LEU B 363 -6.64 22.93 -22.76
CA LEU B 363 -5.98 23.22 -24.04
C LEU B 363 -5.20 22.02 -24.53
N ASP B 364 -5.12 20.99 -23.69
CA ASP B 364 -4.38 19.78 -24.03
C ASP B 364 -5.27 18.91 -24.92
N GLN B 365 -5.40 19.26 -26.17
CA GLN B 365 -6.30 18.60 -27.10
C GLN B 365 -5.51 18.20 -28.33
N ILE B 366 -5.68 17.02 -28.90
CA ILE B 366 -4.80 16.54 -29.95
C ILE B 366 -5.58 16.71 -31.26
N VAL B 367 -6.88 16.46 -31.29
CA VAL B 367 -7.62 16.42 -32.56
C VAL B 367 -9.03 16.96 -32.35
N GLU B 368 -9.55 17.82 -33.22
CA GLU B 368 -10.81 18.50 -32.87
C GLU B 368 -11.94 17.67 -33.47
N ARG B 369 -11.79 17.19 -34.68
CA ARG B 369 -12.89 16.46 -35.30
C ARG B 369 -12.31 15.56 -36.39
N TYR B 370 -12.26 14.27 -36.10
CA TYR B 370 -11.66 13.31 -36.97
C TYR B 370 -12.55 12.10 -37.01
N TYR B 371 -12.78 11.54 -38.19
CA TYR B 371 -13.73 10.45 -38.29
C TYR B 371 -13.12 9.22 -37.70
N LEU B 372 -13.71 8.63 -36.66
CA LEU B 372 -13.22 7.32 -36.18
C LEU B 372 -14.39 6.34 -36.06
N PRO B 373 -14.08 5.06 -36.21
CA PRO B 373 -14.89 3.98 -35.66
C PRO B 373 -15.12 4.23 -34.18
N GLU B 374 -16.16 3.63 -33.62
CA GLU B 374 -16.38 3.70 -32.19
C GLU B 374 -15.27 2.94 -31.45
N MET B 375 -14.59 3.68 -30.57
CA MET B 375 -13.47 3.13 -29.86
C MET B 375 -13.85 2.76 -28.42
N GLN B 376 -13.05 1.89 -27.83
CA GLN B 376 -13.18 1.33 -26.53
C GLN B 376 -11.97 1.62 -25.67
N VAL B 377 -12.20 2.14 -24.46
CA VAL B 377 -11.17 2.11 -23.43
C VAL B 377 -10.32 0.85 -23.57
N GLY B 378 -9.02 1.01 -23.62
CA GLY B 378 -8.08 -0.09 -23.65
C GLY B 378 -7.59 -0.34 -25.05
N GLU B 379 -8.21 0.24 -26.07
CA GLU B 379 -7.72 0.16 -27.44
C GLU B 379 -6.66 1.21 -27.67
N TRP B 380 -6.06 1.19 -28.83
CA TRP B 380 -4.82 1.85 -29.18
C TRP B 380 -5.05 2.72 -30.42
N LEU B 381 -4.56 3.94 -30.35
CA LEU B 381 -4.48 4.82 -31.49
C LEU B 381 -2.99 4.90 -31.87
N LEU B 382 -2.75 4.89 -33.18
CA LEU B 382 -1.46 5.08 -33.77
C LEU B 382 -1.43 6.45 -34.43
N PHE B 383 -0.32 7.18 -34.30
CA PHE B 383 -0.04 8.43 -34.99
C PHE B 383 1.25 8.14 -35.71
N GLU B 384 1.24 8.16 -37.03
CA GLU B 384 2.51 8.03 -37.74
C GLU B 384 3.19 9.36 -37.90
N ASP B 385 4.39 9.28 -38.43
CA ASP B 385 5.31 10.40 -38.69
C ASP B 385 5.63 11.17 -37.44
N MET B 386 6.00 10.51 -36.34
CA MET B 386 6.17 11.31 -35.11
C MET B 386 7.61 11.28 -34.61
N GLY B 387 8.53 11.35 -35.58
CA GLY B 387 9.95 11.44 -35.46
C GLY B 387 10.47 12.78 -35.01
N ALA B 388 9.88 13.87 -35.50
CA ALA B 388 10.59 15.17 -35.41
C ALA B 388 9.96 16.13 -34.43
N TYR B 389 10.79 16.77 -33.60
CA TYR B 389 10.31 17.75 -32.63
C TYR B 389 9.21 17.14 -31.80
N THR B 390 9.37 15.90 -31.32
CA THR B 390 8.31 15.23 -30.57
C THR B 390 8.93 14.80 -29.25
N VAL B 391 9.67 13.68 -29.15
CA VAL B 391 10.38 13.48 -27.86
C VAL B 391 11.16 14.68 -27.33
N VAL B 392 11.93 15.38 -28.17
CA VAL B 392 12.69 16.52 -27.76
C VAL B 392 11.88 17.64 -27.15
N GLY B 393 10.60 17.89 -27.38
CA GLY B 393 9.95 18.96 -26.59
C GLY B 393 9.19 18.49 -25.34
N THR B 394 9.15 17.22 -24.96
CA THR B 394 8.22 16.77 -23.95
C THR B 394 8.47 17.32 -22.54
N SER B 395 7.38 17.46 -21.75
CA SER B 395 7.50 17.82 -20.36
C SER B 395 6.75 16.86 -19.49
N SER B 396 6.93 16.88 -18.17
CA SER B 396 6.24 15.84 -17.40
C SER B 396 5.22 16.57 -16.52
N PHE B 397 4.77 17.69 -17.15
CA PHE B 397 3.62 18.39 -16.59
C PHE B 397 2.58 17.36 -16.15
N ASN B 398 2.17 17.54 -14.90
CA ASN B 398 0.98 16.87 -14.38
C ASN B 398 1.36 15.51 -13.84
N GLY B 399 2.64 15.14 -13.83
CA GLY B 399 2.95 13.80 -13.31
C GLY B 399 3.21 12.80 -14.43
N PHE B 400 2.51 12.93 -15.57
CA PHE B 400 2.65 12.00 -16.68
C PHE B 400 4.09 11.88 -17.18
N GLN B 401 4.45 10.72 -17.71
CA GLN B 401 5.82 10.36 -18.03
C GLN B 401 5.85 10.06 -19.50
N SER B 402 6.96 10.18 -20.21
CA SER B 402 6.76 10.13 -21.68
C SER B 402 6.94 8.69 -22.19
N PRO B 403 6.54 8.50 -23.44
CA PRO B 403 6.56 7.17 -24.02
C PRO B 403 7.93 6.54 -24.06
N THR B 404 8.18 5.37 -23.49
CA THR B 404 9.31 4.55 -23.82
C THR B 404 9.41 4.45 -25.34
N ILE B 405 10.65 4.31 -25.84
CA ILE B 405 10.86 4.02 -27.25
C ILE B 405 11.27 2.58 -27.53
N TYR B 406 10.62 1.85 -28.41
CA TYR B 406 11.14 0.56 -28.89
C TYR B 406 11.75 0.68 -30.27
N TYR B 407 12.82 -0.09 -30.50
CA TYR B 407 13.54 0.02 -31.77
C TYR B 407 13.44 -1.20 -32.71
N VAL B 408 13.19 -0.89 -33.98
CA VAL B 408 13.24 -1.96 -34.97
C VAL B 408 14.29 -1.67 -36.04
N VAL B 409 14.87 -2.69 -36.64
CA VAL B 409 15.63 -2.56 -37.88
C VAL B 409 14.95 -3.15 -39.10
N SER B 410 14.11 -2.40 -39.80
CA SER B 410 13.81 -2.74 -41.21
C SER B 410 15.08 -3.16 -41.95
N GLY B 411 15.33 -4.47 -42.05
CA GLY B 411 16.59 -4.99 -42.53
C GLY B 411 16.97 -4.57 -43.95
N ASP C 35 20.02 -14.02 33.53
CA ASP C 35 19.21 -13.54 32.40
C ASP C 35 17.89 -14.32 32.33
N GLU C 36 17.39 -14.51 31.12
CA GLU C 36 16.09 -15.14 30.91
C GLU C 36 15.06 -14.47 31.80
N GLY C 37 14.71 -13.21 31.56
CA GLY C 37 13.58 -12.52 32.18
C GLY C 37 12.24 -13.21 31.85
N ASP C 38 12.01 -14.31 32.58
CA ASP C 38 10.83 -15.12 32.31
C ASP C 38 9.64 -14.35 32.83
N PRO C 39 8.47 -14.71 32.33
CA PRO C 39 7.24 -14.02 32.80
C PRO C 39 6.90 -14.66 34.11
N PHE C 40 6.19 -13.96 35.00
CA PHE C 40 5.78 -14.65 36.25
C PHE C 40 4.53 -13.96 36.77
N PHE C 41 3.78 -14.65 37.57
CA PHE C 41 2.62 -14.05 38.20
C PHE C 41 3.00 -13.74 39.65
N VAL C 42 2.55 -12.57 40.13
CA VAL C 42 2.43 -12.48 41.60
C VAL C 42 1.00 -12.74 41.98
N ALA C 43 0.74 -13.71 42.83
CA ALA C 43 -0.60 -13.99 43.36
C ALA C 43 -0.77 -13.51 44.80
N ASP C 44 -1.75 -12.66 45.07
CA ASP C 44 -1.99 -12.22 46.44
C ASP C 44 -3.14 -12.93 47.15
N LEU C 45 -2.75 -13.98 47.87
CA LEU C 45 -3.73 -14.75 48.64
C LEU C 45 -4.54 -13.90 49.59
N GLY C 46 -4.08 -12.75 50.12
CA GLY C 46 -4.96 -11.94 50.97
C GLY C 46 -6.12 -11.36 50.19
N ASP C 47 -5.98 -11.05 48.90
CA ASP C 47 -7.08 -10.62 48.07
C ASP C 47 -8.18 -11.68 48.08
N ILE C 48 -7.79 -12.97 48.09
CA ILE C 48 -8.84 -13.97 48.19
C ILE C 48 -9.53 -13.80 49.53
N VAL C 49 -8.80 -13.66 50.63
CA VAL C 49 -9.49 -13.51 51.93
C VAL C 49 -10.37 -12.27 51.98
N ARG C 50 -9.93 -11.11 51.62
CA ARG C 50 -10.81 -9.97 51.44
C ARG C 50 -12.08 -10.32 50.66
N LYS C 51 -11.94 -10.99 49.51
CA LYS C 51 -13.15 -11.33 48.72
C LYS C 51 -14.18 -12.13 49.50
N HIS C 52 -13.69 -13.12 50.25
CA HIS C 52 -14.52 -13.96 51.09
C HIS C 52 -15.26 -13.16 52.17
N GLU C 53 -14.44 -12.27 52.78
CA GLU C 53 -15.09 -11.38 53.77
C GLU C 53 -16.25 -10.66 53.10
N THR C 54 -16.12 -10.04 51.95
CA THR C 54 -17.26 -9.34 51.36
C THR C 54 -18.42 -10.26 50.99
N TRP C 55 -18.07 -11.47 50.50
CA TRP C 55 -19.11 -12.41 50.16
C TRP C 55 -20.00 -12.61 51.37
N LYS C 56 -19.43 -13.14 52.45
CA LYS C 56 -20.12 -13.27 53.74
C LYS C 56 -20.87 -11.99 54.13
N LYS C 57 -20.39 -10.80 53.92
CA LYS C 57 -21.16 -9.64 54.32
C LYS C 57 -22.36 -9.40 53.40
N CYS C 58 -22.17 -9.53 52.09
CA CYS C 58 -23.26 -9.20 51.18
C CYS C 58 -24.14 -10.40 50.87
N LEU C 59 -23.76 -11.65 51.10
CA LEU C 59 -24.58 -12.77 50.73
C LEU C 59 -24.54 -13.81 51.84
N PRO C 60 -24.98 -13.42 53.03
CA PRO C 60 -24.84 -14.27 54.21
C PRO C 60 -25.75 -15.47 54.11
N ARG C 61 -26.81 -15.45 53.29
CA ARG C 61 -27.60 -16.71 53.25
C ARG C 61 -26.92 -17.73 52.37
N VAL C 62 -25.85 -17.47 51.64
CA VAL C 62 -25.42 -18.24 50.50
C VAL C 62 -24.03 -18.83 50.66
N THR C 63 -23.89 -20.14 50.74
CA THR C 63 -22.60 -20.82 50.88
C THR C 63 -21.96 -21.01 49.53
N PRO C 64 -20.78 -20.50 49.27
CA PRO C 64 -20.12 -20.50 47.98
C PRO C 64 -19.45 -21.84 47.75
N PHE C 65 -19.68 -22.41 46.58
CA PHE C 65 -18.86 -23.55 46.18
C PHE C 65 -17.91 -23.04 45.11
N TYR C 66 -16.62 -22.84 45.46
CA TYR C 66 -15.78 -22.18 44.43
C TYR C 66 -15.74 -22.97 43.12
N ALA C 67 -15.92 -22.29 41.98
CA ALA C 67 -15.76 -23.07 40.72
C ALA C 67 -14.28 -23.29 40.43
N VAL C 68 -13.76 -24.49 40.74
CA VAL C 68 -12.36 -24.80 40.49
C VAL C 68 -11.89 -24.66 39.06
N LYS C 69 -12.67 -24.83 38.00
CA LYS C 69 -12.16 -24.63 36.65
C LYS C 69 -11.69 -23.19 36.52
N CYS C 70 -12.10 -22.23 37.31
CA CYS C 70 -11.69 -20.86 37.15
C CYS C 70 -10.17 -20.68 37.26
N ASN C 71 -9.64 -21.44 38.23
CA ASN C 71 -8.27 -21.24 38.67
C ASN C 71 -8.05 -22.29 39.76
N ASP C 72 -7.28 -23.32 39.44
CA ASP C 72 -7.11 -24.44 40.37
C ASP C 72 -5.71 -24.52 40.87
N ASP C 73 -5.05 -23.40 40.98
CA ASP C 73 -3.76 -23.29 41.69
C ASP C 73 -3.85 -23.80 43.11
N TRP C 74 -2.93 -24.70 43.46
CA TRP C 74 -2.98 -25.32 44.80
C TRP C 74 -3.08 -24.34 45.96
N ARG C 75 -2.36 -23.25 46.01
CA ARG C 75 -2.50 -22.26 47.04
C ARG C 75 -3.89 -21.63 46.95
N VAL C 76 -4.43 -21.42 45.72
CA VAL C 76 -5.76 -20.77 45.79
C VAL C 76 -6.77 -21.79 46.33
N LEU C 77 -6.67 -23.08 45.97
CA LEU C 77 -7.56 -24.06 46.58
C LEU C 77 -7.40 -24.14 48.10
N GLY C 78 -6.19 -24.10 48.64
CA GLY C 78 -5.97 -24.38 50.06
C GLY C 78 -6.47 -23.18 50.87
N THR C 79 -6.16 -21.96 50.32
CA THR C 79 -6.70 -20.77 50.96
C THR C 79 -8.23 -20.78 50.98
N LEU C 80 -8.85 -21.22 49.85
CA LEU C 80 -10.33 -21.19 49.91
C LEU C 80 -10.80 -22.28 50.89
N ALA C 81 -10.09 -23.41 50.86
CA ALA C 81 -10.54 -24.54 51.68
C ALA C 81 -10.49 -24.11 53.15
N ALA C 82 -9.42 -23.51 53.61
CA ALA C 82 -9.23 -22.94 54.91
C ALA C 82 -10.28 -21.88 55.18
N LEU C 83 -10.68 -20.95 54.31
CA LEU C 83 -11.76 -20.05 54.72
C LEU C 83 -13.10 -20.77 54.84
N GLY C 84 -13.22 -22.01 54.38
CA GLY C 84 -14.38 -22.84 54.60
C GLY C 84 -15.38 -22.78 53.48
N THR C 85 -14.94 -22.48 52.29
CA THR C 85 -15.68 -22.52 51.01
C THR C 85 -16.07 -23.90 50.64
N GLY C 86 -17.07 -24.14 49.83
CA GLY C 86 -17.32 -25.50 49.26
C GLY C 86 -16.59 -25.56 47.93
N PHE C 87 -16.60 -26.66 47.19
CA PHE C 87 -15.96 -26.63 45.86
C PHE C 87 -16.91 -27.10 44.77
N ASP C 88 -16.93 -26.38 43.64
CA ASP C 88 -17.72 -26.84 42.49
C ASP C 88 -16.77 -27.50 41.51
N CYS C 89 -16.81 -28.77 41.30
CA CYS C 89 -15.89 -29.53 40.51
C CYS C 89 -16.56 -30.14 39.26
N ALA C 90 -15.83 -30.27 38.16
CA ALA C 90 -16.47 -30.57 36.90
C ALA C 90 -15.98 -31.86 36.29
N SER C 91 -14.98 -32.46 36.90
CA SER C 91 -14.39 -33.67 36.33
C SER C 91 -13.69 -34.52 37.35
N ASN C 92 -13.32 -35.72 36.98
CA ASN C 92 -12.67 -36.61 37.99
C ASN C 92 -11.39 -35.95 38.49
N THR C 93 -10.54 -35.44 37.61
CA THR C 93 -9.43 -34.58 38.00
C THR C 93 -9.81 -33.48 38.98
N GLU C 94 -10.81 -32.65 38.77
CA GLU C 94 -11.07 -31.61 39.79
C GLU C 94 -11.57 -32.30 41.06
N ILE C 95 -12.50 -33.25 41.03
CA ILE C 95 -12.68 -34.06 42.24
C ILE C 95 -11.37 -34.56 42.86
N GLN C 96 -10.40 -35.16 42.14
CA GLN C 96 -9.19 -35.59 42.87
C GLN C 96 -8.52 -34.38 43.56
N ARG C 97 -8.36 -33.28 42.80
CA ARG C 97 -7.47 -32.23 43.30
C ARG C 97 -7.98 -31.73 44.63
N VAL C 98 -9.27 -31.35 44.73
CA VAL C 98 -9.76 -30.89 46.01
C VAL C 98 -9.85 -32.04 47.02
N ARG C 99 -10.07 -33.28 46.63
CA ARG C 99 -9.89 -34.31 47.68
C ARG C 99 -8.44 -34.35 48.09
N GLY C 100 -7.48 -34.34 47.16
CA GLY C 100 -6.08 -34.17 47.48
C GLY C 100 -5.85 -33.19 48.60
N ILE C 101 -6.54 -32.09 48.82
CA ILE C 101 -6.13 -31.21 49.93
C ILE C 101 -6.96 -31.43 51.18
N GLY C 102 -7.67 -32.54 51.21
CA GLY C 102 -8.35 -32.99 52.43
C GLY C 102 -9.62 -32.23 52.61
N VAL C 103 -10.22 -31.74 51.51
CA VAL C 103 -11.63 -31.30 51.58
C VAL C 103 -12.53 -32.52 51.49
N PRO C 104 -13.27 -32.82 52.52
CA PRO C 104 -14.24 -33.92 52.49
C PRO C 104 -15.28 -33.80 51.37
N PRO C 105 -15.88 -34.91 50.98
CA PRO C 105 -16.76 -34.97 49.85
C PRO C 105 -17.92 -34.03 49.96
N GLU C 106 -18.53 -33.91 51.14
CA GLU C 106 -19.75 -33.14 51.33
C GLU C 106 -19.48 -31.70 50.95
N LYS C 107 -18.23 -31.20 50.89
CA LYS C 107 -18.09 -29.78 50.52
C LYS C 107 -17.96 -29.70 49.02
N ILE C 108 -18.32 -30.73 48.27
CA ILE C 108 -18.15 -30.74 46.83
C ILE C 108 -19.52 -30.89 46.18
N ILE C 109 -19.91 -30.03 45.28
CA ILE C 109 -20.99 -30.30 44.32
C ILE C 109 -20.40 -30.55 42.95
N TYR C 110 -20.74 -31.67 42.33
CA TYR C 110 -20.17 -32.03 41.01
C TYR C 110 -21.05 -31.39 39.96
N ALA C 111 -20.89 -30.09 39.68
CA ALA C 111 -21.91 -29.31 39.00
C ALA C 111 -21.70 -29.34 37.50
N ASN C 112 -21.62 -30.51 36.89
CA ASN C 112 -21.53 -30.60 35.43
C ASN C 112 -22.71 -31.40 34.93
N PRO C 113 -23.58 -30.77 34.18
CA PRO C 113 -24.80 -31.46 33.78
C PRO C 113 -24.43 -32.65 32.92
N CYS C 114 -23.43 -32.66 32.06
CA CYS C 114 -23.29 -33.80 31.15
C CYS C 114 -22.03 -34.62 31.38
N LYS C 115 -22.03 -35.59 32.26
CA LYS C 115 -20.85 -36.28 32.73
C LYS C 115 -20.57 -37.60 32.05
N GLN C 116 -19.32 -37.89 31.67
CA GLN C 116 -18.92 -39.20 31.15
C GLN C 116 -19.25 -40.31 32.15
N ILE C 117 -19.76 -41.47 31.69
CA ILE C 117 -20.31 -42.34 32.76
C ILE C 117 -19.23 -42.75 33.75
N SER C 118 -17.96 -42.95 33.35
CA SER C 118 -16.94 -43.38 34.28
C SER C 118 -16.58 -42.27 35.23
N HIS C 119 -16.73 -41.02 34.85
CA HIS C 119 -16.52 -39.91 35.78
C HIS C 119 -17.61 -39.95 36.84
N ILE C 120 -18.85 -40.28 36.47
CA ILE C 120 -19.87 -40.50 37.50
C ILE C 120 -19.38 -41.57 38.47
N ARG C 121 -18.83 -42.64 37.91
CA ARG C 121 -18.46 -43.78 38.74
C ARG C 121 -17.49 -43.30 39.82
N TYR C 122 -16.49 -42.53 39.31
CA TYR C 122 -15.46 -41.97 40.16
C TYR C 122 -16.05 -41.13 41.29
N ALA C 123 -16.95 -40.20 40.96
CA ALA C 123 -17.52 -39.36 41.99
C ALA C 123 -18.21 -40.27 42.99
N ARG C 124 -19.00 -41.25 42.54
CA ARG C 124 -19.65 -42.16 43.48
C ARG C 124 -18.52 -42.76 44.35
N ASP C 125 -17.46 -43.32 43.74
CA ASP C 125 -16.43 -43.87 44.63
C ASP C 125 -15.74 -42.81 45.46
N SER C 126 -15.84 -41.50 45.35
CA SER C 126 -15.09 -40.61 46.23
C SER C 126 -15.97 -39.95 47.30
N GLY C 127 -17.23 -40.39 47.43
CA GLY C 127 -18.12 -39.75 48.37
C GLY C 127 -18.93 -38.63 47.74
N VAL C 128 -18.59 -38.24 46.49
CA VAL C 128 -19.34 -37.11 45.91
C VAL C 128 -20.71 -37.56 45.43
N ASP C 129 -21.77 -37.11 46.11
CA ASP C 129 -23.14 -37.47 45.78
C ASP C 129 -24.01 -36.35 45.25
N VAL C 130 -23.68 -35.07 45.26
CA VAL C 130 -24.60 -34.09 44.69
C VAL C 130 -24.14 -33.77 43.28
N MET C 131 -24.84 -34.18 42.25
CA MET C 131 -24.53 -33.75 40.88
C MET C 131 -25.62 -32.87 40.32
N THR C 132 -25.46 -32.24 39.18
CA THR C 132 -26.59 -31.59 38.56
C THR C 132 -26.87 -32.24 37.23
N PHE C 133 -27.88 -31.77 36.51
CA PHE C 133 -28.43 -32.47 35.35
C PHE C 133 -29.40 -31.54 34.69
N ASP C 134 -29.79 -31.68 33.46
CA ASP C 134 -30.67 -30.72 32.82
C ASP C 134 -31.57 -31.46 31.85
N CYS C 135 -31.60 -32.78 31.89
CA CYS C 135 -32.34 -33.56 30.91
C CYS C 135 -32.45 -35.01 31.36
N VAL C 136 -33.20 -35.84 30.63
CA VAL C 136 -33.63 -37.11 31.24
C VAL C 136 -32.62 -38.20 30.92
N ASP C 137 -32.02 -38.02 29.75
CA ASP C 137 -30.96 -38.92 29.28
C ASP C 137 -29.91 -39.05 30.37
N GLU C 138 -29.57 -37.98 31.11
CA GLU C 138 -28.48 -38.07 32.09
C GLU C 138 -28.89 -38.93 33.29
N LEU C 139 -30.20 -38.76 33.62
CA LEU C 139 -30.83 -39.40 34.75
C LEU C 139 -30.80 -40.88 34.51
N GLU C 140 -30.99 -41.34 33.27
CA GLU C 140 -30.85 -42.73 32.89
C GLU C 140 -29.45 -43.27 33.18
N LYS C 141 -28.43 -42.44 32.86
CA LYS C 141 -27.06 -42.78 33.22
C LYS C 141 -26.99 -42.85 34.74
N VAL C 142 -27.64 -41.87 35.40
CA VAL C 142 -27.36 -41.80 36.85
C VAL C 142 -28.00 -42.97 37.56
N ALA C 143 -29.27 -43.24 37.19
CA ALA C 143 -29.95 -44.46 37.61
C ALA C 143 -29.03 -45.66 37.47
N LYS C 144 -28.37 -45.84 36.34
CA LYS C 144 -27.50 -47.00 36.16
C LYS C 144 -26.13 -46.91 36.85
N THR C 145 -25.66 -45.76 37.32
CA THR C 145 -24.27 -45.67 37.79
C THR C 145 -24.10 -45.14 39.20
N HIS C 146 -25.05 -44.32 39.68
CA HIS C 146 -24.93 -43.64 40.95
C HIS C 146 -26.33 -43.41 41.53
N PRO C 147 -27.02 -44.53 41.78
CA PRO C 147 -28.47 -44.49 41.93
C PRO C 147 -28.94 -43.78 43.18
N LYS C 148 -28.12 -43.45 44.20
CA LYS C 148 -28.65 -42.78 45.38
C LYS C 148 -28.17 -41.32 45.38
N ALA C 149 -27.64 -40.86 44.27
CA ALA C 149 -27.03 -39.54 44.15
C ALA C 149 -27.97 -38.35 44.38
N LYS C 150 -27.59 -37.29 45.05
CA LYS C 150 -28.56 -36.19 45.19
C LYS C 150 -28.51 -35.30 43.96
N MET C 151 -29.57 -35.36 43.14
CA MET C 151 -29.51 -34.70 41.82
C MET C 151 -30.08 -33.30 41.81
N VAL C 152 -29.37 -32.26 41.38
CA VAL C 152 -29.84 -30.89 41.38
C VAL C 152 -30.29 -30.49 39.99
N LEU C 153 -31.46 -29.98 39.71
CA LEU C 153 -31.95 -29.77 38.33
C LEU C 153 -31.59 -28.39 37.83
N ARG C 154 -30.88 -28.24 36.74
CA ARG C 154 -30.37 -26.91 36.37
C ARG C 154 -31.24 -26.32 35.28
N ILE C 155 -31.64 -25.06 35.40
CA ILE C 155 -32.66 -24.58 34.45
C ILE C 155 -32.06 -23.52 33.54
N SER C 156 -32.48 -23.44 32.26
CA SER C 156 -31.89 -22.41 31.41
C SER C 156 -32.26 -21.04 31.94
N THR C 157 -31.60 -20.00 31.52
CA THR C 157 -31.55 -18.75 32.25
C THR C 157 -31.63 -17.53 31.36
N LEU C 166 -27.23 -17.50 29.23
CA LEU C 166 -26.35 -18.60 29.62
C LEU C 166 -26.07 -19.56 28.46
N SER C 167 -27.06 -20.40 28.12
CA SER C 167 -26.83 -21.38 27.09
C SER C 167 -28.02 -22.09 26.44
N VAL C 168 -27.80 -22.23 25.12
CA VAL C 168 -28.20 -23.42 24.35
C VAL C 168 -27.47 -24.65 24.86
N LYS C 169 -26.22 -24.55 25.33
CA LYS C 169 -25.50 -25.73 25.75
C LYS C 169 -26.11 -26.34 27.01
N PHE C 170 -26.48 -25.54 28.02
CA PHE C 170 -26.88 -26.15 29.29
C PHE C 170 -28.18 -25.59 29.86
N GLY C 171 -28.92 -26.38 30.66
CA GLY C 171 -30.06 -25.83 31.36
C GLY C 171 -31.38 -26.28 30.79
N ALA C 172 -32.23 -26.91 31.61
CA ALA C 172 -33.57 -27.28 31.16
C ALA C 172 -34.45 -26.05 30.98
N LYS C 173 -35.19 -25.87 29.90
CA LYS C 173 -36.23 -24.85 29.81
C LYS C 173 -37.30 -25.08 30.86
N VAL C 174 -38.01 -24.07 31.37
CA VAL C 174 -38.89 -24.42 32.51
C VAL C 174 -40.13 -25.14 32.03
N GLU C 175 -40.58 -24.89 30.80
CA GLU C 175 -41.55 -25.73 30.10
C GLU C 175 -41.28 -27.23 30.19
N ASP C 176 -40.05 -27.70 30.29
CA ASP C 176 -39.76 -29.12 30.22
C ASP C 176 -39.58 -29.76 31.60
N CYS C 177 -39.55 -28.95 32.65
CA CYS C 177 -39.21 -29.54 33.94
C CYS C 177 -40.26 -30.50 34.44
N ARG C 178 -41.57 -30.27 34.26
CA ARG C 178 -42.53 -31.25 34.71
C ARG C 178 -42.26 -32.60 34.11
N PHE C 179 -42.06 -32.67 32.78
CA PHE C 179 -41.86 -33.95 32.13
C PHE C 179 -40.57 -34.60 32.66
N ILE C 180 -39.54 -33.74 32.75
CA ILE C 180 -38.25 -34.13 33.26
C ILE C 180 -38.42 -34.77 34.62
N LEU C 181 -39.14 -34.10 35.50
CA LEU C 181 -39.37 -34.57 36.88
C LEU C 181 -40.28 -35.80 36.97
N GLU C 182 -41.25 -35.97 36.07
CA GLU C 182 -41.96 -37.23 35.99
C GLU C 182 -41.05 -38.35 35.57
N GLN C 183 -40.27 -38.18 34.49
CA GLN C 183 -39.21 -39.13 34.16
C GLN C 183 -38.26 -39.40 35.30
N ALA C 184 -37.88 -38.36 36.09
CA ALA C 184 -36.96 -38.63 37.19
C ALA C 184 -37.55 -39.65 38.16
N LYS C 185 -38.86 -39.43 38.42
CA LYS C 185 -39.63 -40.26 39.35
C LYS C 185 -39.66 -41.68 38.84
N LYS C 186 -39.88 -41.93 37.54
CA LYS C 186 -39.85 -43.28 37.03
C LYS C 186 -38.49 -43.88 37.30
N LEU C 187 -37.43 -43.12 37.12
CA LEU C 187 -36.08 -43.63 37.37
C LEU C 187 -35.74 -43.64 38.84
N ASN C 188 -36.61 -43.24 39.75
CA ASN C 188 -36.36 -43.22 41.19
C ASN C 188 -35.19 -42.31 41.60
N ILE C 189 -35.01 -41.19 40.89
CA ILE C 189 -33.95 -40.27 41.18
C ILE C 189 -34.26 -39.50 42.44
N ASP C 190 -33.26 -39.26 43.29
CA ASP C 190 -33.50 -38.32 44.36
C ASP C 190 -33.17 -36.90 43.92
N VAL C 191 -34.04 -36.19 43.24
CA VAL C 191 -33.87 -34.78 42.91
C VAL C 191 -33.96 -33.86 44.09
N THR C 192 -32.91 -33.15 44.51
CA THR C 192 -33.02 -32.39 45.78
C THR C 192 -32.92 -30.89 45.62
N GLY C 193 -32.98 -30.37 44.39
CA GLY C 193 -33.00 -28.93 44.25
C GLY C 193 -32.85 -28.39 42.82
N VAL C 194 -32.58 -27.11 42.70
CA VAL C 194 -32.64 -26.43 41.42
C VAL C 194 -31.41 -25.51 41.36
N SER C 195 -30.91 -25.29 40.13
CA SER C 195 -29.76 -24.39 40.04
C SER C 195 -29.84 -23.74 38.68
N PHE C 196 -29.21 -22.62 38.52
CA PHE C 196 -29.15 -21.93 37.27
C PHE C 196 -27.77 -21.21 37.27
N HIS C 197 -27.54 -20.53 36.14
CA HIS C 197 -26.24 -19.96 35.94
C HIS C 197 -26.44 -18.85 34.93
N VAL C 198 -26.67 -17.67 35.47
CA VAL C 198 -26.79 -16.43 34.71
C VAL C 198 -25.66 -16.18 33.72
N GLY C 199 -24.44 -16.62 34.03
CA GLY C 199 -23.41 -16.40 33.03
C GLY C 199 -22.56 -15.19 33.39
N SER C 200 -21.37 -15.09 32.83
CA SER C 200 -20.31 -14.36 33.49
C SER C 200 -20.25 -12.90 33.14
N GLY C 201 -21.27 -12.21 32.64
CA GLY C 201 -21.12 -10.78 32.37
C GLY C 201 -22.41 -10.01 32.22
N SER C 202 -23.45 -10.38 32.99
CA SER C 202 -24.74 -9.69 32.88
C SER C 202 -24.55 -8.18 32.96
N THR C 203 -25.40 -7.41 32.28
CA THR C 203 -25.40 -5.96 32.44
C THR C 203 -26.55 -5.50 33.35
N ASP C 204 -27.58 -6.34 33.48
CA ASP C 204 -28.62 -6.06 34.46
C ASP C 204 -28.71 -7.19 35.49
N ALA C 205 -28.82 -6.81 36.77
CA ALA C 205 -28.90 -7.80 37.83
C ALA C 205 -30.24 -8.55 37.85
N SER C 206 -31.22 -8.08 37.10
CA SER C 206 -32.56 -8.62 37.10
C SER C 206 -32.56 -10.10 36.75
N THR C 207 -31.67 -10.53 35.89
CA THR C 207 -31.52 -11.92 35.51
C THR C 207 -31.50 -12.90 36.67
N PHE C 208 -30.67 -12.59 37.66
CA PHE C 208 -30.70 -13.32 38.91
C PHE C 208 -32.11 -13.34 39.44
N ALA C 209 -32.77 -12.17 39.53
CA ALA C 209 -34.12 -12.15 40.09
C ALA C 209 -35.09 -13.01 39.29
N GLN C 210 -35.01 -12.88 37.97
CA GLN C 210 -35.77 -13.73 37.07
C GLN C 210 -35.46 -15.20 37.31
N ALA C 211 -34.19 -15.55 37.44
CA ALA C 211 -33.81 -16.95 37.56
C ALA C 211 -34.35 -17.52 38.86
N ILE C 212 -34.32 -16.69 39.90
CA ILE C 212 -34.70 -17.16 41.24
C ILE C 212 -36.19 -17.46 41.25
N SER C 213 -36.95 -16.59 40.58
CA SER C 213 -38.39 -16.76 40.48
C SER C 213 -38.62 -18.09 39.78
N ASP C 214 -37.99 -18.24 38.62
CA ASP C 214 -38.13 -19.47 37.83
C ASP C 214 -37.76 -20.65 38.70
N SER C 215 -36.68 -20.51 39.50
CA SER C 215 -36.35 -21.62 40.40
C SER C 215 -37.48 -21.96 41.36
N ARG C 216 -38.15 -20.95 41.89
CA ARG C 216 -39.32 -21.26 42.72
C ARG C 216 -40.38 -22.11 42.01
N PHE C 217 -40.67 -21.83 40.75
CA PHE C 217 -41.62 -22.66 40.02
C PHE C 217 -41.26 -24.15 39.90
N VAL C 218 -40.07 -24.47 39.39
CA VAL C 218 -39.55 -25.84 39.38
C VAL C 218 -39.35 -26.44 40.77
N PHE C 219 -38.93 -25.62 41.75
CA PHE C 219 -38.90 -26.12 43.12
C PHE C 219 -40.28 -26.68 43.50
N ASP C 220 -41.31 -25.84 43.24
CA ASP C 220 -42.66 -26.21 43.59
C ASP C 220 -43.13 -27.43 42.84
N MET C 221 -42.86 -27.60 41.56
CA MET C 221 -43.18 -28.86 40.92
C MET C 221 -42.40 -29.94 41.65
N GLY C 222 -41.14 -29.72 42.00
CA GLY C 222 -40.39 -30.76 42.67
C GLY C 222 -41.22 -31.32 43.84
N THR C 223 -41.56 -30.45 44.77
CA THR C 223 -42.36 -30.79 45.94
C THR C 223 -43.67 -31.45 45.56
N GLU C 224 -44.41 -30.79 44.67
CA GLU C 224 -45.68 -31.35 44.24
C GLU C 224 -45.53 -32.81 43.93
N LEU C 225 -44.59 -33.25 43.11
CA LEU C 225 -44.42 -34.63 42.71
C LEU C 225 -43.75 -35.51 43.75
N GLY C 226 -43.39 -34.99 44.93
CA GLY C 226 -43.02 -35.93 45.99
C GLY C 226 -41.52 -35.88 46.27
N PHE C 227 -40.82 -35.00 45.55
CA PHE C 227 -39.37 -34.96 45.67
C PHE C 227 -39.03 -34.13 46.90
N ASN C 228 -38.00 -34.47 47.64
CA ASN C 228 -37.45 -33.64 48.70
C ASN C 228 -36.53 -32.56 48.16
N MET C 229 -37.11 -31.44 47.76
CA MET C 229 -36.40 -30.29 47.26
C MET C 229 -35.93 -29.39 48.39
N HIS C 230 -34.66 -29.28 48.70
CA HIS C 230 -34.22 -28.33 49.71
C HIS C 230 -32.94 -27.64 49.33
N ILE C 231 -32.44 -27.66 48.09
CA ILE C 231 -31.24 -26.87 47.78
C ILE C 231 -31.47 -25.94 46.59
N LEU C 232 -31.07 -24.69 46.75
CA LEU C 232 -31.23 -23.76 45.61
C LEU C 232 -29.80 -23.31 45.32
N ASP C 233 -29.33 -23.53 44.13
CA ASP C 233 -27.93 -23.18 43.79
C ASP C 233 -27.98 -22.06 42.77
N ILE C 234 -27.66 -20.82 43.16
CA ILE C 234 -27.83 -19.70 42.23
C ILE C 234 -26.63 -19.52 41.33
N GLY C 235 -25.74 -20.48 41.14
CA GLY C 235 -24.67 -20.38 40.16
C GLY C 235 -23.58 -19.34 40.34
N GLY C 236 -22.96 -18.95 39.22
CA GLY C 236 -21.75 -18.12 39.30
C GLY C 236 -21.95 -16.87 38.47
N GLY C 237 -21.00 -16.19 37.89
CA GLY C 237 -21.26 -14.94 37.18
C GLY C 237 -20.91 -13.64 37.88
N PHE C 238 -20.55 -13.60 39.17
CA PHE C 238 -20.39 -12.29 39.80
C PHE C 238 -19.08 -11.66 39.35
N PRO C 239 -18.93 -10.36 39.56
CA PRO C 239 -17.71 -9.69 39.10
C PRO C 239 -16.57 -9.95 40.04
N GLY C 240 -15.34 -10.04 39.53
CA GLY C 240 -14.18 -10.38 40.41
C GLY C 240 -13.19 -9.22 40.45
N THR C 241 -13.58 -8.15 39.74
CA THR C 241 -12.82 -6.92 39.84
C THR C 241 -13.76 -5.91 40.44
N ARG C 242 -13.45 -5.34 41.61
CA ARG C 242 -14.28 -4.49 42.43
C ARG C 242 -14.61 -3.11 41.86
N ASP C 243 -14.38 -2.89 40.59
CA ASP C 243 -14.67 -1.75 39.77
C ASP C 243 -15.18 -2.21 38.41
N ALA C 244 -15.98 -3.26 38.41
CA ALA C 244 -16.73 -3.57 37.17
C ALA C 244 -17.88 -2.58 37.07
N PRO C 245 -18.49 -2.51 35.90
CA PRO C 245 -19.60 -1.61 35.66
C PRO C 245 -20.79 -1.92 36.56
N LEU C 246 -21.23 -3.18 36.59
CA LEU C 246 -22.25 -3.69 37.48
C LEU C 246 -21.59 -4.32 38.71
N LYS C 247 -21.53 -3.61 39.82
CA LYS C 247 -20.78 -4.04 40.99
C LYS C 247 -21.39 -5.20 41.72
N PHE C 248 -20.60 -6.07 42.36
CA PHE C 248 -21.06 -7.16 43.19
C PHE C 248 -22.21 -6.76 44.11
N GLU C 249 -22.09 -5.60 44.78
CA GLU C 249 -23.11 -5.20 45.75
C GLU C 249 -24.47 -5.02 45.12
N GLU C 250 -24.61 -4.47 43.90
CA GLU C 250 -25.97 -4.38 43.36
C GLU C 250 -26.51 -5.80 43.28
N ILE C 251 -25.70 -6.66 42.60
CA ILE C 251 -26.13 -8.04 42.40
C ILE C 251 -26.49 -8.68 43.72
N ALA C 252 -25.68 -8.58 44.78
CA ALA C 252 -26.09 -9.15 46.06
C ALA C 252 -27.40 -8.50 46.50
N GLY C 253 -27.65 -7.23 46.26
CA GLY C 253 -28.95 -6.70 46.66
C GLY C 253 -30.10 -7.31 45.89
N VAL C 254 -30.02 -7.40 44.57
CA VAL C 254 -31.13 -8.01 43.84
C VAL C 254 -31.29 -9.44 44.29
N ILE C 255 -30.20 -10.20 44.42
CA ILE C 255 -30.33 -11.60 44.82
C ILE C 255 -31.04 -11.63 46.15
N ASN C 256 -30.62 -10.81 47.10
CA ASN C 256 -31.25 -10.91 48.43
C ASN C 256 -32.75 -10.57 48.39
N ASN C 257 -33.14 -9.54 47.62
CA ASN C 257 -34.58 -9.27 47.52
C ASN C 257 -35.27 -10.49 46.95
N ALA C 258 -34.76 -11.05 45.84
CA ALA C 258 -35.37 -12.20 45.20
C ALA C 258 -35.50 -13.37 46.20
N LEU C 259 -34.40 -13.65 46.88
CA LEU C 259 -34.38 -14.69 47.90
C LEU C 259 -35.50 -14.49 48.91
N GLU C 260 -35.58 -13.29 49.53
CA GLU C 260 -36.59 -13.06 50.56
C GLU C 260 -38.01 -13.22 50.04
N LYS C 261 -38.31 -12.90 48.79
CA LYS C 261 -39.58 -13.03 48.16
C LYS C 261 -39.98 -14.43 47.77
N HIS C 262 -39.09 -15.28 47.28
CA HIS C 262 -39.44 -16.58 46.73
C HIS C 262 -38.91 -17.74 47.54
N PHE C 263 -37.91 -17.43 48.40
CA PHE C 263 -37.27 -18.45 49.22
C PHE C 263 -36.97 -17.97 50.64
N PRO C 264 -38.04 -17.72 51.38
CA PRO C 264 -37.95 -17.38 52.79
C PRO C 264 -37.08 -18.35 53.55
N PRO C 265 -36.24 -17.79 54.43
CA PRO C 265 -35.42 -18.61 55.29
C PRO C 265 -36.17 -19.81 55.83
N ASP C 266 -35.53 -20.96 55.82
CA ASP C 266 -36.09 -22.16 56.39
C ASP C 266 -34.99 -23.14 56.82
N LEU C 267 -35.01 -23.79 57.97
CA LEU C 267 -33.92 -24.67 58.34
C LEU C 267 -33.84 -25.80 57.33
N LYS C 268 -34.90 -26.24 56.67
CA LYS C 268 -34.77 -27.25 55.62
C LYS C 268 -34.14 -26.71 54.35
N LEU C 269 -34.03 -25.42 54.08
CA LEU C 269 -33.53 -24.98 52.77
C LEU C 269 -32.10 -24.46 52.85
N THR C 270 -31.20 -24.83 51.95
CA THR C 270 -29.88 -24.27 51.85
C THR C 270 -29.66 -23.54 50.54
N ILE C 271 -29.21 -22.31 50.54
CA ILE C 271 -28.97 -21.64 49.27
C ILE C 271 -27.48 -21.72 48.99
N VAL C 272 -27.03 -21.86 47.77
CA VAL C 272 -25.63 -22.25 47.53
C VAL C 272 -25.22 -21.48 46.28
N ALA C 273 -23.93 -21.29 45.99
CA ALA C 273 -23.59 -20.71 44.72
C ALA C 273 -22.26 -21.26 44.27
N GLU C 274 -21.82 -20.76 43.11
CA GLU C 274 -20.72 -21.45 42.38
C GLU C 274 -19.81 -20.37 41.79
N PRO C 275 -19.46 -19.40 42.63
CA PRO C 275 -18.77 -18.19 42.17
C PRO C 275 -17.38 -18.61 41.73
N GLY C 276 -16.94 -18.13 40.58
CA GLY C 276 -15.65 -18.58 40.07
C GLY C 276 -14.72 -17.36 40.01
N ARG C 277 -14.86 -16.47 39.03
CA ARG C 277 -14.02 -15.29 38.97
C ARG C 277 -14.13 -14.38 40.19
N TYR C 278 -15.29 -14.31 40.86
CA TYR C 278 -15.47 -13.56 42.08
C TYR C 278 -14.25 -13.67 42.99
N TYR C 279 -13.91 -14.90 43.34
CA TYR C 279 -12.82 -15.12 44.27
C TYR C 279 -11.44 -14.83 43.74
N VAL C 280 -11.14 -14.84 42.43
CA VAL C 280 -9.74 -14.83 42.00
C VAL C 280 -9.37 -13.86 40.90
N ALA C 281 -10.29 -13.37 40.06
CA ALA C 281 -9.93 -12.39 39.05
C ALA C 281 -8.78 -11.48 39.52
N SER C 282 -9.04 -10.61 40.51
CA SER C 282 -8.06 -9.58 40.79
C SER C 282 -6.98 -10.03 41.76
N ALA C 283 -6.73 -11.30 42.02
CA ALA C 283 -5.70 -11.67 42.97
C ALA C 283 -4.35 -11.83 42.32
N PHE C 284 -4.32 -11.98 40.99
CA PHE C 284 -3.10 -12.45 40.32
C PHE C 284 -2.63 -11.28 39.48
N THR C 285 -1.33 -11.01 39.46
CA THR C 285 -0.87 -9.99 38.51
C THR C 285 0.22 -10.57 37.62
N LEU C 286 0.15 -10.25 36.32
CA LEU C 286 1.10 -10.87 35.40
C LEU C 286 2.17 -9.85 35.03
N ALA C 287 3.42 -10.23 35.16
CA ALA C 287 4.49 -9.37 34.67
C ALA C 287 5.16 -10.08 33.53
N VAL C 288 5.31 -9.40 32.42
CA VAL C 288 5.79 -9.99 31.16
C VAL C 288 6.97 -9.18 30.64
N ASN C 289 8.07 -9.77 30.17
CA ASN C 289 9.21 -9.02 29.70
C ASN C 289 9.08 -8.55 28.27
N VAL C 290 9.40 -7.30 27.93
CA VAL C 290 9.36 -7.03 26.48
C VAL C 290 10.63 -7.64 25.85
N ILE C 291 10.38 -8.73 25.05
CA ILE C 291 11.55 -9.42 24.51
C ILE C 291 11.89 -8.86 23.15
N ALA C 292 11.11 -7.97 22.56
CA ALA C 292 11.37 -7.57 21.18
C ALA C 292 10.55 -6.34 20.77
N LYS C 293 11.15 -5.50 19.90
CA LYS C 293 10.64 -4.15 19.75
C LYS C 293 10.67 -3.76 18.29
N LYS C 294 9.64 -3.13 17.80
CA LYS C 294 9.64 -2.62 16.43
C LYS C 294 9.14 -1.17 16.41
N VAL C 295 9.79 -0.40 15.55
CA VAL C 295 9.45 1.01 15.47
C VAL C 295 8.86 1.29 14.09
N THR C 296 7.66 1.85 13.97
CA THR C 296 7.32 2.41 12.65
C THR C 296 7.39 3.93 12.68
N PRO C 297 8.16 4.47 11.74
CA PRO C 297 8.33 5.91 11.58
C PRO C 297 7.07 6.71 11.76
N ALA C 311 3.40 10.51 14.07
CA ALA C 311 3.08 9.23 13.41
C ALA C 311 3.60 8.04 14.23
N GLN C 312 4.89 7.98 14.44
CA GLN C 312 5.56 7.16 15.42
C GLN C 312 4.68 6.21 16.18
N SER C 313 4.85 4.91 15.95
CA SER C 313 4.19 3.81 16.64
C SER C 313 5.21 2.72 16.93
N PHE C 314 4.87 1.96 17.97
CA PHE C 314 5.75 0.89 18.42
C PHE C 314 5.11 -0.50 18.40
N MET C 315 5.89 -1.55 18.09
CA MET C 315 5.39 -2.91 18.32
C MET C 315 6.21 -3.59 19.40
N TYR C 316 5.55 -3.99 20.49
CA TYR C 316 6.24 -4.67 21.56
C TYR C 316 5.91 -6.16 21.52
N TYR C 317 6.93 -7.00 21.63
CA TYR C 317 6.70 -8.45 21.66
C TYR C 317 6.98 -8.85 23.09
N VAL C 318 6.06 -9.60 23.71
CA VAL C 318 6.36 -10.00 25.06
C VAL C 318 6.32 -11.52 25.20
N ASN C 319 6.56 -12.07 26.40
CA ASN C 319 6.98 -13.48 26.38
C ASN C 319 5.93 -14.34 27.06
N ASP C 320 4.68 -13.92 26.98
CA ASP C 320 3.47 -14.70 27.22
C ASP C 320 2.44 -14.19 26.24
N GLY C 321 1.37 -14.87 25.91
CA GLY C 321 0.47 -14.34 24.84
C GLY C 321 -0.78 -15.25 24.79
N VAL C 322 -1.52 -15.20 23.68
CA VAL C 322 -2.80 -15.87 23.65
C VAL C 322 -2.75 -17.39 23.67
N TYR C 323 -1.63 -18.11 23.50
CA TYR C 323 -1.59 -19.55 23.73
C TYR C 323 -1.23 -19.79 25.19
N GLY C 324 -1.00 -18.70 25.90
CA GLY C 324 -0.52 -18.84 27.27
C GLY C 324 -1.62 -18.20 28.18
N SER C 325 -1.16 -17.36 29.10
CA SER C 325 -2.05 -16.69 29.99
C SER C 325 -3.07 -15.83 29.26
N PHE C 326 -2.87 -15.30 28.05
CA PHE C 326 -3.90 -14.47 27.45
C PHE C 326 -4.88 -15.29 26.64
N ASN C 327 -5.08 -16.59 26.96
CA ASN C 327 -6.02 -17.39 26.20
C ASN C 327 -7.41 -16.83 26.43
N CYS C 328 -7.57 -16.30 27.66
CA CYS C 328 -8.65 -15.40 28.06
C CYS C 328 -9.03 -14.39 27.01
N ILE C 329 -8.16 -13.82 26.22
CA ILE C 329 -8.66 -13.02 25.09
C ILE C 329 -9.49 -13.93 24.20
N LEU C 330 -8.98 -15.08 23.71
CA LEU C 330 -9.87 -15.89 22.89
C LEU C 330 -11.06 -16.49 23.65
N TYR C 331 -10.89 -17.17 24.80
CA TYR C 331 -11.98 -18.01 25.29
C TYR C 331 -12.79 -17.23 26.30
N ASP C 332 -12.30 -16.22 27.01
CA ASP C 332 -13.11 -15.54 28.01
C ASP C 332 -13.55 -14.14 27.63
N HIS C 333 -13.43 -13.65 26.40
CA HIS C 333 -13.75 -12.27 26.07
C HIS C 333 -12.97 -11.24 26.88
N ALA C 334 -11.80 -11.53 27.41
CA ALA C 334 -11.03 -10.61 28.22
C ALA C 334 -10.56 -9.43 27.40
N VAL C 335 -10.58 -8.23 27.97
CA VAL C 335 -9.76 -7.14 27.43
C VAL C 335 -8.73 -6.79 28.48
N VAL C 336 -7.51 -6.54 28.05
CA VAL C 336 -6.42 -6.35 29.02
C VAL C 336 -5.78 -4.97 28.91
N ARG C 337 -5.27 -4.41 30.01
CA ARG C 337 -4.56 -3.15 29.93
C ARG C 337 -3.11 -3.33 30.40
N PRO C 338 -2.18 -3.09 29.48
CA PRO C 338 -0.78 -3.21 29.72
C PRO C 338 -0.29 -2.00 30.53
N LEU C 339 0.26 -2.26 31.73
CA LEU C 339 0.85 -1.21 32.50
C LEU C 339 2.38 -1.32 32.60
N PRO C 340 3.10 -0.24 32.27
CA PRO C 340 4.56 -0.27 32.32
C PRO C 340 4.96 -0.27 33.79
N GLN C 341 5.97 -1.05 34.21
CA GLN C 341 6.20 -1.12 35.65
C GLN C 341 7.14 -0.02 36.10
N ARG C 342 7.97 0.54 35.20
CA ARG C 342 8.64 1.81 35.50
C ARG C 342 7.59 2.85 35.91
N GLU C 343 7.82 3.57 37.00
CA GLU C 343 6.90 4.66 37.36
C GLU C 343 6.88 5.75 36.29
N PRO C 344 5.68 6.27 36.03
CA PRO C 344 5.46 7.35 35.09
C PRO C 344 6.38 8.54 35.34
N ILE C 345 7.04 8.99 34.28
CA ILE C 345 7.93 10.14 34.37
C ILE C 345 7.21 11.37 33.84
N PRO C 346 7.31 12.46 34.59
CA PRO C 346 6.53 13.66 34.33
C PRO C 346 6.73 14.16 32.91
N ASN C 347 5.66 14.44 32.20
CA ASN C 347 5.69 14.96 30.85
C ASN C 347 5.76 13.89 29.75
N GLU C 348 5.98 12.65 30.08
CA GLU C 348 6.34 11.56 29.19
C GLU C 348 5.64 11.56 27.85
N LYS C 349 6.39 11.23 26.80
CA LYS C 349 5.78 11.04 25.48
C LYS C 349 5.13 9.66 25.40
N LEU C 350 3.89 9.61 24.91
CA LEU C 350 3.13 8.38 24.77
C LEU C 350 2.73 8.10 23.31
N TYR C 351 2.87 6.87 22.82
CA TYR C 351 2.60 6.58 21.41
C TYR C 351 1.71 5.35 21.25
N PRO C 352 0.88 5.32 20.21
CA PRO C 352 0.05 4.13 19.95
C PRO C 352 0.89 2.87 19.89
N SER C 353 0.58 1.81 20.64
CA SER C 353 1.42 0.60 20.55
C SER C 353 0.57 -0.66 20.47
N SER C 354 1.04 -1.64 19.71
CA SER C 354 0.53 -3.01 19.90
C SER C 354 1.47 -3.85 20.76
N VAL C 355 0.92 -4.75 21.58
CA VAL C 355 1.85 -5.74 22.19
C VAL C 355 1.43 -7.15 21.78
N TRP C 356 2.46 -7.95 21.45
CA TRP C 356 2.29 -9.20 20.75
C TRP C 356 2.84 -10.36 21.58
N GLY C 357 2.32 -11.59 21.50
CA GLY C 357 2.81 -12.66 22.40
C GLY C 357 3.96 -13.32 21.67
N PRO C 358 4.66 -14.28 22.26
CA PRO C 358 5.92 -14.76 21.76
C PRO C 358 5.82 -15.60 20.50
N THR C 359 4.72 -16.28 20.40
CA THR C 359 4.40 -17.29 19.37
C THR C 359 4.54 -16.79 17.96
N CYS C 360 4.70 -17.73 17.05
CA CYS C 360 4.96 -17.46 15.63
C CYS C 360 3.72 -17.22 14.84
N ASP C 361 2.58 -17.08 15.46
CA ASP C 361 1.30 -16.85 14.82
C ASP C 361 0.93 -15.38 14.77
N GLY C 362 0.48 -14.88 13.63
CA GLY C 362 -0.07 -13.56 13.44
C GLY C 362 -1.28 -13.28 14.33
N LEU C 363 -2.01 -14.30 14.77
CA LEU C 363 -3.22 -14.01 15.54
C LEU C 363 -2.90 -13.88 17.02
N ASP C 364 -1.65 -14.20 17.37
CA ASP C 364 -1.20 -14.12 18.79
C ASP C 364 -0.86 -12.67 19.13
N GLN C 365 -1.90 -11.85 19.30
CA GLN C 365 -1.78 -10.43 19.53
C GLN C 365 -2.52 -10.09 20.79
N ILE C 366 -1.97 -9.25 21.66
CA ILE C 366 -2.58 -9.02 22.97
C ILE C 366 -3.30 -7.68 22.91
N VAL C 367 -2.77 -6.68 22.25
CA VAL C 367 -3.34 -5.33 22.33
C VAL C 367 -3.19 -4.61 20.98
N GLU C 368 -4.22 -3.96 20.45
CA GLU C 368 -4.09 -3.49 19.07
C GLU C 368 -3.51 -2.06 19.12
N ARG C 369 -4.02 -1.24 20.04
CA ARG C 369 -3.57 0.16 20.05
C ARG C 369 -3.73 0.69 21.49
N TYR C 370 -2.59 0.77 22.15
CA TYR C 370 -2.69 1.22 23.54
C TYR C 370 -1.61 2.28 23.74
N TYR C 371 -1.93 3.29 24.55
CA TYR C 371 -0.94 4.39 24.61
C TYR C 371 0.17 3.96 25.53
N LEU C 372 1.42 3.97 25.03
CA LEU C 372 2.49 3.64 26.00
C LEU C 372 3.65 4.60 25.80
N PRO C 373 4.40 4.78 26.88
CA PRO C 373 5.73 5.39 26.82
C PRO C 373 6.55 4.51 25.90
N GLU C 374 7.62 5.05 25.37
CA GLU C 374 8.54 4.24 24.57
C GLU C 374 9.19 3.20 25.49
N MET C 375 9.06 1.94 25.09
CA MET C 375 9.60 0.87 25.92
C MET C 375 10.93 0.35 25.39
N GLN C 376 11.63 -0.36 26.26
CA GLN C 376 12.87 -1.00 25.84
C GLN C 376 12.86 -2.51 26.04
N VAL C 377 13.49 -3.21 25.09
CA VAL C 377 13.74 -4.64 25.35
C VAL C 377 14.30 -4.78 26.75
N GLY C 378 13.79 -5.75 27.51
CA GLY C 378 14.32 -6.02 28.84
C GLY C 378 13.41 -5.38 29.87
N GLU C 379 12.51 -4.47 29.48
CA GLU C 379 11.56 -3.93 30.44
C GLU C 379 10.35 -4.82 30.64
N TRP C 380 9.40 -4.46 31.49
CA TRP C 380 8.37 -5.32 32.05
C TRP C 380 7.05 -4.61 31.86
N LEU C 381 6.07 -5.37 31.39
CA LEU C 381 4.70 -4.90 31.34
C LEU C 381 3.94 -5.70 32.40
N LEU C 382 3.08 -5.03 33.14
CA LEU C 382 2.22 -5.66 34.11
C LEU C 382 0.80 -5.67 33.54
N PHE C 383 0.12 -6.80 33.78
CA PHE C 383 -1.27 -6.90 33.43
C PHE C 383 -2.05 -7.13 34.71
N GLU C 384 -2.94 -6.23 35.14
CA GLU C 384 -3.61 -6.63 36.38
C GLU C 384 -4.84 -7.46 36.10
N ASP C 385 -5.48 -7.92 37.17
CA ASP C 385 -6.72 -8.67 37.15
C ASP C 385 -6.58 -9.93 36.30
N MET C 386 -5.58 -10.77 36.54
CA MET C 386 -5.40 -11.89 35.61
C MET C 386 -5.49 -13.21 36.34
N GLY C 387 -6.40 -13.20 37.32
CA GLY C 387 -6.74 -14.35 38.13
C GLY C 387 -7.54 -15.40 37.41
N ALA C 388 -8.48 -14.99 36.56
CA ALA C 388 -9.57 -15.87 36.15
C ALA C 388 -9.48 -16.38 34.74
N TYR C 389 -9.66 -17.67 34.53
CA TYR C 389 -9.62 -18.23 33.19
C TYR C 389 -8.31 -17.85 32.49
N THR C 390 -7.20 -17.93 33.20
CA THR C 390 -5.93 -17.49 32.65
C THR C 390 -4.94 -18.66 32.77
N VAL C 391 -4.35 -18.94 33.94
CA VAL C 391 -3.55 -20.18 33.98
C VAL C 391 -4.29 -21.43 33.51
N VAL C 392 -5.55 -21.60 33.92
CA VAL C 392 -6.33 -22.75 33.51
C VAL C 392 -6.47 -22.91 32.01
N GLY C 393 -6.34 -21.94 31.14
CA GLY C 393 -6.47 -22.29 29.70
C GLY C 393 -5.16 -22.47 28.98
N THR C 394 -3.98 -22.35 29.57
CA THR C 394 -2.76 -22.15 28.83
C THR C 394 -2.35 -23.41 28.06
N SER C 395 -1.58 -23.21 26.99
CA SER C 395 -1.02 -24.32 26.25
C SER C 395 0.47 -24.04 25.99
N SER C 396 1.24 -25.03 25.55
CA SER C 396 2.66 -24.78 25.43
C SER C 396 2.97 -24.86 23.95
N PHE C 397 1.93 -24.44 23.20
CA PHE C 397 2.11 -24.21 21.77
C PHE C 397 3.42 -23.48 21.51
N ASN C 398 4.19 -24.00 20.59
CA ASN C 398 5.39 -23.36 20.08
C ASN C 398 6.58 -23.53 21.00
N GLY C 399 6.51 -24.30 22.10
CA GLY C 399 7.72 -24.48 22.91
C GLY C 399 7.67 -23.61 24.17
N PHE C 400 6.94 -22.48 24.14
CA PHE C 400 6.84 -21.59 25.29
C PHE C 400 6.17 -22.27 26.48
N GLN C 401 6.61 -21.86 27.67
CA GLN C 401 6.28 -22.51 28.94
C GLN C 401 5.57 -21.46 29.77
N SER C 402 4.72 -21.73 30.71
CA SER C 402 3.83 -20.66 31.17
C SER C 402 4.49 -20.05 32.40
N PRO C 403 3.97 -18.90 32.79
CA PRO C 403 4.56 -18.16 33.90
C PRO C 403 4.58 -18.97 35.17
N THR C 404 5.70 -19.16 35.85
CA THR C 404 5.74 -19.47 37.27
C THR C 404 4.83 -18.53 38.06
N ILE C 405 4.18 -19.02 39.10
CA ILE C 405 3.46 -18.15 40.03
C ILE C 405 4.22 -17.86 41.32
N TYR C 406 4.36 -16.60 41.73
CA TYR C 406 4.82 -16.31 43.08
C TYR C 406 3.70 -15.89 44.02
N TYR C 407 3.73 -16.25 45.29
CA TYR C 407 2.62 -15.94 46.19
C TYR C 407 2.96 -14.93 47.28
N VAL C 408 2.03 -14.00 47.48
CA VAL C 408 2.13 -13.07 48.60
C VAL C 408 0.92 -13.14 49.53
N VAL C 409 1.09 -12.88 50.82
CA VAL C 409 -0.01 -12.67 51.73
C VAL C 409 -0.15 -11.21 52.19
N SER C 410 -0.85 -10.35 51.46
CA SER C 410 -1.42 -9.16 52.07
C SER C 410 -1.97 -9.44 53.46
N GLY C 411 -1.17 -9.23 54.50
CA GLY C 411 -1.46 -9.66 55.84
C GLY C 411 -2.75 -9.08 56.44
N ASP D 35 -14.22 -49.69 31.35
CA ASP D 35 -15.03 -48.52 31.01
C ASP D 35 -14.15 -47.34 30.69
N GLU D 36 -14.60 -46.13 30.97
CA GLU D 36 -13.90 -44.90 30.65
C GLU D 36 -13.47 -44.94 29.20
N GLY D 37 -14.40 -44.92 28.25
CA GLY D 37 -14.13 -44.71 26.83
C GLY D 37 -13.50 -43.34 26.57
N ASP D 38 -12.20 -43.28 26.88
CA ASP D 38 -11.38 -42.10 26.70
C ASP D 38 -11.14 -41.86 25.23
N PRO D 39 -10.97 -40.60 24.90
CA PRO D 39 -10.75 -40.22 23.48
C PRO D 39 -9.33 -40.64 23.13
N PHE D 40 -9.00 -40.96 21.91
CA PHE D 40 -7.64 -41.25 21.53
C PHE D 40 -7.45 -40.90 20.05
N PHE D 41 -6.18 -40.68 19.71
CA PHE D 41 -5.82 -40.51 18.31
C PHE D 41 -5.24 -41.82 17.79
N VAL D 42 -5.59 -42.17 16.56
CA VAL D 42 -4.67 -43.07 15.82
C VAL D 42 -3.84 -42.20 14.90
N ALA D 43 -2.53 -42.26 15.02
CA ALA D 43 -1.62 -41.60 14.08
C ALA D 43 -0.95 -42.58 13.11
N ASP D 44 -1.10 -42.29 11.83
CA ASP D 44 -0.50 -43.15 10.79
C ASP D 44 0.83 -42.61 10.28
N LEU D 45 1.91 -43.09 10.93
CA LEU D 45 3.25 -42.63 10.48
C LEU D 45 3.52 -42.87 9.01
N GLY D 46 2.91 -43.86 8.37
CA GLY D 46 3.09 -44.05 6.95
C GLY D 46 2.60 -42.90 6.12
N ASP D 47 1.54 -42.22 6.59
CA ASP D 47 1.02 -41.07 5.91
C ASP D 47 2.10 -39.99 5.80
N ILE D 48 2.86 -39.80 6.87
CA ILE D 48 4.03 -38.94 6.86
C ILE D 48 5.00 -39.40 5.75
N VAL D 49 5.35 -40.68 5.65
CA VAL D 49 6.25 -41.15 4.60
C VAL D 49 5.75 -40.87 3.21
N ARG D 50 4.57 -41.26 2.84
CA ARG D 50 3.89 -40.85 1.61
C ARG D 50 3.99 -39.36 1.36
N LYS D 51 3.74 -38.51 2.33
CA LYS D 51 3.81 -37.07 2.16
C LYS D 51 5.21 -36.61 1.73
N HIS D 52 6.22 -37.16 2.39
CA HIS D 52 7.59 -36.92 2.04
C HIS D 52 7.91 -37.26 0.59
N GLU D 53 7.54 -38.51 0.26
CA GLU D 53 7.67 -38.97 -1.12
C GLU D 53 7.08 -37.95 -2.06
N THR D 54 5.88 -37.43 -1.90
CA THR D 54 5.36 -36.42 -2.82
C THR D 54 6.09 -35.08 -2.84
N TRP D 55 6.52 -34.66 -1.64
CA TRP D 55 7.32 -33.47 -1.55
C TRP D 55 8.52 -33.57 -2.49
N LYS D 56 9.40 -34.54 -2.21
CA LYS D 56 10.49 -34.86 -3.10
C LYS D 56 10.10 -34.89 -4.56
N LYS D 57 8.98 -35.45 -4.97
CA LYS D 57 8.68 -35.55 -6.39
C LYS D 57 8.24 -34.19 -6.91
N CYS D 58 7.51 -33.37 -6.17
CA CYS D 58 6.96 -32.16 -6.74
C CYS D 58 7.84 -30.98 -6.39
N LEU D 59 8.71 -31.09 -5.37
CA LEU D 59 9.57 -29.94 -5.05
C LEU D 59 11.00 -30.39 -4.80
N PRO D 60 11.66 -30.94 -5.82
CA PRO D 60 12.95 -31.57 -5.63
C PRO D 60 14.04 -30.55 -5.40
N ARG D 61 13.91 -29.27 -5.77
CA ARG D 61 14.96 -28.32 -5.44
C ARG D 61 14.88 -27.91 -3.98
N VAL D 62 13.83 -28.28 -3.24
CA VAL D 62 13.51 -27.67 -1.97
C VAL D 62 13.68 -28.56 -0.74
N THR D 63 14.62 -28.27 0.17
CA THR D 63 14.79 -29.08 1.38
C THR D 63 13.88 -28.68 2.54
N PRO D 64 13.00 -29.51 3.04
CA PRO D 64 11.95 -29.09 3.95
C PRO D 64 12.51 -28.98 5.35
N PHE D 65 12.26 -27.87 6.04
CA PHE D 65 12.56 -27.90 7.49
C PHE D 65 11.21 -27.98 8.19
N TYR D 66 10.82 -29.13 8.71
CA TYR D 66 9.48 -29.29 9.26
C TYR D 66 9.22 -28.27 10.38
N ALA D 67 8.08 -27.58 10.35
CA ALA D 67 7.78 -26.65 11.45
C ALA D 67 7.30 -27.43 12.65
N VAL D 68 8.19 -27.71 13.60
CA VAL D 68 7.80 -28.46 14.78
C VAL D 68 6.63 -27.87 15.51
N LYS D 69 6.35 -26.56 15.56
CA LYS D 69 5.18 -26.10 16.31
C LYS D 69 3.90 -26.74 15.83
N CYS D 70 3.93 -27.23 14.58
CA CYS D 70 2.72 -27.82 14.01
C CYS D 70 2.25 -29.00 14.86
N ASN D 71 3.21 -29.81 15.24
CA ASN D 71 2.91 -31.11 15.83
C ASN D 71 4.26 -31.65 16.24
N ASP D 72 4.54 -31.71 17.54
CA ASP D 72 5.86 -32.09 17.99
C ASP D 72 5.87 -33.44 18.71
N ASP D 73 4.88 -34.26 18.35
CA ASP D 73 4.86 -35.65 18.79
C ASP D 73 6.23 -36.27 18.51
N TRP D 74 6.82 -36.92 19.53
CA TRP D 74 8.08 -37.62 19.36
C TRP D 74 8.10 -38.62 18.24
N ARG D 75 7.10 -39.47 18.00
CA ARG D 75 7.14 -40.31 16.81
C ARG D 75 7.11 -39.46 15.53
N VAL D 76 6.33 -38.35 15.47
CA VAL D 76 6.32 -37.66 14.20
C VAL D 76 7.71 -37.05 14.01
N LEU D 77 8.34 -36.56 15.09
CA LEU D 77 9.69 -35.98 14.93
C LEU D 77 10.65 -37.05 14.45
N GLY D 78 10.65 -38.25 14.99
CA GLY D 78 11.64 -39.27 14.70
C GLY D 78 11.43 -39.79 13.29
N THR D 79 10.15 -39.95 12.90
CA THR D 79 9.88 -40.29 11.51
C THR D 79 10.44 -39.27 10.54
N LEU D 80 10.22 -37.99 10.82
CA LEU D 80 10.68 -36.97 9.88
C LEU D 80 12.23 -36.91 9.91
N ALA D 81 12.75 -37.11 11.10
CA ALA D 81 14.21 -37.10 11.22
C ALA D 81 14.79 -38.19 10.35
N ALA D 82 14.27 -39.39 10.49
CA ALA D 82 14.65 -40.54 9.69
C ALA D 82 14.48 -40.32 8.19
N LEU D 83 13.39 -39.68 7.73
CA LEU D 83 13.34 -39.47 6.28
C LEU D 83 14.30 -38.40 5.83
N GLY D 84 15.00 -37.68 6.68
CA GLY D 84 16.08 -36.78 6.33
C GLY D 84 15.59 -35.36 6.16
N THR D 85 14.49 -34.95 6.75
CA THR D 85 13.94 -33.61 6.86
C THR D 85 14.84 -32.71 7.68
N GLY D 86 14.77 -31.40 7.45
CA GLY D 86 15.39 -30.44 8.40
C GLY D 86 14.36 -30.12 9.49
N PHE D 87 14.62 -29.35 10.53
CA PHE D 87 13.57 -28.91 11.48
C PHE D 87 13.53 -27.42 11.63
N ASP D 88 12.37 -26.80 11.60
CA ASP D 88 12.23 -25.37 11.83
C ASP D 88 11.78 -25.24 13.26
N CYS D 89 12.53 -24.68 14.15
CA CYS D 89 12.28 -24.60 15.56
C CYS D 89 12.07 -23.16 16.04
N ALA D 90 11.18 -22.93 17.02
CA ALA D 90 10.82 -21.56 17.33
C ALA D 90 11.15 -21.15 18.77
N SER D 91 11.79 -22.03 19.54
CA SER D 91 12.07 -21.68 20.92
C SER D 91 13.16 -22.57 21.47
N ASN D 92 13.64 -22.32 22.67
CA ASN D 92 14.68 -23.23 23.24
C ASN D 92 14.07 -24.60 23.40
N THR D 93 12.84 -24.74 23.91
CA THR D 93 12.16 -25.99 24.00
C THR D 93 12.17 -26.78 22.67
N GLU D 94 11.77 -26.11 21.57
CA GLU D 94 11.76 -26.90 20.33
C GLU D 94 13.18 -27.24 19.93
N ILE D 95 14.14 -26.32 19.99
CA ILE D 95 15.55 -26.69 19.90
C ILE D 95 15.88 -27.87 20.80
N GLN D 96 15.54 -27.94 22.10
CA GLN D 96 15.99 -29.11 22.84
C GLN D 96 15.30 -30.38 22.30
N ARG D 97 13.99 -30.37 22.07
CA ARG D 97 13.31 -31.57 21.64
C ARG D 97 13.91 -32.25 20.41
N VAL D 98 14.11 -31.54 19.29
CA VAL D 98 14.81 -32.11 18.17
C VAL D 98 16.27 -32.39 18.49
N ARG D 99 16.99 -31.60 19.28
CA ARG D 99 18.32 -32.10 19.66
C ARG D 99 18.21 -33.36 20.44
N GLY D 100 17.33 -33.45 21.42
CA GLY D 100 16.88 -34.64 22.06
C GLY D 100 16.75 -35.86 21.20
N ILE D 101 16.46 -35.93 19.91
CA ILE D 101 16.40 -37.16 19.14
C ILE D 101 17.61 -37.29 18.26
N GLY D 102 18.69 -36.60 18.60
CA GLY D 102 19.94 -36.69 17.86
C GLY D 102 19.96 -36.08 16.47
N VAL D 103 19.03 -35.18 16.15
CA VAL D 103 19.26 -34.34 14.98
C VAL D 103 20.32 -33.28 15.23
N PRO D 104 21.44 -33.34 14.52
CA PRO D 104 22.48 -32.35 14.65
C PRO D 104 22.01 -30.94 14.36
N PRO D 105 22.72 -29.93 14.82
CA PRO D 105 22.32 -28.54 14.75
C PRO D 105 22.13 -28.05 13.33
N GLU D 106 23.02 -28.41 12.41
CA GLU D 106 22.90 -27.98 11.04
C GLU D 106 21.55 -28.32 10.44
N LYS D 107 20.75 -29.26 10.93
CA LYS D 107 19.47 -29.57 10.33
C LYS D 107 18.37 -28.74 10.97
N ILE D 108 18.74 -27.70 11.72
CA ILE D 108 17.77 -26.82 12.36
C ILE D 108 17.89 -25.41 11.82
N ILE D 109 16.80 -24.81 11.41
CA ILE D 109 16.72 -23.35 11.24
C ILE D 109 15.93 -22.86 12.44
N TYR D 110 16.39 -21.87 13.18
CA TYR D 110 15.65 -21.27 14.28
C TYR D 110 14.80 -20.17 13.68
N ALA D 111 13.70 -20.48 13.01
CA ALA D 111 13.01 -19.48 12.21
C ALA D 111 12.04 -18.63 13.01
N ASN D 112 12.47 -17.96 14.07
CA ASN D 112 11.55 -17.03 14.73
C ASN D 112 12.15 -15.63 14.70
N PRO D 113 11.52 -14.71 14.02
CA PRO D 113 12.10 -13.39 13.88
C PRO D 113 12.23 -12.75 15.23
N CYS D 114 11.41 -12.89 16.23
CA CYS D 114 11.59 -12.07 17.44
C CYS D 114 11.90 -12.91 18.65
N LYS D 115 13.14 -13.22 18.94
CA LYS D 115 13.59 -14.10 19.95
C LYS D 115 13.89 -13.48 21.30
N GLN D 116 13.53 -14.07 22.44
CA GLN D 116 14.06 -13.66 23.73
C GLN D 116 15.60 -13.77 23.77
N ILE D 117 16.29 -12.77 24.40
CA ILE D 117 17.73 -12.83 24.21
C ILE D 117 18.28 -14.12 24.83
N SER D 118 17.77 -14.63 25.93
CA SER D 118 18.35 -15.87 26.48
C SER D 118 18.07 -17.07 25.58
N HIS D 119 16.97 -17.09 24.82
CA HIS D 119 16.74 -18.14 23.87
C HIS D 119 17.79 -18.06 22.77
N ILE D 120 18.17 -16.83 22.34
CA ILE D 120 19.27 -16.77 21.37
C ILE D 120 20.52 -17.41 21.99
N ARG D 121 20.72 -17.05 23.27
CA ARG D 121 21.92 -17.60 23.92
C ARG D 121 21.92 -19.11 23.80
N TYR D 122 20.80 -19.72 24.13
CA TYR D 122 20.62 -21.16 24.05
C TYR D 122 21.00 -21.69 22.68
N ALA D 123 20.40 -21.14 21.63
CA ALA D 123 20.66 -21.64 20.29
C ALA D 123 22.16 -21.54 20.08
N ARG D 124 22.80 -20.40 20.40
CA ARG D 124 24.25 -20.31 20.21
C ARG D 124 24.87 -21.46 20.96
N ASP D 125 24.57 -21.72 22.21
CA ASP D 125 25.17 -22.87 22.88
C ASP D 125 24.74 -24.23 22.35
N SER D 126 23.76 -24.41 21.45
CA SER D 126 23.43 -25.73 21.00
C SER D 126 23.96 -26.01 19.59
N GLY D 127 24.71 -25.07 19.02
CA GLY D 127 25.14 -25.22 17.66
C GLY D 127 24.18 -24.63 16.65
N VAL D 128 23.05 -24.08 17.04
CA VAL D 128 22.10 -23.56 16.07
C VAL D 128 22.56 -22.20 15.63
N ASP D 129 22.96 -22.02 14.38
CA ASP D 129 23.44 -20.75 13.86
C ASP D 129 22.64 -20.05 12.79
N VAL D 130 21.62 -20.67 12.19
CA VAL D 130 20.81 -19.95 11.20
C VAL D 130 19.56 -19.43 11.88
N MET D 131 19.37 -18.15 12.05
CA MET D 131 18.14 -17.62 12.62
C MET D 131 17.50 -16.73 11.55
N THR D 132 16.24 -16.32 11.77
CA THR D 132 15.76 -15.23 10.91
C THR D 132 15.57 -13.95 11.70
N PHE D 133 15.09 -12.93 11.00
CA PHE D 133 14.89 -11.61 11.60
C PHE D 133 14.17 -10.73 10.61
N ASP D 134 13.55 -9.63 11.02
CA ASP D 134 12.76 -8.88 10.05
C ASP D 134 12.91 -7.42 10.34
N CYS D 135 13.88 -7.06 11.18
CA CYS D 135 14.00 -5.66 11.62
C CYS D 135 15.34 -5.43 12.30
N VAL D 136 15.69 -4.20 12.68
CA VAL D 136 17.14 -3.95 12.93
C VAL D 136 17.37 -4.11 14.43
N ASP D 137 16.28 -3.78 15.14
CA ASP D 137 16.34 -4.02 16.60
C ASP D 137 16.84 -5.42 16.90
N GLU D 138 16.45 -6.47 16.15
CA GLU D 138 16.77 -7.86 16.50
C GLU D 138 18.27 -8.08 16.29
N LEU D 139 18.73 -7.40 15.23
CA LEU D 139 20.10 -7.48 14.75
C LEU D 139 20.97 -6.97 15.87
N GLU D 140 20.57 -5.90 16.51
CA GLU D 140 21.31 -5.36 17.67
C GLU D 140 21.42 -6.39 18.77
N LYS D 141 20.32 -7.09 19.07
CA LYS D 141 20.35 -8.25 19.97
C LYS D 141 21.35 -9.31 19.48
N VAL D 142 21.31 -9.55 18.14
CA VAL D 142 22.10 -10.67 17.67
C VAL D 142 23.60 -10.38 17.70
N ALA D 143 23.93 -9.16 17.29
CA ALA D 143 25.28 -8.61 17.48
C ALA D 143 25.74 -8.81 18.92
N LYS D 144 24.90 -8.51 19.92
CA LYS D 144 25.37 -8.63 21.29
C LYS D 144 25.37 -10.07 21.78
N THR D 145 24.68 -11.03 21.14
CA THR D 145 24.49 -12.34 21.79
C THR D 145 24.95 -13.55 21.01
N HIS D 146 24.98 -13.43 19.68
CA HIS D 146 25.29 -14.55 18.80
C HIS D 146 25.91 -14.01 17.50
N PRO D 147 27.06 -13.35 17.69
CA PRO D 147 27.62 -12.49 16.66
C PRO D 147 28.06 -13.21 15.42
N LYS D 148 28.27 -14.51 15.34
CA LYS D 148 28.63 -15.10 14.06
C LYS D 148 27.44 -15.88 13.47
N ALA D 149 26.23 -15.69 13.93
CA ALA D 149 25.03 -16.31 13.45
C ALA D 149 24.74 -16.11 11.97
N LYS D 150 24.22 -17.15 11.26
CA LYS D 150 23.85 -16.90 9.87
C LYS D 150 22.44 -16.36 9.81
N MET D 151 22.25 -15.08 9.52
CA MET D 151 20.93 -14.49 9.65
C MET D 151 20.15 -14.48 8.35
N VAL D 152 18.91 -14.97 8.26
CA VAL D 152 18.10 -14.99 7.08
C VAL D 152 17.06 -13.89 7.20
N LEU D 153 16.80 -13.02 6.26
CA LEU D 153 15.96 -11.85 6.39
C LEU D 153 14.58 -12.19 5.87
N ARG D 154 13.56 -12.06 6.69
CA ARG D 154 12.20 -12.52 6.27
C ARG D 154 11.39 -11.31 5.76
N ILE D 155 10.75 -11.43 4.60
CA ILE D 155 10.10 -10.24 4.07
C ILE D 155 8.58 -10.37 4.12
N SER D 156 7.84 -9.27 4.34
CA SER D 156 6.37 -9.44 4.36
C SER D 156 5.84 -9.94 3.02
N THR D 157 4.64 -10.42 2.93
CA THR D 157 4.19 -11.28 1.84
C THR D 157 2.79 -11.03 1.30
N LEU D 166 0.06 -12.60 5.14
CA LEU D 166 0.80 -13.24 6.22
C LEU D 166 0.66 -12.43 7.51
N SER D 167 1.30 -11.26 7.56
CA SER D 167 1.27 -10.48 8.77
C SER D 167 1.74 -9.03 8.75
N VAL D 168 0.93 -8.28 9.52
CA VAL D 168 1.39 -7.15 10.31
C VAL D 168 2.36 -7.65 11.36
N LYS D 169 2.23 -8.84 11.92
CA LYS D 169 3.10 -9.30 12.98
C LYS D 169 4.53 -9.50 12.47
N PHE D 170 4.73 -10.15 11.32
CA PHE D 170 6.09 -10.53 10.90
C PHE D 170 6.47 -10.13 9.49
N GLY D 171 7.76 -9.92 9.20
CA GLY D 171 8.13 -9.74 7.79
C GLY D 171 8.54 -8.31 7.48
N ALA D 172 9.74 -8.01 7.03
CA ALA D 172 10.14 -6.68 6.62
C ALA D 172 9.44 -6.31 5.33
N LYS D 173 8.84 -5.15 5.21
CA LYS D 173 8.43 -4.64 3.89
C LYS D 173 9.58 -4.52 2.93
N VAL D 174 9.41 -4.63 1.60
CA VAL D 174 10.63 -4.67 0.76
C VAL D 174 11.19 -3.25 0.61
N GLU D 175 10.40 -2.19 0.70
CA GLU D 175 10.83 -0.83 0.92
C GLU D 175 11.89 -0.67 2.02
N ASP D 176 11.88 -1.44 3.11
CA ASP D 176 12.77 -1.18 4.23
C ASP D 176 14.04 -2.06 4.20
N CYS D 177 14.09 -2.95 3.18
CA CYS D 177 15.22 -3.90 3.26
C CYS D 177 16.56 -3.24 3.07
N ARG D 178 16.68 -2.28 2.15
CA ARG D 178 18.00 -1.60 1.97
C ARG D 178 18.44 -0.98 3.28
N PHE D 179 17.54 -0.30 3.98
CA PHE D 179 18.03 0.35 5.24
C PHE D 179 18.41 -0.72 6.26
N ILE D 180 17.51 -1.72 6.39
CA ILE D 180 17.77 -2.88 7.23
C ILE D 180 19.13 -3.48 6.91
N LEU D 181 19.44 -3.70 5.65
CA LEU D 181 20.71 -4.31 5.28
C LEU D 181 21.93 -3.42 5.50
N GLU D 182 21.79 -2.10 5.30
CA GLU D 182 22.86 -1.18 5.71
C GLU D 182 23.12 -1.21 7.23
N GLN D 183 22.03 -1.07 7.99
CA GLN D 183 22.13 -1.37 9.42
C GLN D 183 22.78 -2.71 9.76
N ALA D 184 22.45 -3.74 8.97
CA ALA D 184 23.04 -5.05 9.28
C ALA D 184 24.56 -4.99 9.17
N LYS D 185 25.00 -4.30 8.12
CA LYS D 185 26.42 -4.12 7.81
C LYS D 185 27.16 -3.35 8.91
N LYS D 186 26.56 -2.28 9.46
CA LYS D 186 27.23 -1.58 10.57
C LYS D 186 27.32 -2.55 11.76
N LEU D 187 26.32 -3.43 11.98
CA LEU D 187 26.40 -4.40 13.04
C LEU D 187 27.25 -5.58 12.65
N ASN D 188 27.76 -5.69 11.44
CA ASN D 188 28.64 -6.77 11.02
C ASN D 188 27.99 -8.16 10.98
N ILE D 189 26.69 -8.16 10.73
CA ILE D 189 25.84 -9.33 10.75
C ILE D 189 26.17 -10.17 9.53
N ASP D 190 26.20 -11.48 9.67
CA ASP D 190 26.34 -12.29 8.45
C ASP D 190 24.97 -12.66 7.90
N VAL D 191 24.29 -11.75 7.20
CA VAL D 191 23.04 -12.05 6.52
C VAL D 191 23.16 -13.05 5.39
N THR D 192 22.58 -14.25 5.42
CA THR D 192 22.87 -15.21 4.37
C THR D 192 21.71 -15.62 3.47
N GLY D 193 20.58 -14.93 3.52
CA GLY D 193 19.46 -15.29 2.70
C GLY D 193 18.16 -14.58 3.04
N VAL D 194 17.09 -14.99 2.39
CA VAL D 194 15.78 -14.34 2.43
C VAL D 194 14.74 -15.42 2.63
N SER D 195 13.66 -15.09 3.25
CA SER D 195 12.59 -16.07 3.50
C SER D 195 11.29 -15.26 3.60
N PHE D 196 10.19 -15.94 3.33
CA PHE D 196 8.90 -15.28 3.50
C PHE D 196 8.01 -16.41 3.94
N HIS D 197 6.72 -16.17 4.06
CA HIS D 197 5.77 -17.13 4.60
C HIS D 197 4.46 -16.56 4.13
N VAL D 198 3.98 -17.01 2.99
CA VAL D 198 2.65 -16.81 2.47
C VAL D 198 1.50 -17.06 3.43
N GLY D 199 1.62 -18.00 4.38
CA GLY D 199 0.52 -18.15 5.29
C GLY D 199 -0.38 -19.30 4.89
N SER D 200 -1.19 -19.79 5.81
CA SER D 200 -1.59 -21.20 5.79
C SER D 200 -2.87 -21.45 5.01
N GLY D 201 -3.35 -20.60 4.14
CA GLY D 201 -4.57 -20.88 3.40
C GLY D 201 -4.80 -20.14 2.09
N SER D 202 -3.72 -19.87 1.34
CA SER D 202 -3.87 -19.06 0.13
C SER D 202 -4.94 -19.63 -0.78
N THR D 203 -5.63 -18.79 -1.55
CA THR D 203 -6.58 -19.31 -2.53
C THR D 203 -5.99 -19.23 -3.94
N ASP D 204 -4.97 -18.39 -4.10
CA ASP D 204 -4.23 -18.38 -5.34
C ASP D 204 -2.75 -18.68 -5.10
N ALA D 205 -2.16 -19.53 -5.95
CA ALA D 205 -0.75 -19.88 -5.80
C ALA D 205 0.17 -18.72 -6.11
N SER D 206 -0.33 -17.71 -6.80
CA SER D 206 0.43 -16.58 -7.28
C SER D 206 1.25 -15.91 -6.19
N THR D 207 0.70 -15.85 -4.99
CA THR D 207 1.45 -15.30 -3.85
C THR D 207 2.84 -15.86 -3.68
N PHE D 208 3.00 -17.16 -3.74
CA PHE D 208 4.33 -17.75 -3.79
C PHE D 208 5.13 -17.07 -4.89
N ALA D 209 4.65 -17.03 -6.11
CA ALA D 209 5.43 -16.47 -7.21
C ALA D 209 5.73 -15.00 -6.95
N GLN D 210 4.78 -14.25 -6.41
CA GLN D 210 5.02 -12.86 -6.03
C GLN D 210 6.13 -12.79 -4.97
N ALA D 211 6.04 -13.72 -4.00
CA ALA D 211 7.00 -13.67 -2.91
C ALA D 211 8.42 -13.94 -3.41
N ILE D 212 8.49 -14.86 -4.39
CA ILE D 212 9.77 -15.36 -4.84
C ILE D 212 10.48 -14.26 -5.61
N SER D 213 9.63 -13.56 -6.37
CA SER D 213 10.13 -12.39 -7.14
C SER D 213 10.71 -11.40 -6.14
N ASP D 214 9.88 -11.07 -5.16
CA ASP D 214 10.33 -10.09 -4.14
C ASP D 214 11.61 -10.57 -3.50
N SER D 215 11.70 -11.88 -3.20
CA SER D 215 12.92 -12.41 -2.62
C SER D 215 14.12 -12.19 -3.51
N ARG D 216 14.00 -12.37 -4.82
CA ARG D 216 15.08 -11.96 -5.72
C ARG D 216 15.53 -10.52 -5.47
N PHE D 217 14.60 -9.58 -5.32
CA PHE D 217 15.03 -8.18 -5.18
C PHE D 217 15.96 -8.00 -4.00
N VAL D 218 15.54 -8.43 -2.81
CA VAL D 218 16.26 -8.29 -1.56
C VAL D 218 17.46 -9.20 -1.60
N PHE D 219 17.38 -10.35 -2.25
CA PHE D 219 18.59 -11.17 -2.44
C PHE D 219 19.64 -10.33 -3.13
N ASP D 220 19.29 -9.69 -4.25
CA ASP D 220 20.17 -8.82 -4.99
C ASP D 220 20.66 -7.66 -4.13
N MET D 221 19.84 -6.98 -3.35
CA MET D 221 20.45 -5.95 -2.52
C MET D 221 21.45 -6.65 -1.61
N GLY D 222 21.12 -7.82 -1.11
CA GLY D 222 22.03 -8.58 -0.27
C GLY D 222 23.42 -8.54 -0.87
N THR D 223 23.49 -9.12 -2.07
CA THR D 223 24.77 -9.24 -2.76
C THR D 223 25.43 -7.89 -3.03
N GLU D 224 24.68 -6.91 -3.52
CA GLU D 224 25.18 -5.60 -3.86
C GLU D 224 25.91 -5.07 -2.64
N LEU D 225 25.33 -5.16 -1.44
CA LEU D 225 25.99 -4.63 -0.28
C LEU D 225 27.05 -5.52 0.34
N GLY D 226 27.41 -6.64 -0.25
CA GLY D 226 28.61 -7.33 0.18
C GLY D 226 28.30 -8.57 0.96
N PHE D 227 27.00 -8.87 1.13
CA PHE D 227 26.64 -9.97 2.03
C PHE D 227 26.69 -11.27 1.26
N ASN D 228 27.07 -12.36 1.88
CA ASN D 228 27.01 -13.66 1.18
C ASN D 228 25.63 -14.33 1.30
N MET D 229 24.75 -13.93 0.35
CA MET D 229 23.39 -14.44 0.25
C MET D 229 23.39 -15.76 -0.50
N HIS D 230 23.09 -16.87 0.14
CA HIS D 230 22.94 -18.10 -0.63
C HIS D 230 21.82 -19.00 -0.15
N ILE D 231 20.87 -18.52 0.66
CA ILE D 231 19.74 -19.33 1.06
C ILE D 231 18.40 -18.65 0.77
N LEU D 232 17.52 -19.39 0.10
CA LEU D 232 16.17 -18.83 -0.10
C LEU D 232 15.25 -19.78 0.69
N ASP D 233 14.53 -19.20 1.67
CA ASP D 233 13.61 -20.06 2.42
C ASP D 233 12.17 -19.73 1.99
N ILE D 234 11.45 -20.59 1.26
CA ILE D 234 10.10 -20.19 0.85
C ILE D 234 9.00 -20.50 1.88
N GLY D 235 9.25 -20.56 3.20
CA GLY D 235 8.22 -20.72 4.19
C GLY D 235 7.33 -21.94 4.13
N GLY D 236 6.15 -21.82 4.75
CA GLY D 236 5.21 -22.89 4.96
C GLY D 236 3.88 -22.56 4.27
N GLY D 237 2.73 -23.12 4.65
CA GLY D 237 1.47 -22.82 4.02
C GLY D 237 0.89 -23.85 3.08
N PHE D 238 1.59 -24.96 2.82
CA PHE D 238 1.03 -25.88 1.80
C PHE D 238 -0.13 -26.64 2.39
N PRO D 239 -0.98 -27.25 1.57
CA PRO D 239 -2.12 -28.01 2.11
C PRO D 239 -1.67 -29.34 2.66
N GLY D 240 -2.29 -29.82 3.73
CA GLY D 240 -1.91 -31.10 4.35
C GLY D 240 -2.95 -32.19 4.17
N THR D 241 -4.03 -31.78 3.52
CA THR D 241 -5.06 -32.75 3.12
C THR D 241 -5.08 -32.78 1.61
N ARG D 242 -4.84 -33.91 0.96
CA ARG D 242 -4.68 -34.08 -0.45
C ARG D 242 -5.93 -33.87 -1.31
N ASP D 243 -6.96 -33.25 -0.78
CA ASP D 243 -8.21 -32.87 -1.38
C ASP D 243 -8.62 -31.50 -0.86
N ALA D 244 -7.63 -30.62 -0.68
CA ALA D 244 -7.99 -29.21 -0.44
C ALA D 244 -8.38 -28.61 -1.77
N PRO D 245 -8.93 -27.40 -1.75
CA PRO D 245 -9.38 -26.72 -2.96
C PRO D 245 -8.21 -26.39 -3.91
N LEU D 246 -7.19 -25.77 -3.36
CA LEU D 246 -5.94 -25.49 -4.04
C LEU D 246 -4.94 -26.59 -3.70
N LYS D 247 -4.73 -27.53 -4.58
CA LYS D 247 -3.90 -28.70 -4.30
C LYS D 247 -2.42 -28.38 -4.20
N PHE D 248 -1.68 -29.05 -3.33
CA PHE D 248 -0.22 -29.06 -3.34
C PHE D 248 0.45 -28.94 -4.72
N GLU D 249 0.06 -29.78 -5.67
CA GLU D 249 0.64 -29.84 -6.99
C GLU D 249 0.48 -28.54 -7.75
N GLU D 250 -0.63 -27.80 -7.70
CA GLU D 250 -0.57 -26.50 -8.40
C GLU D 250 0.56 -25.67 -7.76
N ILE D 251 0.48 -25.57 -6.43
CA ILE D 251 1.47 -24.77 -5.71
C ILE D 251 2.89 -25.16 -6.06
N ALA D 252 3.22 -26.46 -6.06
CA ALA D 252 4.55 -26.87 -6.48
C ALA D 252 4.79 -26.38 -7.91
N GLY D 253 3.79 -26.36 -8.77
CA GLY D 253 4.05 -25.89 -10.12
C GLY D 253 4.38 -24.41 -10.17
N VAL D 254 3.63 -23.59 -9.44
CA VAL D 254 3.90 -22.15 -9.48
C VAL D 254 5.21 -21.89 -8.81
N ILE D 255 5.46 -22.53 -7.68
CA ILE D 255 6.79 -22.32 -7.07
C ILE D 255 7.85 -22.69 -8.09
N ASN D 256 7.82 -23.87 -8.71
CA ASN D 256 8.95 -24.22 -9.58
C ASN D 256 9.11 -23.28 -10.77
N ASN D 257 8.02 -22.84 -11.42
CA ASN D 257 8.16 -21.79 -12.42
C ASN D 257 8.79 -20.58 -11.79
N ALA D 258 8.40 -20.08 -10.63
CA ALA D 258 9.04 -18.89 -10.07
C ALA D 258 10.55 -19.08 -9.87
N LEU D 259 10.84 -20.25 -9.27
CA LEU D 259 12.19 -20.64 -8.95
C LEU D 259 13.02 -20.64 -10.22
N GLU D 260 12.58 -21.28 -11.29
CA GLU D 260 13.41 -21.31 -12.48
C GLU D 260 13.62 -19.92 -13.04
N LYS D 261 12.66 -19.02 -12.96
CA LYS D 261 12.81 -17.66 -13.48
C LYS D 261 13.64 -16.74 -12.63
N HIS D 262 13.66 -16.77 -11.33
CA HIS D 262 14.39 -15.80 -10.51
C HIS D 262 15.60 -16.37 -9.78
N PHE D 263 15.64 -17.70 -9.67
CA PHE D 263 16.65 -18.40 -8.88
C PHE D 263 17.06 -19.67 -9.60
N PRO D 264 17.65 -19.54 -10.77
CA PRO D 264 18.31 -20.60 -11.47
C PRO D 264 19.23 -21.43 -10.58
N PRO D 265 19.15 -22.74 -10.76
CA PRO D 265 20.04 -23.65 -10.06
C PRO D 265 21.46 -23.09 -10.03
N ASP D 266 22.12 -23.21 -8.93
CA ASP D 266 23.48 -22.88 -8.67
C ASP D 266 24.06 -23.67 -7.52
N LEU D 267 25.28 -24.19 -7.58
CA LEU D 267 25.91 -24.89 -6.48
C LEU D 267 26.05 -24.00 -5.25
N LYS D 268 26.18 -22.70 -5.34
CA LYS D 268 26.13 -21.85 -4.17
C LYS D 268 24.73 -21.66 -3.59
N LEU D 269 23.61 -21.96 -4.22
CA LEU D 269 22.31 -21.57 -3.70
C LEU D 269 21.59 -22.79 -3.13
N THR D 270 20.97 -22.72 -1.95
CA THR D 270 20.06 -23.72 -1.43
C THR D 270 18.65 -23.16 -1.19
N ILE D 271 17.65 -23.78 -1.80
CA ILE D 271 16.30 -23.44 -1.52
C ILE D 271 15.75 -24.29 -0.37
N VAL D 272 14.94 -23.72 0.51
CA VAL D 272 14.61 -24.44 1.77
C VAL D 272 13.16 -24.12 2.04
N ALA D 273 12.40 -24.88 2.81
CA ALA D 273 11.07 -24.43 3.18
C ALA D 273 10.74 -24.87 4.60
N GLU D 274 9.56 -24.50 5.01
CA GLU D 274 9.18 -24.64 6.42
C GLU D 274 7.79 -25.27 6.54
N PRO D 275 7.56 -26.33 5.74
CA PRO D 275 6.22 -26.90 5.70
C PRO D 275 5.85 -27.40 7.09
N GLY D 276 4.65 -27.08 7.57
CA GLY D 276 4.14 -27.49 8.87
C GLY D 276 3.02 -28.52 8.67
N ARG D 277 1.83 -28.10 8.32
CA ARG D 277 0.68 -28.94 8.10
C ARG D 277 0.81 -29.94 6.98
N TYR D 278 1.57 -29.61 5.93
CA TYR D 278 1.86 -30.45 4.81
C TYR D 278 2.11 -31.87 5.31
N TYR D 279 3.03 -31.96 6.25
CA TYR D 279 3.51 -33.26 6.67
C TYR D 279 2.51 -33.98 7.56
N VAL D 280 1.60 -33.31 8.29
CA VAL D 280 0.94 -34.03 9.39
C VAL D 280 -0.56 -33.89 9.38
N ALA D 281 -1.20 -32.91 8.79
CA ALA D 281 -2.64 -32.75 8.87
C ALA D 281 -3.35 -34.08 8.87
N SER D 282 -3.29 -34.80 7.76
CA SER D 282 -4.14 -35.96 7.55
C SER D 282 -3.55 -37.16 8.21
N ALA D 283 -2.50 -37.17 8.99
CA ALA D 283 -1.95 -38.40 9.53
C ALA D 283 -2.62 -38.89 10.80
N PHE D 284 -3.41 -38.06 11.44
CA PHE D 284 -3.91 -38.27 12.78
C PHE D 284 -5.43 -38.36 12.71
N THR D 285 -6.02 -39.36 13.34
CA THR D 285 -7.48 -39.36 13.33
C THR D 285 -7.97 -39.37 14.77
N LEU D 286 -8.99 -38.58 15.04
CA LEU D 286 -9.41 -38.51 16.43
C LEU D 286 -10.69 -39.31 16.59
N ALA D 287 -10.71 -40.17 17.61
CA ALA D 287 -11.94 -40.86 17.96
C ALA D 287 -12.36 -40.31 19.32
N VAL D 288 -13.59 -39.93 19.48
CA VAL D 288 -14.16 -39.25 20.65
C VAL D 288 -15.43 -39.95 21.04
N ASN D 289 -15.71 -40.29 22.28
CA ASN D 289 -16.85 -41.03 22.75
C ASN D 289 -18.04 -40.13 23.04
N VAL D 290 -19.24 -40.51 22.56
CA VAL D 290 -20.36 -39.59 22.90
C VAL D 290 -20.71 -39.87 24.36
N ILE D 291 -20.39 -38.86 25.21
CA ILE D 291 -20.60 -39.10 26.63
C ILE D 291 -21.99 -38.65 27.03
N ALA D 292 -22.73 -37.97 26.17
CA ALA D 292 -23.97 -37.35 26.65
C ALA D 292 -24.84 -36.89 25.49
N LYS D 293 -26.16 -37.00 25.65
CA LYS D 293 -27.10 -36.92 24.57
C LYS D 293 -28.32 -36.10 24.95
N LYS D 294 -28.72 -35.15 24.12
CA LYS D 294 -29.97 -34.44 24.31
C LYS D 294 -30.82 -34.50 23.03
N VAL D 295 -32.11 -34.71 23.25
CA VAL D 295 -33.07 -34.71 22.16
C VAL D 295 -33.97 -33.49 22.19
N THR D 296 -34.08 -32.70 21.15
CA THR D 296 -35.21 -31.78 21.08
C THR D 296 -36.29 -32.28 20.12
N PRO D 297 -37.51 -32.41 20.65
CA PRO D 297 -38.69 -32.83 19.90
C PRO D 297 -38.78 -32.25 18.50
N ALA D 311 -38.87 -32.31 12.82
CA ALA D 311 -38.25 -31.27 13.63
C ALA D 311 -37.04 -31.80 14.38
N GLN D 312 -37.24 -32.86 15.16
CA GLN D 312 -36.25 -33.73 15.76
C GLN D 312 -34.81 -33.34 15.49
N SER D 313 -34.11 -32.94 16.55
CA SER D 313 -32.70 -32.61 16.53
C SER D 313 -32.04 -33.23 17.76
N PHE D 314 -30.73 -33.41 17.65
CA PHE D 314 -29.97 -34.04 18.73
C PHE D 314 -28.82 -33.18 19.20
N MET D 315 -28.47 -33.24 20.49
CA MET D 315 -27.23 -32.65 20.98
C MET D 315 -26.31 -33.76 21.49
N TYR D 316 -25.13 -33.82 20.93
CA TYR D 316 -24.15 -34.82 21.36
C TYR D 316 -23.00 -34.19 22.11
N TYR D 317 -22.72 -34.69 23.30
CA TYR D 317 -21.61 -34.18 24.08
C TYR D 317 -20.48 -35.20 23.97
N VAL D 318 -19.27 -34.74 23.63
CA VAL D 318 -18.21 -35.71 23.44
C VAL D 318 -17.06 -35.37 24.37
N ASN D 319 -16.06 -36.24 24.44
CA ASN D 319 -15.12 -36.06 25.56
C ASN D 319 -13.76 -35.53 25.14
N ASP D 320 -13.74 -34.70 24.10
CA ASP D 320 -12.69 -33.77 23.76
C ASP D 320 -13.33 -32.53 23.15
N GLY D 321 -12.69 -31.36 23.06
CA GLY D 321 -13.45 -30.20 22.57
C GLY D 321 -12.49 -29.02 22.44
N VAL D 322 -12.97 -27.78 22.34
CA VAL D 322 -12.17 -26.65 21.99
C VAL D 322 -11.10 -26.25 22.99
N TYR D 323 -11.06 -26.74 24.24
CA TYR D 323 -9.93 -26.51 25.10
C TYR D 323 -8.98 -27.66 24.87
N GLY D 324 -9.31 -28.59 23.99
CA GLY D 324 -8.38 -29.74 23.89
C GLY D 324 -7.99 -29.84 22.43
N SER D 325 -8.21 -30.99 21.82
CA SER D 325 -7.84 -31.14 20.42
C SER D 325 -8.51 -30.15 19.53
N PHE D 326 -9.67 -29.59 19.78
CA PHE D 326 -10.39 -28.76 18.83
C PHE D 326 -10.05 -27.28 19.02
N ASN D 327 -8.91 -27.02 19.68
CA ASN D 327 -8.48 -25.62 19.87
C ASN D 327 -8.34 -24.99 18.49
N CYS D 328 -7.87 -25.86 17.57
CA CYS D 328 -7.87 -25.56 16.14
C CYS D 328 -9.13 -24.85 15.70
N ILE D 329 -10.35 -25.14 16.19
CA ILE D 329 -11.47 -24.27 15.80
C ILE D 329 -11.17 -22.84 16.20
N LEU D 330 -10.87 -22.52 17.46
CA LEU D 330 -10.49 -21.13 17.75
C LEU D 330 -9.16 -20.65 17.15
N TYR D 331 -8.00 -21.28 17.34
CA TYR D 331 -6.78 -20.66 16.83
C TYR D 331 -6.40 -20.99 15.38
N ASP D 332 -6.84 -22.06 14.72
CA ASP D 332 -6.46 -22.34 13.35
C ASP D 332 -7.56 -22.21 12.31
N HIS D 333 -8.69 -21.54 12.55
CA HIS D 333 -9.78 -21.56 11.59
C HIS D 333 -10.24 -22.94 11.12
N ALA D 334 -10.10 -24.01 11.90
CA ALA D 334 -10.43 -25.34 11.48
C ALA D 334 -11.93 -25.55 11.28
N VAL D 335 -12.36 -26.27 10.26
CA VAL D 335 -13.73 -26.74 10.31
C VAL D 335 -13.64 -28.27 10.36
N VAL D 336 -14.51 -28.97 11.06
CA VAL D 336 -14.35 -30.37 11.32
C VAL D 336 -15.58 -31.12 10.86
N ARG D 337 -15.44 -32.36 10.41
CA ARG D 337 -16.60 -33.14 10.03
C ARG D 337 -16.67 -34.39 10.89
N PRO D 338 -17.68 -34.50 11.73
CA PRO D 338 -17.92 -35.65 12.54
C PRO D 338 -18.38 -36.85 11.74
N LEU D 339 -17.60 -37.91 11.73
CA LEU D 339 -18.04 -39.19 11.17
C LEU D 339 -18.36 -40.26 12.20
N PRO D 340 -19.56 -40.85 12.16
CA PRO D 340 -19.93 -41.95 13.05
C PRO D 340 -19.09 -43.16 12.71
N GLN D 341 -18.50 -43.89 13.63
CA GLN D 341 -17.66 -45.01 13.25
C GLN D 341 -18.45 -46.26 12.96
N ARG D 342 -19.67 -46.41 13.47
CA ARG D 342 -20.58 -47.45 13.00
C ARG D 342 -20.75 -47.28 11.50
N GLU D 343 -20.71 -48.36 10.74
CA GLU D 343 -20.93 -48.27 9.29
C GLU D 343 -22.37 -47.89 8.98
N PRO D 344 -22.52 -46.99 8.00
CA PRO D 344 -23.81 -46.52 7.54
C PRO D 344 -24.77 -47.65 7.23
N ILE D 345 -25.97 -47.58 7.77
CA ILE D 345 -27.01 -48.60 7.58
C ILE D 345 -28.01 -48.11 6.55
N PRO D 346 -28.31 -48.98 5.59
CA PRO D 346 -29.08 -48.60 4.41
C PRO D 346 -30.39 -47.95 4.82
N ASN D 347 -30.72 -46.82 4.19
CA ASN D 347 -31.94 -46.09 4.46
C ASN D 347 -31.90 -45.14 5.66
N GLU D 348 -30.89 -45.16 6.49
CA GLU D 348 -30.82 -44.51 7.78
C GLU D 348 -31.46 -43.13 7.87
N LYS D 349 -32.15 -42.86 8.97
CA LYS D 349 -32.65 -41.52 9.24
C LYS D 349 -31.50 -40.65 9.79
N LEU D 350 -31.42 -39.44 9.25
CA LEU D 350 -30.41 -38.46 9.60
C LEU D 350 -31.00 -37.15 10.11
N TYR D 351 -30.44 -36.54 11.17
CA TYR D 351 -31.11 -35.38 11.77
C TYR D 351 -30.09 -34.29 12.07
N PRO D 352 -30.45 -33.03 11.98
CA PRO D 352 -29.52 -31.95 12.32
C PRO D 352 -28.94 -32.15 13.70
N SER D 353 -27.62 -32.06 13.87
CA SER D 353 -27.07 -32.30 15.22
C SER D 353 -25.98 -31.29 15.56
N SER D 354 -25.89 -30.87 16.81
CA SER D 354 -24.66 -30.23 17.27
C SER D 354 -23.82 -31.24 18.05
N VAL D 355 -22.48 -31.12 17.96
CA VAL D 355 -21.69 -31.87 18.95
C VAL D 355 -20.85 -30.91 19.79
N TRP D 356 -20.84 -31.15 21.10
CA TRP D 356 -20.32 -30.26 22.10
C TRP D 356 -19.15 -30.87 22.88
N GLY D 357 -18.17 -30.13 23.33
CA GLY D 357 -17.02 -30.76 23.99
C GLY D 357 -17.31 -30.90 25.46
N PRO D 358 -16.46 -31.47 26.29
CA PRO D 358 -16.85 -31.91 27.62
C PRO D 358 -16.98 -30.80 28.64
N THR D 359 -16.28 -29.73 28.37
CA THR D 359 -16.12 -28.59 29.29
C THR D 359 -17.41 -27.88 29.64
N CYS D 360 -17.41 -27.11 30.71
CA CYS D 360 -18.58 -26.49 31.27
C CYS D 360 -18.92 -25.16 30.60
N ASP D 361 -18.24 -24.83 29.53
CA ASP D 361 -18.36 -23.58 28.83
C ASP D 361 -19.31 -23.67 27.67
N GLY D 362 -20.22 -22.71 27.51
CA GLY D 362 -21.16 -22.71 26.41
C GLY D 362 -20.44 -22.44 25.11
N LEU D 363 -19.25 -21.83 25.11
CA LEU D 363 -18.56 -21.59 23.85
C LEU D 363 -17.81 -22.81 23.37
N ASP D 364 -17.68 -23.82 24.21
CA ASP D 364 -17.02 -25.07 23.86
C ASP D 364 -17.96 -25.92 23.01
N GLN D 365 -18.07 -25.56 21.75
CA GLN D 365 -18.94 -26.20 20.78
C GLN D 365 -18.10 -26.60 19.57
N ILE D 366 -18.28 -27.80 19.02
CA ILE D 366 -17.43 -28.29 17.94
C ILE D 366 -18.22 -28.15 16.65
N VAL D 367 -19.51 -28.43 16.62
CA VAL D 367 -20.27 -28.44 15.35
C VAL D 367 -21.69 -27.87 15.56
N GLU D 368 -22.18 -26.99 14.72
CA GLU D 368 -23.43 -26.31 15.02
C GLU D 368 -24.58 -27.14 14.44
N ARG D 369 -24.42 -27.66 13.23
CA ARG D 369 -25.54 -28.37 12.62
C ARG D 369 -24.96 -29.30 11.56
N TYR D 370 -24.97 -30.58 11.83
CA TYR D 370 -24.37 -31.55 10.96
C TYR D 370 -25.23 -32.78 10.94
N TYR D 371 -25.44 -33.34 9.75
CA TYR D 371 -26.46 -34.38 9.64
C TYR D 371 -25.90 -35.63 10.25
N LEU D 372 -26.51 -36.20 11.29
CA LEU D 372 -26.01 -37.50 11.79
C LEU D 372 -27.20 -38.46 11.95
N PRO D 373 -26.94 -39.73 11.81
CA PRO D 373 -27.76 -40.77 12.35
C PRO D 373 -27.97 -40.51 13.84
N GLU D 374 -29.08 -41.03 14.40
CA GLU D 374 -29.25 -40.97 15.85
C GLU D 374 -28.12 -41.73 16.53
N MET D 375 -27.41 -40.99 17.42
CA MET D 375 -26.33 -41.59 18.16
C MET D 375 -26.68 -42.00 19.57
N GLN D 376 -25.95 -42.93 20.14
CA GLN D 376 -26.13 -43.38 21.49
C GLN D 376 -24.89 -43.10 22.34
N VAL D 377 -25.15 -42.66 23.57
CA VAL D 377 -24.10 -42.62 24.57
C VAL D 377 -23.24 -43.85 24.45
N GLY D 378 -21.96 -43.71 24.35
CA GLY D 378 -21.04 -44.85 24.39
C GLY D 378 -20.54 -45.11 22.99
N GLU D 379 -21.17 -44.55 21.96
CA GLU D 379 -20.66 -44.64 20.60
C GLU D 379 -19.56 -43.62 20.41
N TRP D 380 -18.95 -43.64 19.23
CA TRP D 380 -17.70 -43.01 18.87
C TRP D 380 -17.94 -42.14 17.64
N LEU D 381 -17.42 -40.94 17.69
CA LEU D 381 -17.33 -40.07 16.53
C LEU D 381 -15.87 -39.99 16.11
N LEU D 382 -15.61 -40.05 14.83
CA LEU D 382 -14.30 -39.91 14.25
C LEU D 382 -14.22 -38.53 13.62
N PHE D 383 -13.10 -37.83 13.80
CA PHE D 383 -12.78 -36.62 13.08
C PHE D 383 -11.50 -36.94 12.32
N GLU D 384 -11.55 -36.90 10.99
CA GLU D 384 -10.32 -37.00 10.23
C GLU D 384 -9.59 -35.69 10.06
N ASP D 385 -8.37 -35.83 9.55
CA ASP D 385 -7.44 -34.75 9.29
C ASP D 385 -7.14 -33.94 10.53
N MET D 386 -6.74 -34.54 11.63
CA MET D 386 -6.58 -33.72 12.84
C MET D 386 -5.15 -33.81 13.33
N GLY D 387 -4.19 -33.95 12.41
CA GLY D 387 -2.79 -33.84 12.56
C GLY D 387 -2.26 -32.48 12.95
N ALA D 388 -2.82 -31.35 12.49
CA ALA D 388 -2.09 -30.09 12.54
C ALA D 388 -2.68 -29.10 13.49
N TYR D 389 -1.85 -28.42 14.27
CA TYR D 389 -2.33 -27.43 15.25
C TYR D 389 -3.45 -28.02 16.12
N THR D 390 -3.27 -29.27 16.58
CA THR D 390 -4.32 -29.94 17.33
C THR D 390 -3.71 -30.34 18.67
N VAL D 391 -3.00 -31.45 18.82
CA VAL D 391 -2.33 -31.65 20.11
C VAL D 391 -1.50 -30.47 20.63
N VAL D 392 -0.72 -29.80 19.82
CA VAL D 392 0.04 -28.66 20.22
C VAL D 392 -0.76 -27.55 20.87
N GLY D 393 -2.05 -27.31 20.61
CA GLY D 393 -2.70 -26.18 21.32
C GLY D 393 -3.45 -26.60 22.58
N THR D 394 -3.51 -27.86 22.99
CA THR D 394 -4.45 -28.28 23.98
C THR D 394 -4.17 -27.72 25.36
N SER D 395 -5.23 -27.55 26.16
CA SER D 395 -5.13 -27.23 27.55
C SER D 395 -5.93 -28.20 28.38
N SER D 396 -5.71 -28.18 29.71
CA SER D 396 -6.45 -29.16 30.53
C SER D 396 -7.43 -28.40 31.41
N PHE D 397 -7.87 -27.26 30.82
CA PHE D 397 -9.00 -26.52 31.35
C PHE D 397 -10.06 -27.50 31.78
N ASN D 398 -10.51 -27.30 33.01
CA ASN D 398 -11.70 -27.97 33.52
C ASN D 398 -11.33 -29.34 34.02
N GLY D 399 -10.07 -29.77 34.01
CA GLY D 399 -9.82 -31.11 34.59
C GLY D 399 -9.56 -32.16 33.50
N PHE D 400 -10.25 -31.99 32.36
CA PHE D 400 -10.09 -32.93 31.23
C PHE D 400 -8.65 -33.03 30.76
N GLN D 401 -8.30 -34.23 30.29
CA GLN D 401 -6.92 -34.61 29.96
C GLN D 401 -6.94 -34.94 28.48
N SER D 402 -5.86 -34.83 27.74
CA SER D 402 -6.02 -34.89 26.28
C SER D 402 -5.88 -36.32 25.83
N PRO D 403 -6.29 -36.56 24.59
CA PRO D 403 -6.30 -37.90 24.02
C PRO D 403 -4.94 -38.56 23.99
N THR D 404 -4.68 -39.70 24.58
CA THR D 404 -3.57 -40.55 24.23
C THR D 404 -3.46 -40.69 22.74
N ILE D 405 -2.26 -40.80 22.20
CA ILE D 405 -2.04 -41.11 20.78
C ILE D 405 -1.64 -42.56 20.53
N TYR D 406 -2.29 -43.28 19.65
CA TYR D 406 -1.81 -44.58 19.19
C TYR D 406 -1.18 -44.49 17.80
N TYR D 407 -0.13 -45.27 17.57
CA TYR D 407 0.59 -45.21 16.30
C TYR D 407 0.45 -46.43 15.39
N VAL D 408 0.20 -46.14 14.13
CA VAL D 408 0.25 -47.19 13.11
C VAL D 408 1.32 -46.91 12.06
N VAL D 409 1.89 -47.94 11.47
CA VAL D 409 2.64 -47.84 10.23
C VAL D 409 1.95 -48.48 9.02
N SER D 410 1.09 -47.73 8.31
CA SER D 410 0.83 -48.07 6.91
C SER D 410 2.10 -48.50 6.18
N GLY D 411 2.33 -49.81 6.09
CA GLY D 411 3.57 -50.39 5.62
C GLY D 411 3.96 -50.04 4.19
#